data_4LMX
#
_entry.id   4LMX
#
_cell.length_a   66.073
_cell.length_b   76.741
_cell.length_c   142.593
_cell.angle_alpha   90.00
_cell.angle_beta   92.86
_cell.angle_gamma   90.00
#
_symmetry.space_group_name_H-M   'P 1 21 1'
#
loop_
_entity.id
_entity.type
_entity.pdbx_description
1 polymer 'cryptophyte phycoerythrin (alpha-2 chain)'
2 polymer 'cryptophyte phycoerythrin (beta chain)'
3 polymer 'cryptophyte phycoerythrin (alpha-1 chain)'
4 polymer 'cryptophyte phycoerythrin (alpha-1/alpha-2 chain)'
5 non-polymer PHYCOERYTHROBILIN
6 non-polymer 15,16-DIHYDROBILIVERDIN
7 water water
#
loop_
_entity_poly.entity_id
_entity_poly.type
_entity_poly.pdbx_seq_one_letter_code
_entity_poly.pdbx_strand_id
1 'polypeptide(L)' AMK(LYZ)DSKAPCVEVFDERDGCKAAGTQKASGDDGFCVKVSMKAIKMNAAEATSVTKNYNTKLL A
2 'polypeptide(L)'
;MLDAFSKVITSADGKAAYVGGADLQALKKFVSEGNKRMDSVNAIVSNASCIVSDSVSGMVCENPSLIAPNGGVYTNRKMA
ACLRDAEIILRYVSYSLLSGDSSVLEDRCLNGLKETYASLGVPAAGNARTISIMKATVIGFITNNSQQKKLSTPAGDCSA
LASEVGGYFDKVSSALA
;
B,D,F,H,J,L
3 'polypeptide(L)' AMK(LYZ)DSKAPCVEVFDERDGCKAAGTQKASGDDGFCVKVSMKAIGFNAAEAASVTKNYGIKRFGAKSV C
4 'polypeptide(L)' AMK(LYZ)DSKAPCVEVFDERDGCKAAGTQKASGDDGFCVKVSMKAIKMNAAEATSVTKNYNTKLLGAKSV E,G,I,K
#
# COMPACT_ATOMS: atom_id res chain seq x y z
N ALA A 1 33.89 -7.88 -0.91
CA ALA A 1 32.73 -7.09 -1.28
C ALA A 1 31.58 -7.96 -1.79
N MET A 2 30.35 -7.52 -1.56
CA MET A 2 29.17 -8.17 -2.13
C MET A 2 29.20 -7.90 -3.64
N LYS A 3 29.24 -8.98 -4.44
CA LYS A 3 29.59 -8.89 -5.86
C LYS A 3 28.43 -8.63 -6.83
N ASP A 5 26.24 -10.60 -8.04
CA ASP A 5 26.06 -11.66 -9.02
C ASP A 5 25.09 -12.74 -8.54
N SER A 6 24.45 -12.49 -7.39
CA SER A 6 23.50 -13.42 -6.77
C SER A 6 24.08 -14.78 -6.38
N LYS A 7 25.41 -14.90 -6.36
CA LYS A 7 26.05 -16.19 -6.08
C LYS A 7 26.19 -16.43 -4.58
N ALA A 8 25.76 -17.61 -4.14
CA ALA A 8 25.78 -17.96 -2.72
C ALA A 8 26.28 -19.39 -2.51
N PRO A 9 26.85 -19.68 -1.35
CA PRO A 9 27.27 -21.05 -1.07
C PRO A 9 26.07 -21.97 -0.84
N CYS A 10 25.94 -22.98 -1.70
CA CYS A 10 24.89 -23.99 -1.54
C CYS A 10 25.48 -25.22 -0.87
N VAL A 11 25.00 -25.51 0.34
CA VAL A 11 25.52 -26.62 1.13
C VAL A 11 24.52 -27.77 1.17
N GLU A 12 25.01 -28.99 0.92
CA GLU A 12 24.21 -30.20 1.08
C GLU A 12 24.93 -31.16 2.02
N VAL A 13 24.14 -31.80 2.87
CA VAL A 13 24.67 -32.63 3.94
C VAL A 13 24.08 -34.03 3.74
N PHE A 14 24.94 -35.05 3.82
CA PHE A 14 24.53 -36.44 3.57
C PHE A 14 24.88 -37.34 4.74
N ASP A 15 23.91 -38.17 5.14
CA ASP A 15 24.14 -39.19 6.17
C ASP A 15 23.60 -40.51 5.65
N GLU A 16 24.50 -41.31 5.11
CA GLU A 16 24.13 -42.56 4.42
C GLU A 16 24.58 -43.77 5.23
N ARG A 17 24.59 -43.61 6.56
CA ARG A 17 24.94 -44.71 7.47
C ARG A 17 24.07 -45.95 7.30
N ASP A 18 22.84 -45.75 6.82
CA ASP A 18 21.92 -46.87 6.59
C ASP A 18 22.38 -47.80 5.47
N GLY A 19 23.39 -47.38 4.72
CA GLY A 19 24.01 -48.24 3.75
C GLY A 19 23.39 -48.19 2.37
N CYS A 20 22.37 -47.35 2.19
CA CYS A 20 21.70 -47.25 0.90
C CYS A 20 22.48 -46.34 -0.05
N LYS A 21 22.91 -46.87 -1.18
CA LYS A 21 23.71 -46.10 -2.10
C LYS A 21 23.03 -45.92 -3.46
N ALA A 22 23.19 -44.72 -4.03
CA ALA A 22 22.73 -44.46 -5.39
C ALA A 22 23.95 -44.47 -6.32
N ALA A 23 23.78 -45.06 -7.50
CA ALA A 23 24.89 -45.18 -8.44
C ALA A 23 25.41 -43.81 -8.88
N GLY A 24 26.73 -43.69 -8.97
CA GLY A 24 27.35 -42.46 -9.45
C GLY A 24 27.31 -41.29 -8.48
N THR A 25 27.13 -41.57 -7.20
CA THR A 25 27.12 -40.50 -6.20
C THR A 25 28.37 -40.50 -5.31
N GLN A 26 29.27 -41.46 -5.52
CA GLN A 26 30.50 -41.49 -4.73
C GLN A 26 31.51 -40.51 -5.33
N LYS A 27 31.74 -39.39 -4.65
CA LYS A 27 32.55 -38.32 -5.20
C LYS A 27 33.59 -37.80 -4.21
N ALA A 28 33.56 -38.35 -2.99
CA ALA A 28 34.54 -38.02 -1.97
C ALA A 28 35.17 -39.32 -1.47
N SER A 29 36.12 -39.22 -0.55
CA SER A 29 36.74 -40.43 0.01
C SER A 29 36.16 -40.71 1.38
N GLY A 30 35.70 -41.92 1.62
CA GLY A 30 35.21 -42.30 2.93
C GLY A 30 34.22 -43.44 2.89
N ASP A 31 34.06 -44.13 4.00
CA ASP A 31 33.08 -45.21 4.07
C ASP A 31 32.24 -45.21 5.34
N ASP A 32 32.27 -44.08 6.06
CA ASP A 32 31.51 -43.97 7.31
C ASP A 32 30.11 -43.42 7.10
N GLY A 33 29.77 -43.09 5.85
CA GLY A 33 28.43 -42.63 5.51
C GLY A 33 28.20 -41.12 5.44
N PHE A 34 29.22 -40.33 5.77
CA PHE A 34 29.05 -38.88 5.85
C PHE A 34 29.69 -38.15 4.69
N CYS A 35 29.02 -37.09 4.25
CA CYS A 35 29.57 -36.24 3.21
C CYS A 35 28.92 -34.87 3.26
N VAL A 36 29.71 -33.85 2.92
CA VAL A 36 29.22 -32.50 2.76
C VAL A 36 29.63 -32.02 1.39
N LYS A 37 28.66 -31.44 0.67
CA LYS A 37 28.90 -30.84 -0.64
C LYS A 37 28.70 -29.33 -0.53
N VAL A 38 29.65 -28.57 -1.09
CA VAL A 38 29.51 -27.12 -1.14
C VAL A 38 29.83 -26.63 -2.54
N SER A 39 28.95 -25.82 -3.09
CA SER A 39 29.23 -25.18 -4.36
C SER A 39 28.80 -23.72 -4.31
N MET A 40 29.32 -22.91 -5.23
CA MET A 40 28.87 -21.54 -5.36
C MET A 40 27.94 -21.47 -6.55
N LYS A 41 26.69 -21.05 -6.30
CA LYS A 41 25.69 -21.04 -7.35
C LYS A 41 24.95 -19.73 -7.36
N ALA A 42 24.57 -19.29 -8.55
CA ALA A 42 23.67 -18.15 -8.66
C ALA A 42 22.31 -18.60 -8.18
N ILE A 43 21.75 -17.90 -7.21
CA ILE A 43 20.42 -18.21 -6.72
C ILE A 43 19.43 -17.55 -7.68
N LYS A 44 18.60 -18.39 -8.31
CA LYS A 44 17.71 -17.92 -9.37
C LYS A 44 16.37 -17.45 -8.80
N MET A 45 15.74 -16.52 -9.50
N MET A 45 15.74 -16.53 -9.52
CA MET A 45 14.40 -16.09 -9.10
CA MET A 45 14.40 -16.08 -9.19
C MET A 45 13.40 -17.22 -9.36
C MET A 45 13.40 -17.23 -9.37
N ASN A 46 12.39 -17.31 -8.50
CA ASN A 46 11.40 -18.38 -8.58
C ASN A 46 10.02 -17.76 -8.70
N ALA A 47 9.55 -17.68 -9.94
CA ALA A 47 8.29 -17.03 -10.23
C ALA A 47 7.10 -17.68 -9.53
N ALA A 48 7.13 -19.02 -9.43
CA ALA A 48 6.02 -19.74 -8.83
C ALA A 48 5.89 -19.40 -7.35
N GLU A 49 7.01 -19.37 -6.64
CA GLU A 49 6.99 -19.05 -5.23
C GLU A 49 6.60 -17.60 -5.01
N ALA A 50 7.09 -16.73 -5.88
CA ALA A 50 6.74 -15.30 -5.83
C ALA A 50 5.24 -15.11 -5.99
N THR A 51 4.68 -15.77 -6.98
CA THR A 51 3.24 -15.68 -7.25
C THR A 51 2.44 -16.19 -6.04
N SER A 52 2.90 -17.29 -5.46
CA SER A 52 2.22 -17.86 -4.29
C SER A 52 2.25 -16.96 -3.06
N VAL A 53 3.39 -16.34 -2.78
CA VAL A 53 3.46 -15.43 -1.65
C VAL A 53 2.51 -14.25 -1.87
N THR A 54 2.50 -13.70 -3.07
CA THR A 54 1.60 -12.59 -3.40
C THR A 54 0.16 -12.96 -3.08
N LYS A 55 -0.22 -14.18 -3.44
CA LYS A 55 -1.57 -14.69 -3.20
C LYS A 55 -1.85 -15.06 -1.75
N ASN A 56 -0.88 -15.73 -1.11
CA ASN A 56 -1.14 -16.45 0.14
C ASN A 56 -0.51 -15.89 1.41
N TYR A 57 0.10 -14.71 1.32
CA TYR A 57 0.90 -14.21 2.44
C TYR A 57 0.10 -14.08 3.74
N ASN A 58 -1.21 -13.85 3.62
CA ASN A 58 -2.00 -13.57 4.81
C ASN A 58 -2.46 -14.84 5.54
N THR A 59 -2.03 -16.00 5.05
CA THR A 59 -2.35 -17.28 5.69
C THR A 59 -1.14 -17.77 6.49
N LYS A 60 -1.33 -17.94 7.81
CA LYS A 60 -0.28 -18.56 8.62
C LYS A 60 -0.20 -20.04 8.29
N LEU A 61 0.97 -20.65 8.49
CA LEU A 61 1.11 -22.10 8.34
C LEU A 61 0.11 -22.84 9.21
N LEU A 62 -0.64 -23.74 8.59
CA LEU A 62 -1.65 -24.54 9.28
C LEU A 62 -1.10 -25.88 9.76
N MET B 1 41.75 -31.49 3.23
CA MET B 1 42.33 -30.20 3.53
C MET B 1 41.31 -29.31 4.25
N LEU B 2 41.78 -28.49 5.19
CA LEU B 2 40.90 -27.65 5.98
C LEU B 2 40.31 -26.49 5.20
N ASP B 3 40.83 -26.25 4.00
CA ASP B 3 40.31 -25.18 3.14
C ASP B 3 39.35 -25.72 2.10
N ALA B 4 38.94 -26.98 2.26
CA ALA B 4 38.04 -27.62 1.29
C ALA B 4 36.82 -26.75 1.00
N PHE B 5 36.10 -26.38 2.05
CA PHE B 5 34.90 -25.56 1.92
C PHE B 5 35.25 -24.14 1.46
N SER B 6 36.26 -23.55 2.06
CA SER B 6 36.54 -22.13 1.84
C SER B 6 37.13 -21.84 0.45
N LYS B 7 37.77 -22.84 -0.14
CA LYS B 7 38.30 -22.69 -1.50
C LYS B 7 37.18 -22.51 -2.54
N VAL B 8 36.01 -23.07 -2.24
CA VAL B 8 34.84 -22.99 -3.11
C VAL B 8 34.37 -21.55 -3.25
N ILE B 9 34.48 -20.80 -2.16
CA ILE B 9 34.04 -19.40 -2.14
C ILE B 9 34.82 -18.55 -3.16
N THR B 10 36.11 -18.87 -3.34
CA THR B 10 36.97 -18.04 -4.19
C THR B 10 37.26 -18.66 -5.55
N SER B 11 36.83 -19.89 -5.76
CA SER B 11 37.13 -20.60 -7.00
C SER B 11 36.38 -19.99 -8.19
N ALA B 12 36.91 -20.22 -9.38
CA ALA B 12 36.30 -19.70 -10.60
C ALA B 12 35.87 -20.85 -11.51
N ASP B 13 36.09 -22.08 -11.04
CA ASP B 13 35.89 -23.26 -11.88
C ASP B 13 34.45 -23.75 -11.93
N GLY B 14 33.59 -23.22 -11.07
CA GLY B 14 32.20 -23.62 -11.03
C GLY B 14 32.00 -25.06 -10.59
N LYS B 15 32.97 -25.59 -9.85
CA LYS B 15 32.95 -26.98 -9.42
C LYS B 15 32.58 -27.09 -7.95
N ALA B 16 31.79 -28.09 -7.61
CA ALA B 16 31.45 -28.35 -6.22
C ALA B 16 32.64 -29.01 -5.56
N ALA B 17 32.73 -28.87 -4.24
CA ALA B 17 33.65 -29.68 -3.47
C ALA B 17 32.84 -30.71 -2.68
N TYR B 18 33.36 -31.92 -2.60
CA TYR B 18 32.73 -32.96 -1.81
C TYR B 18 33.73 -33.39 -0.75
N VAL B 19 33.32 -33.36 0.50
CA VAL B 19 34.22 -33.69 1.60
C VAL B 19 33.64 -34.82 2.43
N GLY B 20 34.38 -35.91 2.54
CA GLY B 20 33.92 -37.06 3.31
C GLY B 20 35.06 -37.69 4.07
N GLY B 21 34.80 -38.82 4.71
CA GLY B 21 35.82 -39.58 5.40
C GLY B 21 36.71 -38.76 6.31
N ALA B 22 38.03 -38.95 6.17
CA ALA B 22 39.01 -38.28 7.01
C ALA B 22 39.02 -36.75 6.87
N ASP B 23 38.81 -36.26 5.65
CA ASP B 23 38.75 -34.83 5.41
C ASP B 23 37.57 -34.19 6.14
N LEU B 24 36.42 -34.87 6.12
CA LEU B 24 35.25 -34.37 6.81
C LEU B 24 35.40 -34.51 8.31
N GLN B 25 36.00 -35.61 8.75
CA GLN B 25 36.22 -35.82 10.17
C GLN B 25 37.10 -34.71 10.75
N ALA B 26 38.06 -34.23 9.95
CA ALA B 26 38.95 -33.15 10.38
C ALA B 26 38.23 -31.80 10.43
N LEU B 27 37.39 -31.54 9.44
CA LEU B 27 36.62 -30.30 9.42
C LEU B 27 35.56 -30.24 10.53
N LYS B 28 35.00 -31.39 10.88
CA LYS B 28 34.07 -31.46 11.99
C LYS B 28 34.79 -31.26 13.33
N LYS B 29 36.01 -31.76 13.44
CA LYS B 29 36.79 -31.59 14.67
C LYS B 29 37.28 -30.14 14.80
N PHE B 30 37.47 -29.48 13.67
CA PHE B 30 37.99 -28.12 13.63
C PHE B 30 37.06 -27.10 14.32
N VAL B 31 35.77 -27.43 14.35
CA VAL B 31 34.76 -26.57 14.96
C VAL B 31 34.10 -27.29 16.13
N SER B 32 33.33 -26.57 16.93
CA SER B 32 32.67 -27.19 18.09
C SER B 32 31.44 -28.01 17.70
N GLU B 33 31.12 -29.02 18.50
CA GLU B 33 29.89 -29.82 18.32
C GLU B 33 29.62 -30.21 16.87
N GLY B 34 30.64 -30.80 16.24
CA GLY B 34 30.59 -31.15 14.83
C GLY B 34 29.34 -31.84 14.33
N ASN B 35 28.91 -32.90 15.02
CA ASN B 35 27.72 -33.63 14.59
C ASN B 35 26.41 -32.83 14.68
N LYS B 36 26.14 -32.23 15.84
CA LYS B 36 24.98 -31.36 16.01
C LYS B 36 25.05 -30.20 15.02
N ARG B 37 26.25 -29.74 14.74
CA ARG B 37 26.44 -28.64 13.79
C ARG B 37 26.02 -29.04 12.39
N MET B 38 26.37 -30.27 11.96
CA MET B 38 25.95 -30.75 10.64
C MET B 38 24.43 -30.91 10.57
N ASP B 39 23.84 -31.43 11.65
CA ASP B 39 22.38 -31.52 11.74
C ASP B 39 21.72 -30.14 11.63
N SER B 40 22.35 -29.14 12.25
CA SER B 40 21.82 -27.76 12.21
C SER B 40 21.92 -27.14 10.82
N VAL B 41 23.05 -27.33 10.17
CA VAL B 41 23.21 -26.88 8.79
C VAL B 41 22.17 -27.57 7.90
N ASN B 42 22.02 -28.88 8.08
CA ASN B 42 21.05 -29.66 7.32
C ASN B 42 19.63 -29.14 7.53
N ALA B 43 19.32 -28.75 8.76
CA ALA B 43 18.01 -28.20 9.07
C ALA B 43 17.73 -26.91 8.27
N ILE B 44 18.75 -26.09 8.13
CA ILE B 44 18.60 -24.85 7.37
C ILE B 44 18.42 -25.16 5.90
N VAL B 45 19.34 -25.92 5.32
CA VAL B 45 19.32 -26.10 3.87
C VAL B 45 18.16 -26.95 3.37
N SER B 46 17.80 -27.98 4.13
N SER B 46 17.79 -27.98 4.12
CA SER B 46 16.70 -28.87 3.72
CA SER B 46 16.70 -28.86 3.71
C SER B 46 15.35 -28.17 3.78
C SER B 46 15.35 -28.17 3.76
N ASN B 47 15.27 -27.05 4.49
CA ASN B 47 14.01 -26.31 4.63
C ASN B 47 14.09 -24.90 4.05
N ALA B 48 15.05 -24.65 3.18
CA ALA B 48 15.36 -23.28 2.78
C ALA B 48 14.16 -22.61 2.13
N SER B 49 13.46 -23.34 1.27
CA SER B 49 12.34 -22.76 0.57
C SER B 49 11.24 -22.30 1.51
N CYS B 50 10.87 -23.15 2.47
CA CYS B 50 9.77 -22.83 3.38
C CYS B 50 10.19 -21.74 4.37
N ILE B 51 11.46 -21.77 4.78
CA ILE B 51 11.99 -20.71 5.64
C ILE B 51 11.87 -19.34 4.96
N VAL B 52 12.32 -19.25 3.72
CA VAL B 52 12.29 -18.00 3.00
C VAL B 52 10.85 -17.55 2.74
N SER B 53 10.00 -18.47 2.33
CA SER B 53 8.62 -18.12 1.99
CA SER B 53 8.64 -18.08 1.99
C SER B 53 7.81 -17.66 3.20
N ASP B 54 7.95 -18.37 4.33
CA ASP B 54 7.20 -18.00 5.54
C ASP B 54 7.69 -16.65 6.08
N SER B 55 8.98 -16.37 5.92
CA SER B 55 9.54 -15.13 6.44
C SER B 55 9.13 -13.91 5.63
N VAL B 56 9.24 -14.01 4.32
CA VAL B 56 8.80 -12.92 3.45
C VAL B 56 7.28 -12.74 3.57
N SER B 57 6.55 -13.84 3.65
CA SER B 57 5.10 -13.76 3.83
C SER B 57 4.72 -13.02 5.12
N GLY B 58 5.44 -13.28 6.21
CA GLY B 58 5.17 -12.62 7.49
C GLY B 58 5.52 -11.14 7.46
N MET B 59 6.60 -10.81 6.75
CA MET B 59 6.93 -9.40 6.50
C MET B 59 5.75 -8.68 5.82
N VAL B 60 5.18 -9.31 4.81
CA VAL B 60 4.08 -8.69 4.08
C VAL B 60 2.77 -8.66 4.91
N CYS B 61 2.44 -9.76 5.57
CA CYS B 61 1.16 -9.81 6.27
C CYS B 61 1.12 -8.80 7.43
N GLU B 62 2.26 -8.52 8.04
CA GLU B 62 2.32 -7.51 9.10
C GLU B 62 2.36 -6.10 8.54
N ASN B 63 2.76 -5.97 7.28
CA ASN B 63 2.81 -4.66 6.63
C ASN B 63 2.42 -4.74 5.15
N PRO B 64 1.11 -4.87 4.89
CA PRO B 64 0.62 -5.19 3.53
C PRO B 64 0.83 -4.04 2.52
N SER B 65 1.24 -2.87 2.98
CA SER B 65 1.58 -1.79 2.07
C SER B 65 2.79 -2.15 1.20
N LEU B 66 3.59 -3.10 1.68
CA LEU B 66 4.77 -3.56 0.93
C LEU B 66 4.39 -4.15 -0.42
N ILE B 67 3.14 -4.58 -0.56
CA ILE B 67 2.72 -5.23 -1.79
C ILE B 67 1.70 -4.40 -2.57
N ALA B 68 1.44 -3.18 -2.06
CA ALA B 68 0.62 -2.22 -2.78
C ALA B 68 1.49 -1.45 -3.79
N PRO B 69 0.88 -0.77 -4.78
CA PRO B 69 1.67 0.06 -5.70
C PRO B 69 2.67 0.97 -4.95
N ASN B 70 3.88 1.09 -5.51
CA ASN B 70 5.00 1.80 -4.89
C ASN B 70 5.64 1.02 -3.74
N GLY B 71 5.16 -0.20 -3.50
CA GLY B 71 5.61 -1.01 -2.38
C GLY B 71 6.85 -1.80 -2.70
N GLY B 72 7.60 -2.18 -1.66
CA GLY B 72 8.84 -2.90 -1.82
C GLY B 72 8.77 -4.18 -2.64
N VAL B 73 7.68 -4.94 -2.52
CA VAL B 73 7.52 -6.19 -3.26
C VAL B 73 6.27 -6.22 -4.14
N TYR B 74 5.84 -5.04 -4.57
CA TYR B 74 4.79 -4.93 -5.58
C TYR B 74 5.32 -5.46 -6.92
N THR B 75 4.49 -6.21 -7.66
CA THR B 75 4.82 -6.96 -8.89
C THR B 75 5.60 -8.23 -8.62
N ASN B 76 5.38 -9.23 -9.46
CA ASN B 76 6.04 -10.52 -9.23
C ASN B 76 7.57 -10.38 -9.36
N ARG B 77 8.01 -9.49 -10.25
CA ARG B 77 9.44 -9.27 -10.47
C ARG B 77 10.15 -8.85 -9.18
N LYS B 78 9.55 -7.92 -8.44
CA LYS B 78 10.15 -7.48 -7.18
C LYS B 78 10.01 -8.51 -6.06
N MET B 79 8.83 -9.12 -5.95
CA MET B 79 8.63 -10.21 -4.99
C MET B 79 9.67 -11.32 -5.21
N ALA B 80 9.95 -11.66 -6.47
CA ALA B 80 10.93 -12.71 -6.76
C ALA B 80 12.35 -12.33 -6.34
N ALA B 81 12.72 -11.07 -6.58
CA ALA B 81 14.04 -10.58 -6.20
C ALA B 81 14.19 -10.63 -4.68
N CYS B 82 13.10 -10.33 -3.97
CA CYS B 82 13.15 -10.36 -2.51
C CYS B 82 13.34 -11.78 -1.95
N LEU B 83 12.54 -12.72 -2.46
CA LEU B 83 12.68 -14.11 -2.04
C LEU B 83 14.07 -14.63 -2.38
N ARG B 84 14.60 -14.20 -3.53
CA ARG B 84 15.97 -14.57 -3.90
C ARG B 84 16.97 -14.03 -2.87
N ASP B 85 16.83 -12.77 -2.50
CA ASP B 85 17.75 -12.19 -1.52
C ASP B 85 17.68 -12.87 -0.16
N ALA B 86 16.45 -13.18 0.27
CA ALA B 86 16.26 -13.85 1.54
C ALA B 86 16.96 -15.19 1.51
N GLU B 87 16.84 -15.91 0.40
CA GLU B 87 17.55 -17.18 0.24
C GLU B 87 19.07 -17.01 0.23
N ILE B 88 19.57 -16.03 -0.52
CA ILE B 88 21.01 -15.78 -0.56
C ILE B 88 21.53 -15.57 0.86
N ILE B 89 20.85 -14.70 1.61
CA ILE B 89 21.27 -14.41 2.98
C ILE B 89 21.22 -15.67 3.84
N LEU B 90 20.11 -16.40 3.76
CA LEU B 90 19.96 -17.65 4.50
C LEU B 90 21.09 -18.63 4.19
N ARG B 91 21.47 -18.71 2.92
CA ARG B 91 22.57 -19.59 2.54
C ARG B 91 23.94 -19.16 3.06
N TYR B 92 24.23 -17.86 3.04
CA TYR B 92 25.47 -17.38 3.63
C TYR B 92 25.48 -17.68 5.13
N VAL B 93 24.32 -17.55 5.79
CA VAL B 93 24.22 -17.94 7.20
C VAL B 93 24.48 -19.44 7.39
N SER B 94 23.95 -20.27 6.50
CA SER B 94 24.16 -21.73 6.58
C SER B 94 25.64 -22.06 6.44
N TYR B 95 26.32 -21.32 5.58
CA TYR B 95 27.76 -21.53 5.41
C TYR B 95 28.56 -21.07 6.62
N SER B 96 28.11 -19.99 7.25
CA SER B 96 28.73 -19.52 8.48
C SER B 96 28.65 -20.57 9.57
N LEU B 97 27.49 -21.23 9.65
CA LEU B 97 27.30 -22.29 10.64
C LEU B 97 28.15 -23.52 10.30
N LEU B 98 28.26 -23.85 9.02
CA LEU B 98 29.13 -24.95 8.59
C LEU B 98 30.61 -24.71 8.95
N SER B 99 31.09 -23.52 8.64
CA SER B 99 32.51 -23.19 8.75
C SER B 99 32.93 -22.72 10.15
N GLY B 100 31.95 -22.27 10.94
CA GLY B 100 32.23 -21.86 12.31
C GLY B 100 32.57 -20.40 12.50
N ASP B 101 32.37 -19.60 11.46
CA ASP B 101 32.62 -18.15 11.56
C ASP B 101 31.90 -17.37 10.46
N SER B 102 31.78 -16.06 10.66
CA SER B 102 30.98 -15.21 9.78
C SER B 102 31.81 -14.43 8.76
N SER B 103 33.09 -14.78 8.59
CA SER B 103 33.96 -13.96 7.74
C SER B 103 33.48 -13.85 6.28
N VAL B 104 33.03 -14.98 5.71
CA VAL B 104 32.54 -14.97 4.34
C VAL B 104 31.19 -14.23 4.23
N LEU B 105 30.33 -14.43 5.21
CA LEU B 105 29.06 -13.72 5.26
C LEU B 105 29.31 -12.21 5.24
N GLU B 106 30.23 -11.76 6.08
CA GLU B 106 30.50 -10.32 6.18
C GLU B 106 31.16 -9.76 4.94
N ASP B 107 32.08 -10.52 4.35
CA ASP B 107 32.85 -10.07 3.20
C ASP B 107 32.06 -10.13 1.90
N ARG B 108 31.41 -11.26 1.64
CA ARG B 108 30.79 -11.51 0.32
C ARG B 108 29.29 -11.25 0.24
N CYS B 109 28.63 -11.11 1.39
CA CYS B 109 27.19 -10.90 1.39
C CYS B 109 26.81 -9.53 1.94
N LEU B 110 27.47 -9.14 3.02
CA LEU B 110 27.07 -7.94 3.74
C LEU B 110 27.83 -6.68 3.36
N ASN B 111 29.09 -6.84 2.95
CA ASN B 111 29.95 -5.72 2.57
C ASN B 111 29.42 -4.96 1.35
N GLY B 112 28.73 -3.85 1.59
CA GLY B 112 28.19 -3.04 0.52
C GLY B 112 26.69 -3.21 0.31
N LEU B 113 26.09 -4.12 1.07
CA LEU B 113 24.68 -4.46 0.87
C LEU B 113 23.74 -3.32 1.26
N LYS B 114 24.01 -2.70 2.42
CA LYS B 114 23.17 -1.60 2.89
C LYS B 114 23.12 -0.45 1.86
N GLU B 115 24.28 -0.14 1.27
CA GLU B 115 24.37 0.89 0.24
C GLU B 115 23.50 0.54 -0.97
N THR B 116 23.59 -0.71 -1.40
CA THR B 116 22.79 -1.19 -2.54
C THR B 116 21.30 -1.04 -2.27
N TYR B 117 20.87 -1.49 -1.10
CA TYR B 117 19.46 -1.40 -0.72
C TYR B 117 19.01 0.06 -0.62
N ALA B 118 19.89 0.94 -0.15
CA ALA B 118 19.53 2.36 -0.03
C ALA B 118 19.31 2.97 -1.41
N SER B 119 20.20 2.64 -2.34
CA SER B 119 20.05 3.19 -3.69
C SER B 119 18.81 2.66 -4.39
N LEU B 120 18.40 1.42 -4.06
CA LEU B 120 17.25 0.79 -4.68
C LEU B 120 15.92 1.13 -4.01
N GLY B 121 15.97 1.62 -2.77
CA GLY B 121 14.76 1.86 -2.01
C GLY B 121 14.20 0.58 -1.43
N VAL B 122 15.06 -0.39 -1.15
CA VAL B 122 14.61 -1.61 -0.51
C VAL B 122 14.48 -1.26 0.97
N PRO B 123 13.25 -1.31 1.51
CA PRO B 123 12.96 -0.77 2.86
C PRO B 123 13.60 -1.55 4.00
N ALA B 124 14.31 -0.84 4.88
CA ALA B 124 15.07 -1.47 5.96
C ALA B 124 14.18 -2.14 6.99
N ALA B 125 13.00 -1.57 7.25
CA ALA B 125 12.07 -2.15 8.22
C ALA B 125 11.58 -3.52 7.77
N GLY B 126 11.19 -3.61 6.50
CA GLY B 126 10.80 -4.89 5.93
C GLY B 126 11.92 -5.91 5.97
N ASN B 127 13.12 -5.47 5.61
CA ASN B 127 14.26 -6.37 5.63
C ASN B 127 14.52 -6.88 7.03
N ALA B 128 14.42 -5.98 8.00
CA ALA B 128 14.62 -6.33 9.39
C ALA B 128 13.66 -7.43 9.82
N ARG B 129 12.40 -7.31 9.40
CA ARG B 129 11.39 -8.29 9.79
C ARG B 129 11.60 -9.63 9.10
N THR B 130 11.94 -9.61 7.81
CA THR B 130 12.24 -10.87 7.13
C THR B 130 13.40 -11.59 7.84
N ILE B 131 14.44 -10.84 8.19
CA ILE B 131 15.58 -11.46 8.86
C ILE B 131 15.21 -12.01 10.23
N SER B 132 14.40 -11.28 10.97
CA SER B 132 14.02 -11.72 12.31
C SER B 132 13.15 -12.98 12.27
N ILE B 133 12.32 -13.10 11.23
CA ILE B 133 11.49 -14.28 11.12
C ILE B 133 12.33 -15.48 10.68
N MET B 134 13.26 -15.26 9.75
CA MET B 134 14.16 -16.33 9.34
C MET B 134 14.93 -16.83 10.55
N LYS B 135 15.42 -15.88 11.34
CA LYS B 135 16.16 -16.23 12.56
C LYS B 135 15.29 -17.07 13.50
N ALA B 136 14.07 -16.62 13.73
CA ALA B 136 13.15 -17.31 14.63
C ALA B 136 12.82 -18.70 14.13
N THR B 137 12.69 -18.83 12.82
CA THR B 137 12.32 -20.11 12.22
C THR B 137 13.45 -21.11 12.38
N VAL B 138 14.67 -20.67 12.05
CA VAL B 138 15.83 -21.56 12.17
C VAL B 138 16.03 -21.96 13.63
N ILE B 139 15.93 -21.01 14.54
CA ILE B 139 16.10 -21.33 15.96
C ILE B 139 15.02 -22.32 16.39
N GLY B 140 13.83 -22.14 15.84
CA GLY B 140 12.70 -23.03 16.09
C GLY B 140 13.00 -24.48 15.71
N PHE B 141 13.46 -24.70 14.49
CA PHE B 141 13.88 -26.05 14.07
C PHE B 141 14.93 -26.64 15.02
N ILE B 142 15.98 -25.88 15.27
CA ILE B 142 17.13 -26.37 16.05
C ILE B 142 16.78 -26.66 17.52
N THR B 143 15.77 -25.96 18.04
CA THR B 143 15.40 -26.08 19.44
C THR B 143 14.11 -26.88 19.68
N ASN B 144 13.67 -27.58 18.64
CA ASN B 144 12.46 -28.42 18.71
C ASN B 144 11.18 -27.64 18.99
N ASN B 145 11.13 -26.41 18.50
CA ASN B 145 9.95 -25.58 18.69
C ASN B 145 9.20 -25.38 17.38
N SER B 146 9.47 -26.25 16.42
CA SER B 146 8.72 -26.22 15.16
C SER B 146 7.54 -27.20 15.23
N GLN B 147 6.34 -26.68 14.97
CA GLN B 147 5.12 -27.43 15.24
C GLN B 147 4.67 -28.26 14.04
N GLN B 148 5.03 -27.83 12.83
CA GLN B 148 4.59 -28.54 11.63
C GLN B 148 5.58 -29.62 11.18
N LYS B 149 6.83 -29.50 11.61
CA LYS B 149 7.87 -30.41 11.14
C LYS B 149 9.04 -30.45 12.13
N LYS B 150 9.29 -31.62 12.71
CA LYS B 150 10.41 -31.77 13.64
C LYS B 150 11.59 -32.43 12.95
N LEU B 151 12.79 -32.10 13.40
CA LEU B 151 14.01 -32.68 12.87
C LEU B 151 14.11 -34.15 13.26
N SER B 152 14.71 -34.94 12.38
CA SER B 152 14.92 -36.36 12.63
C SER B 152 16.35 -36.55 13.15
N THR B 153 16.51 -36.31 14.44
CA THR B 153 17.81 -36.33 15.11
C THR B 153 17.66 -37.06 16.44
N PRO B 154 18.77 -37.56 17.00
CA PRO B 154 18.74 -38.03 18.39
C PRO B 154 18.30 -36.88 19.28
N ALA B 155 17.57 -37.17 20.36
CA ALA B 155 17.09 -36.11 21.23
C ALA B 155 18.23 -35.50 22.04
N GLY B 156 18.18 -34.20 22.25
CA GLY B 156 19.20 -33.52 23.04
C GLY B 156 19.08 -32.01 23.00
N ASP B 157 20.17 -31.34 23.37
CA ASP B 157 20.15 -29.90 23.56
C ASP B 157 21.03 -29.19 22.54
N CYS B 158 20.42 -28.38 21.70
CA CYS B 158 21.18 -27.65 20.68
C CYS B 158 21.19 -26.14 20.92
N SER B 159 21.05 -25.73 22.17
CA SER B 159 20.91 -24.31 22.47
C SER B 159 22.16 -23.49 22.14
N ALA B 160 23.35 -24.07 22.31
CA ALA B 160 24.58 -23.34 21.98
C ALA B 160 24.63 -23.02 20.48
N LEU B 161 24.33 -24.01 19.65
CA LEU B 161 24.33 -23.79 18.21
C LEU B 161 23.24 -22.82 17.79
N ALA B 162 22.11 -22.85 18.49
CA ALA B 162 21.04 -21.90 18.21
C ALA B 162 21.50 -20.47 18.49
N SER B 163 22.23 -20.30 19.60
CA SER B 163 22.78 -18.98 19.94
C SER B 163 23.79 -18.52 18.89
N GLU B 164 24.63 -19.45 18.42
CA GLU B 164 25.64 -19.12 17.43
C GLU B 164 25.02 -18.69 16.10
N VAL B 165 24.06 -19.47 15.61
CA VAL B 165 23.39 -19.10 14.36
C VAL B 165 22.59 -17.80 14.54
N GLY B 166 22.05 -17.59 15.74
CA GLY B 166 21.40 -16.34 16.06
C GLY B 166 22.33 -15.14 15.91
N GLY B 167 23.58 -15.33 16.32
CA GLY B 167 24.60 -14.29 16.19
C GLY B 167 24.86 -13.96 14.73
N TYR B 168 24.78 -14.97 13.87
CA TYR B 168 25.03 -14.79 12.46
C TYR B 168 23.91 -13.97 11.84
N PHE B 169 22.67 -14.25 12.22
CA PHE B 169 21.56 -13.44 11.74
C PHE B 169 21.68 -12.00 12.23
N ASP B 170 22.16 -11.84 13.45
CA ASP B 170 22.38 -10.52 14.04
C ASP B 170 23.44 -9.70 13.29
N LYS B 171 24.46 -10.37 12.75
CA LYS B 171 25.44 -9.68 11.89
C LYS B 171 24.73 -9.08 10.67
N VAL B 172 23.80 -9.84 10.12
CA VAL B 172 23.02 -9.37 8.98
C VAL B 172 22.18 -8.17 9.39
N SER B 173 21.43 -8.31 10.47
CA SER B 173 20.56 -7.22 10.93
C SER B 173 21.32 -5.93 11.21
N SER B 174 22.49 -6.04 11.83
CA SER B 174 23.28 -4.87 12.19
C SER B 174 23.88 -4.18 10.97
N ALA B 175 24.33 -4.98 10.00
CA ALA B 175 24.84 -4.44 8.75
C ALA B 175 23.76 -3.69 7.94
N LEU B 176 22.52 -4.15 8.02
CA LEU B 176 21.44 -3.55 7.21
C LEU B 176 20.60 -2.50 7.92
N ALA B 177 20.78 -2.34 9.24
CA ALA B 177 20.06 -1.30 9.97
C ALA B 177 20.68 0.05 9.65
N ALA C 1 3.64 -51.11 -21.68
CA ALA C 1 4.09 -51.75 -20.46
C ALA C 1 4.87 -50.79 -19.56
N MET C 2 4.66 -50.93 -18.26
CA MET C 2 5.43 -50.20 -17.26
C MET C 2 6.85 -50.77 -17.27
N LYS C 3 7.84 -49.90 -17.50
CA LYS C 3 9.20 -50.35 -17.84
C LYS C 3 10.16 -50.50 -16.65
N ASP C 5 11.73 -48.38 -14.94
CA ASP C 5 12.90 -47.51 -15.05
C ASP C 5 12.73 -46.19 -14.31
N SER C 6 11.63 -46.08 -13.57
CA SER C 6 11.32 -44.89 -12.77
C SER C 6 11.05 -43.64 -13.60
N LYS C 7 10.93 -43.78 -14.92
CA LYS C 7 10.77 -42.59 -15.76
C LYS C 7 9.32 -42.14 -15.86
N ALA C 8 9.12 -40.83 -15.74
CA ALA C 8 7.80 -40.23 -15.76
C ALA C 8 7.90 -38.88 -16.48
N PRO C 9 6.79 -38.43 -17.08
CA PRO C 9 6.83 -37.15 -17.78
C PRO C 9 6.86 -35.99 -16.79
N CYS C 10 7.85 -35.12 -16.96
CA CYS C 10 7.98 -33.94 -16.11
C CYS C 10 7.54 -32.71 -16.87
N VAL C 11 6.38 -32.19 -16.49
CA VAL C 11 5.77 -31.07 -17.17
C VAL C 11 6.00 -29.77 -16.40
N GLU C 12 6.40 -28.72 -17.10
CA GLU C 12 6.49 -27.39 -16.50
C GLU C 12 5.68 -26.39 -17.32
N VAL C 13 4.97 -25.52 -16.63
CA VAL C 13 4.04 -24.58 -17.24
C VAL C 13 4.57 -23.16 -16.99
N PHE C 14 4.65 -22.34 -18.04
CA PHE C 14 5.15 -20.96 -17.87
C PHE C 14 4.14 -19.92 -18.34
N ASP C 15 3.92 -18.90 -17.50
CA ASP C 15 3.07 -17.78 -17.85
C ASP C 15 3.83 -16.49 -17.58
N GLU C 16 4.44 -15.96 -18.63
CA GLU C 16 5.31 -14.80 -18.49
C GLU C 16 4.67 -13.56 -19.14
N ARG C 17 3.35 -13.48 -19.06
CA ARG C 17 2.64 -12.32 -19.59
C ARG C 17 3.07 -11.01 -18.96
N ASP C 18 3.63 -11.07 -17.75
CA ASP C 18 4.06 -9.83 -17.08
C ASP C 18 5.29 -9.21 -17.74
N GLY C 19 5.88 -9.92 -18.69
CA GLY C 19 6.98 -9.37 -19.46
C GLY C 19 8.34 -9.50 -18.83
N CYS C 20 8.40 -10.18 -17.69
CA CYS C 20 9.69 -10.41 -17.07
C CYS C 20 10.37 -11.59 -17.78
N LYS C 21 11.52 -11.34 -18.38
CA LYS C 21 12.22 -12.42 -19.06
C LYS C 21 13.60 -12.65 -18.45
N ALA C 22 13.99 -13.92 -18.36
CA ALA C 22 15.34 -14.25 -17.94
C ALA C 22 16.17 -14.58 -19.17
N ALA C 23 17.42 -14.13 -19.18
CA ALA C 23 18.30 -14.35 -20.31
C ALA C 23 18.52 -15.83 -20.54
N GLY C 24 18.50 -16.23 -21.81
CA GLY C 24 18.84 -17.60 -22.19
C GLY C 24 17.73 -18.61 -21.98
N THR C 25 16.51 -18.14 -21.71
CA THR C 25 15.42 -19.07 -21.43
C THR C 25 14.41 -19.17 -22.57
N GLN C 26 14.68 -18.47 -23.67
CA GLN C 26 13.80 -18.56 -24.83
C GLN C 26 14.10 -19.84 -25.60
N LYS C 27 13.18 -20.79 -25.55
CA LYS C 27 13.41 -22.13 -26.07
C LYS C 27 12.43 -22.51 -27.19
N ALA C 28 11.51 -21.60 -27.50
CA ALA C 28 10.56 -21.83 -28.57
C ALA C 28 10.10 -20.51 -29.13
N SER C 29 9.43 -20.54 -30.27
CA SER C 29 8.86 -19.34 -30.86
C SER C 29 7.55 -18.94 -30.18
N GLY C 30 7.33 -17.65 -30.00
CA GLY C 30 6.12 -17.14 -29.40
C GLY C 30 6.39 -15.92 -28.55
N ASP C 31 5.45 -14.98 -28.54
CA ASP C 31 5.61 -13.77 -27.74
C ASP C 31 4.36 -13.42 -26.92
N ASP C 32 3.50 -14.41 -26.70
CA ASP C 32 2.28 -14.20 -25.92
C ASP C 32 2.48 -14.54 -24.44
N GLY C 33 3.68 -15.04 -24.11
CA GLY C 33 4.05 -15.28 -22.73
C GLY C 33 3.87 -16.71 -22.22
N PHE C 34 3.37 -17.59 -23.08
CA PHE C 34 3.03 -18.95 -22.69
C PHE C 34 4.01 -19.99 -23.20
N CYS C 35 4.33 -20.96 -22.36
CA CYS C 35 5.13 -22.08 -22.82
C CYS C 35 4.86 -23.30 -21.96
N VAL C 36 4.98 -24.47 -22.56
CA VAL C 36 4.93 -25.72 -21.81
C VAL C 36 6.14 -26.55 -22.16
N LYS C 37 6.82 -27.06 -21.14
CA LYS C 37 7.99 -27.89 -21.30
C LYS C 37 7.67 -29.28 -20.77
N VAL C 38 8.04 -30.30 -21.54
CA VAL C 38 7.88 -31.67 -21.07
C VAL C 38 9.16 -32.44 -21.35
N SER C 39 9.65 -33.13 -20.32
CA SER C 39 10.76 -34.07 -20.50
C SER C 39 10.40 -35.40 -19.83
N MET C 40 11.15 -36.44 -20.16
CA MET C 40 10.94 -37.74 -19.54
C MET C 40 12.18 -38.05 -18.73
N LYS C 41 12.05 -38.05 -17.41
CA LYS C 41 13.19 -38.25 -16.51
C LYS C 41 12.91 -39.32 -15.48
N ALA C 42 13.96 -40.02 -15.05
CA ALA C 42 13.84 -40.90 -13.89
C ALA C 42 13.57 -40.04 -12.67
N ILE C 43 12.55 -40.44 -11.89
CA ILE C 43 12.24 -39.74 -10.66
C ILE C 43 13.13 -40.33 -9.57
N GLY C 44 13.88 -39.46 -8.90
CA GLY C 44 14.90 -39.92 -7.97
C GLY C 44 14.38 -40.04 -6.55
N PHE C 45 15.04 -40.87 -5.77
CA PHE C 45 14.72 -40.99 -4.35
C PHE C 45 15.09 -39.71 -3.65
N ASN C 46 14.28 -39.32 -2.67
CA ASN C 46 14.57 -38.14 -1.85
C ASN C 46 14.67 -38.56 -0.39
N ALA C 47 15.92 -38.76 0.06
CA ALA C 47 16.18 -39.23 1.42
C ALA C 47 15.64 -38.29 2.50
N ALA C 48 15.76 -37.00 2.27
CA ALA C 48 15.32 -36.01 3.24
C ALA C 48 13.82 -36.05 3.48
N GLU C 49 13.06 -36.12 2.39
CA GLU C 49 11.60 -36.20 2.49
C GLU C 49 11.17 -37.50 3.16
N ALA C 50 11.87 -38.58 2.81
CA ALA C 50 11.57 -39.87 3.41
C ALA C 50 11.80 -39.84 4.92
N ALA C 51 12.92 -39.24 5.32
CA ALA C 51 13.28 -39.18 6.74
C ALA C 51 12.26 -38.34 7.49
N SER C 52 11.79 -37.29 6.84
CA SER C 52 10.81 -36.39 7.44
C SER C 52 9.42 -37.04 7.57
N VAL C 53 8.99 -37.80 6.57
CA VAL C 53 7.70 -38.49 6.66
C VAL C 53 7.71 -39.49 7.82
N THR C 54 8.82 -40.22 7.93
CA THR C 54 8.99 -41.20 8.99
C THR C 54 8.86 -40.55 10.37
N LYS C 55 9.43 -39.35 10.52
CA LYS C 55 9.36 -38.62 11.77
C LYS C 55 8.00 -37.96 12.00
N ASN C 56 7.44 -37.36 10.95
CA ASN C 56 6.37 -36.39 11.09
C ASN C 56 4.99 -36.80 10.57
N TYR C 57 4.84 -38.05 10.15
CA TYR C 57 3.61 -38.50 9.52
C TYR C 57 2.35 -38.22 10.37
N GLY C 58 2.50 -38.20 11.69
CA GLY C 58 1.38 -38.04 12.60
C GLY C 58 0.85 -36.63 12.75
N ILE C 59 1.54 -35.67 12.12
CA ILE C 59 1.14 -34.27 12.17
C ILE C 59 0.25 -33.92 10.99
N LYS C 60 -0.96 -33.46 11.27
CA LYS C 60 -1.84 -32.95 10.21
C LYS C 60 -1.41 -31.55 9.84
N ARG C 61 -1.10 -31.34 8.58
CA ARG C 61 -0.74 -30.01 8.11
C ARG C 61 -1.77 -29.50 7.12
N PHE C 62 -1.64 -28.24 6.75
CA PHE C 62 -2.38 -27.62 5.66
C PHE C 62 -3.88 -27.47 5.89
N GLY C 63 -4.32 -27.64 7.14
CA GLY C 63 -5.73 -27.58 7.45
C GLY C 63 -6.50 -28.71 6.81
N ALA C 64 -5.85 -29.87 6.74
CA ALA C 64 -6.43 -31.05 6.08
C ALA C 64 -7.36 -31.83 7.00
N LYS C 65 -8.22 -32.67 6.41
CA LYS C 65 -9.11 -33.54 7.17
C LYS C 65 -8.35 -34.76 7.70
N SER C 66 -8.82 -35.30 8.81
CA SER C 66 -8.21 -36.49 9.40
C SER C 66 -8.51 -37.73 8.55
N ASP D 3 2.00 -33.97 -31.48
CA ASP D 3 2.95 -35.07 -31.39
C ASP D 3 4.22 -34.64 -30.68
N ALA D 4 4.36 -33.33 -30.48
CA ALA D 4 5.55 -32.77 -29.84
C ALA D 4 5.85 -33.41 -28.50
N PHE D 5 4.82 -33.48 -27.66
CA PHE D 5 4.95 -34.08 -26.33
C PHE D 5 4.99 -35.60 -26.42
N SER D 6 4.15 -36.14 -27.31
CA SER D 6 4.06 -37.58 -27.50
C SER D 6 5.43 -38.20 -27.76
N LYS D 7 6.24 -37.51 -28.55
CA LYS D 7 7.57 -38.05 -28.91
C LYS D 7 8.56 -37.97 -27.74
N VAL D 8 8.29 -37.10 -26.77
CA VAL D 8 9.11 -37.04 -25.58
C VAL D 8 8.97 -38.34 -24.78
N ILE D 9 7.74 -38.85 -24.74
CA ILE D 9 7.44 -40.11 -24.05
C ILE D 9 8.22 -41.28 -24.65
N THR D 10 8.34 -41.30 -25.97
CA THR D 10 8.93 -42.43 -26.68
C THR D 10 10.39 -42.22 -27.08
N SER D 11 10.94 -41.04 -26.82
CA SER D 11 12.32 -40.78 -27.18
C SER D 11 13.28 -41.55 -26.28
N ALA D 12 14.51 -41.72 -26.73
CA ALA D 12 15.50 -42.53 -26.02
C ALA D 12 16.03 -41.82 -24.78
N ASP D 13 16.29 -40.52 -24.90
CA ASP D 13 16.84 -39.72 -23.81
C ASP D 13 15.75 -38.94 -23.04
N GLY D 14 14.57 -38.82 -23.63
CA GLY D 14 13.50 -38.07 -23.00
C GLY D 14 13.82 -36.59 -22.88
N LYS D 15 14.71 -36.11 -23.76
CA LYS D 15 15.14 -34.71 -23.76
C LYS D 15 13.95 -33.76 -23.89
N ALA D 16 14.07 -32.58 -23.26
CA ALA D 16 12.96 -31.65 -23.19
C ALA D 16 12.42 -31.19 -24.55
N ALA D 17 11.10 -31.12 -24.65
CA ALA D 17 10.47 -30.41 -25.75
C ALA D 17 9.79 -29.18 -25.20
N TYR D 18 9.72 -28.13 -26.01
CA TYR D 18 9.06 -26.89 -25.59
C TYR D 18 8.00 -26.56 -26.62
N VAL D 19 6.81 -26.25 -26.14
CA VAL D 19 5.76 -25.82 -27.04
C VAL D 19 5.30 -24.43 -26.64
N GLY D 20 5.35 -23.51 -27.58
CA GLY D 20 4.90 -22.15 -27.30
C GLY D 20 4.19 -21.63 -28.53
N GLY D 21 3.81 -20.36 -28.48
CA GLY D 21 3.30 -19.67 -29.66
C GLY D 21 2.12 -20.37 -30.29
N ALA D 22 2.12 -20.44 -31.62
CA ALA D 22 1.02 -21.02 -32.38
C ALA D 22 0.83 -22.52 -32.10
N ASP D 23 1.93 -23.24 -31.87
CA ASP D 23 1.85 -24.66 -31.57
C ASP D 23 1.07 -24.88 -30.28
N LEU D 24 1.41 -24.11 -29.24
CA LEU D 24 0.73 -24.22 -27.95
C LEU D 24 -0.73 -23.79 -28.08
N GLN D 25 -0.96 -22.75 -28.86
CA GLN D 25 -2.31 -22.26 -29.08
C GLN D 25 -3.17 -23.36 -29.70
N ALA D 26 -2.60 -24.08 -30.66
CA ALA D 26 -3.31 -25.19 -31.32
C ALA D 26 -3.57 -26.34 -30.37
N LEU D 27 -2.58 -26.67 -29.55
CA LEU D 27 -2.73 -27.76 -28.59
C LEU D 27 -3.85 -27.43 -27.61
N LYS D 28 -3.90 -26.19 -27.16
CA LYS D 28 -4.92 -25.78 -26.21
C LYS D 28 -6.33 -25.86 -26.80
N LYS D 29 -6.42 -25.68 -28.11
CA LYS D 29 -7.72 -25.68 -28.81
C LYS D 29 -8.27 -27.09 -28.98
N PHE D 30 -7.37 -28.08 -28.95
CA PHE D 30 -7.71 -29.48 -29.17
C PHE D 30 -8.32 -30.16 -27.93
N VAL D 31 -8.08 -29.61 -26.74
CA VAL D 31 -8.68 -30.15 -25.52
C VAL D 31 -9.59 -29.11 -24.89
N SER D 32 -10.57 -29.56 -24.11
CA SER D 32 -11.54 -28.63 -23.51
C SER D 32 -10.87 -27.69 -22.49
N GLU D 33 -11.37 -26.45 -22.47
CA GLU D 33 -10.97 -25.47 -21.46
C GLU D 33 -9.47 -25.33 -21.31
N GLY D 34 -8.80 -25.06 -22.43
CA GLY D 34 -7.35 -25.12 -22.50
C GLY D 34 -6.64 -24.30 -21.42
N ASN D 35 -7.12 -23.08 -21.19
CA ASN D 35 -6.48 -22.21 -20.20
C ASN D 35 -6.63 -22.73 -18.76
N LYS D 36 -7.86 -23.03 -18.35
CA LYS D 36 -8.06 -23.63 -17.03
C LYS D 36 -7.31 -24.96 -16.89
N ARG D 37 -7.21 -25.69 -17.99
CA ARG D 37 -6.48 -26.95 -18.00
C ARG D 37 -5.01 -26.71 -17.69
N MET D 38 -4.43 -25.68 -18.29
CA MET D 38 -3.01 -25.37 -18.01
C MET D 38 -2.83 -24.97 -16.54
N ASP D 39 -3.74 -24.16 -15.99
CA ASP D 39 -3.63 -23.79 -14.58
C ASP D 39 -3.73 -25.04 -13.70
N SER D 40 -4.55 -25.99 -14.12
CA SER D 40 -4.78 -27.24 -13.37
C SER D 40 -3.54 -28.12 -13.37
N VAL D 41 -2.94 -28.30 -14.54
CA VAL D 41 -1.65 -28.99 -14.64
C VAL D 41 -0.58 -28.28 -13.79
N ASN D 42 -0.55 -26.96 -13.86
CA ASN D 42 0.41 -26.17 -13.08
C ASN D 42 0.19 -26.38 -11.58
N ALA D 43 -1.07 -26.47 -11.16
CA ALA D 43 -1.39 -26.76 -9.75
C ALA D 43 -0.77 -28.07 -9.30
N ILE D 44 -0.84 -29.09 -10.15
CA ILE D 44 -0.30 -30.40 -9.79
C ILE D 44 1.22 -30.36 -9.68
N VAL D 45 1.88 -29.93 -10.75
CA VAL D 45 3.35 -29.97 -10.79
C VAL D 45 4.01 -28.97 -9.83
N SER D 46 3.38 -27.83 -9.60
CA SER D 46 3.96 -26.80 -8.74
C SER D 46 3.91 -27.23 -7.27
N ASN D 47 3.02 -28.17 -6.97
CA ASN D 47 2.84 -28.65 -5.61
C ASN D 47 3.16 -30.14 -5.46
N ALA D 48 3.94 -30.69 -6.39
CA ALA D 48 4.14 -32.13 -6.43
C ALA D 48 4.72 -32.68 -5.12
N SER D 49 5.73 -32.03 -4.57
CA SER D 49 6.36 -32.49 -3.33
C SER D 49 5.38 -32.55 -2.14
N CYS D 50 4.60 -31.47 -1.95
CA CYS D 50 3.68 -31.45 -0.82
C CYS D 50 2.52 -32.44 -1.02
N ILE D 51 2.05 -32.58 -2.25
CA ILE D 51 0.96 -33.52 -2.53
C ILE D 51 1.40 -34.94 -2.16
N VAL D 52 2.59 -35.31 -2.64
CA VAL D 52 3.11 -36.64 -2.40
C VAL D 52 3.41 -36.86 -0.92
N SER D 53 3.99 -35.85 -0.27
CA SER D 53 4.32 -35.97 1.14
C SER D 53 3.07 -36.10 2.02
N ASP D 54 2.05 -35.28 1.77
CA ASP D 54 0.85 -35.34 2.60
C ASP D 54 0.09 -36.65 2.42
N SER D 55 0.13 -37.20 1.20
CA SER D 55 -0.62 -38.41 0.88
C SER D 55 0.01 -39.64 1.51
N VAL D 56 1.32 -39.77 1.36
CA VAL D 56 2.03 -40.86 2.00
C VAL D 56 1.95 -40.72 3.52
N SER D 57 2.10 -39.50 4.03
CA SER D 57 1.95 -39.26 5.46
C SER D 57 0.60 -39.73 5.99
N GLY D 58 -0.46 -39.47 5.23
CA GLY D 58 -1.80 -39.86 5.64
C GLY D 58 -1.99 -41.36 5.61
N MET D 59 -1.35 -42.01 4.64
CA MET D 59 -1.40 -43.46 4.55
C MET D 59 -0.82 -44.07 5.82
N VAL D 60 0.27 -43.48 6.29
CA VAL D 60 0.95 -44.00 7.48
C VAL D 60 0.22 -43.62 8.77
N CYS D 61 -0.28 -42.40 8.88
CA CYS D 61 -0.95 -42.05 10.13
C CYS D 61 -2.26 -42.85 10.32
N GLU D 62 -2.84 -43.28 9.21
CA GLU D 62 -4.03 -44.14 9.25
C GLU D 62 -3.67 -45.58 9.61
N ASN D 63 -2.45 -45.99 9.26
CA ASN D 63 -1.98 -47.33 9.53
C ASN D 63 -0.50 -47.33 9.88
N PRO D 64 -0.17 -46.93 11.13
CA PRO D 64 1.22 -46.76 11.55
C PRO D 64 2.05 -48.04 11.49
N SER D 65 1.41 -49.20 11.39
CA SER D 65 2.14 -50.45 11.27
C SER D 65 2.98 -50.52 9.99
N LEU D 66 2.63 -49.70 9.00
CA LEU D 66 3.38 -49.62 7.75
C LEU D 66 4.83 -49.17 7.96
N ILE D 67 5.11 -48.58 9.11
CA ILE D 67 6.43 -48.08 9.40
C ILE D 67 7.16 -48.93 10.48
N ALA D 68 6.46 -49.95 10.98
CA ALA D 68 7.03 -50.91 11.92
C ALA D 68 7.83 -51.96 11.15
N PRO D 69 8.71 -52.74 11.85
CA PRO D 69 9.45 -53.79 11.15
C PRO D 69 8.54 -54.70 10.34
N ASN D 70 9.01 -55.15 9.18
CA ASN D 70 8.19 -55.89 8.20
C ASN D 70 7.17 -55.02 7.47
N GLY D 71 7.15 -53.72 7.77
CA GLY D 71 6.14 -52.83 7.23
C GLY D 71 6.45 -52.36 5.81
N GLY D 72 5.41 -52.03 5.06
CA GLY D 72 5.55 -51.58 3.69
C GLY D 72 6.53 -50.44 3.47
N VAL D 73 6.63 -49.54 4.44
CA VAL D 73 7.56 -48.40 4.33
C VAL D 73 8.53 -48.27 5.50
N TYR D 74 8.79 -49.40 6.16
CA TYR D 74 9.84 -49.51 7.16
C TYR D 74 11.22 -49.31 6.51
N THR D 75 12.07 -48.54 7.18
CA THR D 75 13.38 -48.09 6.69
C THR D 75 13.27 -46.96 5.67
N ASN D 76 14.27 -46.09 5.66
CA ASN D 76 14.24 -44.97 4.72
C ASN D 76 14.24 -45.40 3.25
N ARG D 77 14.97 -46.46 2.95
CA ARG D 77 15.03 -47.01 1.60
C ARG D 77 13.62 -47.31 1.06
N LYS D 78 12.81 -47.97 1.88
CA LYS D 78 11.45 -48.28 1.42
C LYS D 78 10.53 -47.05 1.39
N MET D 79 10.62 -46.20 2.41
CA MET D 79 9.83 -44.96 2.44
C MET D 79 10.14 -44.11 1.21
N ALA D 80 11.41 -44.02 0.86
CA ALA D 80 11.81 -43.23 -0.29
C ALA D 80 11.28 -43.81 -1.59
N ALA D 81 11.26 -45.14 -1.68
CA ALA D 81 10.76 -45.76 -2.91
C ALA D 81 9.27 -45.49 -3.05
N CYS D 82 8.57 -45.44 -1.92
CA CYS D 82 7.14 -45.17 -1.91
C CYS D 82 6.84 -43.74 -2.34
N LEU D 83 7.56 -42.78 -1.77
CA LEU D 83 7.40 -41.37 -2.15
C LEU D 83 7.73 -41.15 -3.63
N ARG D 84 8.75 -41.85 -4.12
CA ARG D 84 9.05 -41.84 -5.55
C ARG D 84 7.86 -42.35 -6.38
N ASP D 85 7.33 -43.53 -6.06
CA ASP D 85 6.21 -44.07 -6.83
C ASP D 85 5.00 -43.14 -6.83
N ALA D 86 4.73 -42.56 -5.67
CA ALA D 86 3.63 -41.60 -5.54
C ALA D 86 3.83 -40.43 -6.51
N GLU D 87 5.05 -39.91 -6.58
CA GLU D 87 5.37 -38.82 -7.50
C GLU D 87 5.28 -39.27 -8.95
N ILE D 88 5.81 -40.46 -9.23
CA ILE D 88 5.72 -41.01 -10.60
C ILE D 88 4.27 -41.04 -11.08
N ILE D 89 3.40 -41.62 -10.24
CA ILE D 89 1.99 -41.73 -10.58
C ILE D 89 1.36 -40.34 -10.73
N LEU D 90 1.64 -39.46 -9.78
CA LEU D 90 1.12 -38.10 -9.84
C LEU D 90 1.51 -37.41 -11.16
N ARG D 91 2.74 -37.65 -11.60
CA ARG D 91 3.22 -37.01 -12.82
C ARG D 91 2.57 -37.60 -14.07
N TYR D 92 2.32 -38.91 -14.07
CA TYR D 92 1.58 -39.50 -15.20
C TYR D 92 0.15 -38.96 -15.23
N VAL D 93 -0.39 -38.71 -14.05
CA VAL D 93 -1.72 -38.07 -13.99
C VAL D 93 -1.67 -36.64 -14.53
N SER D 94 -0.64 -35.87 -14.16
CA SER D 94 -0.47 -34.50 -14.69
C SER D 94 -0.35 -34.48 -16.21
N TYR D 95 0.35 -35.48 -16.75
CA TYR D 95 0.49 -35.57 -18.20
C TYR D 95 -0.82 -35.96 -18.89
N SER D 96 -1.61 -36.80 -18.23
CA SER D 96 -2.94 -37.12 -18.73
C SER D 96 -3.84 -35.89 -18.81
N LEU D 97 -3.76 -35.01 -17.81
CA LEU D 97 -4.58 -33.81 -17.77
C LEU D 97 -4.11 -32.82 -18.85
N LEU D 98 -2.80 -32.75 -19.04
CA LEU D 98 -2.23 -31.92 -20.09
C LEU D 98 -2.70 -32.36 -21.48
N SER D 99 -2.65 -33.67 -21.72
CA SER D 99 -2.90 -34.20 -23.05
C SER D 99 -4.38 -34.50 -23.33
N GLY D 100 -5.18 -34.63 -22.27
CA GLY D 100 -6.61 -34.84 -22.43
C GLY D 100 -7.02 -36.30 -22.51
N ASP D 101 -6.10 -37.20 -22.26
CA ASP D 101 -6.45 -38.61 -22.25
C ASP D 101 -5.46 -39.41 -21.42
N SER D 102 -5.83 -40.64 -21.09
CA SER D 102 -5.05 -41.43 -20.15
C SER D 102 -4.27 -42.55 -20.82
N SER D 103 -4.04 -42.45 -22.14
CA SER D 103 -3.43 -43.58 -22.85
C SER D 103 -1.99 -43.85 -22.40
N VAL D 104 -1.23 -42.78 -22.15
CA VAL D 104 0.15 -42.93 -21.69
C VAL D 104 0.20 -43.43 -20.23
N LEU D 105 -0.71 -42.91 -19.40
CA LEU D 105 -0.84 -43.37 -18.03
C LEU D 105 -1.09 -44.88 -17.99
N GLU D 106 -2.02 -45.34 -18.80
CA GLU D 106 -2.34 -46.76 -18.80
C GLU D 106 -1.22 -47.63 -19.36
N ASP D 107 -0.56 -47.12 -20.40
CA ASP D 107 0.45 -47.90 -21.12
C ASP D 107 1.78 -47.97 -20.39
N ARG D 108 2.25 -46.82 -19.91
CA ARG D 108 3.60 -46.71 -19.36
C ARG D 108 3.65 -46.67 -17.84
N CYS D 109 2.50 -46.48 -17.19
CA CYS D 109 2.47 -46.47 -15.72
C CYS D 109 1.71 -47.65 -15.10
N LEU D 110 0.51 -47.94 -15.62
CA LEU D 110 -0.36 -48.92 -14.97
C LEU D 110 -0.20 -50.34 -15.49
N ASN D 111 0.11 -50.49 -16.78
CA ASN D 111 0.20 -51.83 -17.36
C ASN D 111 1.36 -52.60 -16.75
N GLY D 112 1.03 -53.57 -15.90
CA GLY D 112 2.03 -54.38 -15.23
C GLY D 112 2.31 -53.96 -13.79
N LEU D 113 1.73 -52.84 -13.35
CA LEU D 113 2.06 -52.30 -12.04
C LEU D 113 1.52 -53.16 -10.89
N LYS D 114 0.27 -53.59 -10.99
CA LYS D 114 -0.35 -54.42 -9.96
C LYS D 114 0.47 -55.70 -9.72
N GLU D 115 0.86 -56.35 -10.81
CA GLU D 115 1.68 -57.55 -10.74
C GLU D 115 3.04 -57.28 -10.11
N THR D 116 3.66 -56.15 -10.48
CA THR D 116 4.94 -55.78 -9.89
C THR D 116 4.80 -55.59 -8.37
N TYR D 117 3.76 -54.88 -7.97
CA TYR D 117 3.49 -54.68 -6.54
C TYR D 117 3.19 -56.00 -5.82
N ALA D 118 2.45 -56.89 -6.48
CA ALA D 118 2.15 -58.21 -5.91
C ALA D 118 3.43 -58.96 -5.58
N SER D 119 4.38 -58.95 -6.51
CA SER D 119 5.62 -59.69 -6.32
C SER D 119 6.49 -59.10 -5.21
N LEU D 120 6.39 -57.79 -4.99
CA LEU D 120 7.20 -57.10 -3.99
C LEU D 120 6.56 -57.08 -2.60
N GLY D 121 5.27 -57.36 -2.56
CA GLY D 121 4.53 -57.24 -1.31
C GLY D 121 4.16 -55.80 -0.99
N VAL D 122 4.06 -54.96 -2.01
CA VAL D 122 3.61 -53.58 -1.82
C VAL D 122 2.09 -53.61 -1.59
N PRO D 123 1.65 -53.19 -0.40
CA PRO D 123 0.25 -53.46 -0.02
C PRO D 123 -0.78 -52.61 -0.77
N ALA D 124 -1.82 -53.28 -1.28
CA ALA D 124 -2.86 -52.60 -2.05
C ALA D 124 -3.64 -51.60 -1.20
N ALA D 125 -3.84 -51.92 0.08
CA ALA D 125 -4.65 -51.05 0.93
C ALA D 125 -3.92 -49.73 1.15
N GLY D 126 -2.61 -49.79 1.36
CA GLY D 126 -1.82 -48.59 1.52
C GLY D 126 -1.81 -47.74 0.26
N ASN D 127 -1.56 -48.37 -0.88
CA ASN D 127 -1.66 -47.67 -2.16
C ASN D 127 -3.01 -46.99 -2.35
N ALA D 128 -4.08 -47.72 -2.05
CA ALA D 128 -5.42 -47.17 -2.20
C ALA D 128 -5.58 -45.88 -1.40
N ARG D 129 -5.08 -45.86 -0.17
CA ARG D 129 -5.18 -44.66 0.64
C ARG D 129 -4.32 -43.51 0.09
N THR D 130 -3.10 -43.83 -0.32
CA THR D 130 -2.21 -42.79 -0.89
C THR D 130 -2.85 -42.14 -2.11
N ILE D 131 -3.43 -42.96 -2.99
CA ILE D 131 -4.04 -42.42 -4.20
C ILE D 131 -5.25 -41.57 -3.86
N SER D 132 -6.06 -42.03 -2.89
CA SER D 132 -7.27 -41.31 -2.54
C SER D 132 -6.93 -39.93 -1.97
N ILE D 133 -5.83 -39.85 -1.21
CA ILE D 133 -5.40 -38.56 -0.68
C ILE D 133 -4.83 -37.64 -1.77
N MET D 134 -4.02 -38.21 -2.67
CA MET D 134 -3.50 -37.42 -3.79
C MET D 134 -4.66 -36.86 -4.60
N LYS D 135 -5.65 -37.71 -4.85
CA LYS D 135 -6.86 -37.29 -5.58
C LYS D 135 -7.58 -36.14 -4.88
N ALA D 136 -7.82 -36.30 -3.57
CA ALA D 136 -8.52 -35.27 -2.81
C ALA D 136 -7.73 -33.95 -2.76
N THR D 137 -6.40 -34.06 -2.69
CA THR D 137 -5.55 -32.88 -2.60
C THR D 137 -5.60 -32.06 -3.90
N VAL D 138 -5.44 -32.75 -5.02
CA VAL D 138 -5.45 -32.12 -6.33
C VAL D 138 -6.81 -31.47 -6.59
N ILE D 139 -7.87 -32.21 -6.32
CA ILE D 139 -9.21 -31.68 -6.47
C ILE D 139 -9.39 -30.47 -5.55
N GLY D 140 -8.82 -30.55 -4.35
CA GLY D 140 -8.82 -29.44 -3.41
C GLY D 140 -8.24 -28.16 -4.00
N PHE D 141 -7.03 -28.23 -4.55
CA PHE D 141 -6.43 -27.07 -5.22
C PHE D 141 -7.33 -26.52 -6.34
N ILE D 142 -7.78 -27.42 -7.23
CA ILE D 142 -8.54 -27.00 -8.42
C ILE D 142 -9.89 -26.37 -8.06
N THR D 143 -10.46 -26.79 -6.94
CA THR D 143 -11.79 -26.30 -6.55
C THR D 143 -11.77 -25.24 -5.46
N ASN D 144 -10.58 -24.67 -5.22
CA ASN D 144 -10.42 -23.64 -4.19
C ASN D 144 -10.75 -24.10 -2.78
N ASN D 145 -10.55 -25.38 -2.51
CA ASN D 145 -10.81 -25.93 -1.19
C ASN D 145 -9.55 -26.20 -0.37
N SER D 146 -8.38 -25.97 -0.96
CA SER D 146 -7.12 -26.03 -0.22
C SER D 146 -7.08 -24.89 0.78
N GLN D 147 -6.65 -25.18 2.00
CA GLN D 147 -6.75 -24.24 3.10
C GLN D 147 -5.46 -23.46 3.35
N GLN D 148 -4.33 -24.05 2.99
CA GLN D 148 -3.03 -23.43 3.30
C GLN D 148 -2.51 -22.59 2.15
N LYS D 149 -2.82 -23.03 0.93
CA LYS D 149 -2.33 -22.36 -0.26
C LYS D 149 -3.41 -22.40 -1.34
N LYS D 150 -3.75 -21.24 -1.89
CA LYS D 150 -4.73 -21.16 -2.98
C LYS D 150 -4.02 -20.84 -4.28
N LEU D 151 -4.63 -21.24 -5.38
CA LEU D 151 -4.06 -20.99 -6.69
C LEU D 151 -4.18 -19.51 -7.06
N SER D 152 -3.21 -19.00 -7.81
CA SER D 152 -3.28 -17.64 -8.28
C SER D 152 -3.85 -17.60 -9.70
N THR D 153 -5.17 -17.64 -9.77
CA THR D 153 -5.87 -17.71 -11.03
C THR D 153 -7.03 -16.72 -10.97
N PRO D 154 -7.61 -16.39 -12.13
CA PRO D 154 -8.86 -15.61 -12.10
C PRO D 154 -9.93 -16.45 -11.42
N ALA D 155 -10.87 -15.83 -10.71
CA ALA D 155 -11.90 -16.61 -10.03
C ALA D 155 -12.89 -17.20 -11.04
N GLY D 156 -13.34 -18.42 -10.77
CA GLY D 156 -14.28 -19.08 -11.66
C GLY D 156 -14.50 -20.52 -11.25
N ASP D 157 -15.03 -21.32 -12.16
CA ASP D 157 -15.38 -22.69 -11.83
C ASP D 157 -14.56 -23.70 -12.60
N CYS D 158 -13.89 -24.60 -11.88
CA CYS D 158 -13.08 -25.61 -12.54
C CYS D 158 -13.58 -27.00 -12.21
N SER D 159 -14.87 -27.13 -11.90
CA SER D 159 -15.44 -28.41 -11.49
C SER D 159 -15.30 -29.51 -12.56
N ALA D 160 -15.38 -29.13 -13.83
CA ALA D 160 -15.31 -30.11 -14.91
C ALA D 160 -13.93 -30.74 -14.98
N LEU D 161 -12.90 -29.91 -14.84
CA LEU D 161 -11.54 -30.42 -14.86
C LEU D 161 -11.23 -31.24 -13.61
N ALA D 162 -11.82 -30.84 -12.48
CA ALA D 162 -11.63 -31.62 -11.26
C ALA D 162 -12.20 -33.03 -11.43
N SER D 163 -13.34 -33.14 -12.09
CA SER D 163 -13.93 -34.44 -12.35
C SER D 163 -13.08 -35.23 -13.31
N GLU D 164 -12.54 -34.56 -14.33
CA GLU D 164 -11.67 -35.23 -15.29
C GLU D 164 -10.44 -35.82 -14.59
N VAL D 165 -9.76 -35.01 -13.80
CA VAL D 165 -8.55 -35.49 -13.15
C VAL D 165 -8.91 -36.58 -12.10
N GLY D 166 -10.08 -36.45 -11.47
CA GLY D 166 -10.57 -37.47 -10.56
C GLY D 166 -10.68 -38.82 -11.26
N GLY D 167 -11.11 -38.78 -12.51
CA GLY D 167 -11.23 -39.98 -13.31
C GLY D 167 -9.89 -40.62 -13.60
N TYR D 168 -8.86 -39.80 -13.78
CA TYR D 168 -7.51 -40.33 -14.01
C TYR D 168 -6.98 -41.03 -12.76
N PHE D 169 -7.21 -40.43 -11.60
CA PHE D 169 -6.86 -41.09 -10.33
C PHE D 169 -7.63 -42.39 -10.15
N ASP D 170 -8.91 -42.39 -10.52
CA ASP D 170 -9.71 -43.61 -10.39
C ASP D 170 -9.18 -44.74 -11.29
N LYS D 171 -8.63 -44.36 -12.43
CA LYS D 171 -7.99 -45.34 -13.33
C LYS D 171 -6.82 -46.02 -12.61
N VAL D 172 -6.06 -45.23 -11.86
CA VAL D 172 -4.97 -45.77 -11.07
C VAL D 172 -5.49 -46.71 -9.99
N SER D 173 -6.49 -46.22 -9.24
CA SER D 173 -7.07 -47.00 -8.14
C SER D 173 -7.63 -48.34 -8.63
N SER D 174 -8.37 -48.31 -9.73
CA SER D 174 -8.91 -49.54 -10.31
C SER D 174 -7.82 -50.53 -10.70
N ALA D 175 -6.74 -50.02 -11.27
CA ALA D 175 -5.67 -50.89 -11.79
C ALA D 175 -4.94 -51.58 -10.66
N LEU D 176 -4.88 -50.91 -9.52
CA LEU D 176 -4.11 -51.38 -8.39
C LEU D 176 -4.97 -52.10 -7.34
N ALA D 177 -6.28 -52.07 -7.52
CA ALA D 177 -7.18 -52.76 -6.60
C ALA D 177 -7.04 -54.28 -6.77
N ALA E 1 19.46 37.20 -21.75
CA ALA E 1 18.30 38.01 -22.10
C ALA E 1 17.14 37.14 -22.59
N MET E 2 15.92 37.56 -22.25
CA MET E 2 14.72 36.90 -22.74
C MET E 2 14.60 37.25 -24.23
N LYS E 3 14.53 36.22 -25.07
CA LYS E 3 14.71 36.38 -26.52
C LYS E 3 13.43 36.62 -27.32
N ASP E 5 11.13 34.66 -28.18
CA ASP E 5 10.86 33.63 -29.20
C ASP E 5 9.98 32.49 -28.70
N SER E 6 9.43 32.68 -27.50
CA SER E 6 8.54 31.70 -26.88
C SER E 6 9.19 30.36 -26.55
N LYS E 7 10.51 30.28 -26.62
CA LYS E 7 11.19 29.01 -26.38
C LYS E 7 11.52 28.75 -24.92
N ALA E 8 11.23 27.55 -24.45
CA ALA E 8 11.41 27.20 -23.05
C ALA E 8 11.91 25.77 -22.94
N PRO E 9 12.57 25.44 -21.82
CA PRO E 9 13.03 24.06 -21.69
C PRO E 9 11.87 23.11 -21.36
N CYS E 10 11.65 22.14 -22.25
CA CYS E 10 10.64 21.13 -22.03
C CYS E 10 11.34 19.88 -21.50
N VAL E 11 11.02 19.54 -20.26
CA VAL E 11 11.67 18.44 -19.56
C VAL E 11 10.66 17.31 -19.47
N GLU E 12 11.11 16.09 -19.78
CA GLU E 12 10.28 14.91 -19.56
C GLU E 12 11.07 13.94 -18.73
N VAL E 13 10.40 13.28 -17.81
CA VAL E 13 11.03 12.41 -16.83
C VAL E 13 10.48 10.99 -17.01
N PHE E 14 11.37 9.99 -17.05
CA PHE E 14 10.95 8.60 -17.28
C PHE E 14 11.45 7.69 -16.17
N ASP E 15 10.55 6.83 -15.69
CA ASP E 15 10.89 5.83 -14.68
C ASP E 15 10.31 4.51 -15.17
N GLU E 16 11.13 3.72 -15.85
CA GLU E 16 10.71 2.47 -16.47
C GLU E 16 11.29 1.26 -15.74
N ARG E 17 11.41 1.36 -14.43
CA ARG E 17 11.86 0.24 -13.60
C ARG E 17 10.94 -0.98 -13.68
N ASP E 18 9.67 -0.76 -14.03
CA ASP E 18 8.73 -1.89 -14.15
C ASP E 18 9.08 -2.79 -15.33
N GLY E 19 10.03 -2.37 -16.16
CA GLY E 19 10.53 -3.21 -17.24
C GLY E 19 9.76 -3.13 -18.55
N CYS E 20 8.71 -2.33 -18.59
CA CYS E 20 7.92 -2.21 -19.80
C CYS E 20 8.63 -1.29 -20.78
N LYS E 21 9.05 -1.85 -21.91
CA LYS E 21 9.83 -1.07 -22.88
C LYS E 21 9.05 -0.83 -24.17
N ALA E 22 9.23 0.34 -24.77
CA ALA E 22 8.55 0.66 -26.02
C ALA E 22 9.55 0.70 -27.15
N ALA E 23 9.19 0.09 -28.27
CA ALA E 23 10.08 0.03 -29.43
C ALA E 23 10.51 1.43 -29.88
N GLY E 24 11.81 1.58 -30.14
CA GLY E 24 12.34 2.82 -30.69
C GLY E 24 12.48 3.97 -29.70
N THR E 25 12.41 3.68 -28.40
CA THR E 25 12.47 4.75 -27.40
C THR E 25 13.78 4.77 -26.59
N GLN E 26 14.64 3.78 -26.80
CA GLN E 26 15.95 3.81 -26.14
C GLN E 26 16.85 4.81 -26.85
N LYS E 27 17.20 5.89 -26.15
CA LYS E 27 17.93 7.01 -26.74
C LYS E 27 19.19 7.40 -25.96
N ALA E 28 19.38 6.81 -24.79
CA ALA E 28 20.61 7.02 -24.03
C ALA E 28 21.17 5.67 -23.59
N SER E 29 22.33 5.69 -22.94
CA SER E 29 22.87 4.47 -22.37
C SER E 29 22.42 4.33 -20.92
N GLY E 30 22.07 3.11 -20.53
CA GLY E 30 21.66 2.85 -19.16
C GLY E 30 20.63 1.73 -19.11
N ASP E 31 20.55 1.05 -17.98
CA ASP E 31 19.57 -0.01 -17.82
C ASP E 31 18.88 -0.02 -16.45
N ASP E 32 18.95 1.11 -15.74
CA ASP E 32 18.35 1.20 -14.42
C ASP E 32 16.92 1.71 -14.46
N GLY E 33 16.46 2.06 -15.66
CA GLY E 33 15.08 2.47 -15.86
C GLY E 33 14.84 3.96 -15.87
N PHE E 34 15.89 4.76 -15.67
CA PHE E 34 15.75 6.20 -15.52
C PHE E 34 16.23 7.00 -16.73
N CYS E 35 15.46 8.02 -17.10
CA CYS E 35 15.93 8.94 -18.14
C CYS E 35 15.28 10.30 -17.98
N VAL E 36 16.00 11.34 -18.36
CA VAL E 36 15.43 12.68 -18.45
C VAL E 36 15.70 13.19 -19.84
N LYS E 37 14.66 13.72 -20.46
CA LYS E 37 14.74 14.32 -21.79
C LYS E 37 14.56 15.83 -21.64
N VAL E 38 15.44 16.61 -22.27
CA VAL E 38 15.31 18.07 -22.30
C VAL E 38 15.47 18.58 -23.73
N SER E 39 14.53 19.42 -24.15
CA SER E 39 14.67 20.10 -25.42
C SER E 39 14.20 21.53 -25.24
N MET E 40 14.71 22.43 -26.08
CA MET E 40 14.24 23.80 -26.09
C MET E 40 13.24 23.95 -27.24
N LYS E 41 11.97 24.18 -26.89
CA LYS E 41 10.88 24.27 -27.87
C LYS E 41 10.08 25.55 -27.72
N ALA E 42 9.56 26.04 -28.84
CA ALA E 42 8.65 27.18 -28.80
C ALA E 42 7.34 26.69 -28.23
N ILE E 43 6.89 27.32 -27.16
CA ILE E 43 5.61 26.96 -26.59
C ILE E 43 4.52 27.57 -27.47
N LYS E 44 3.63 26.73 -27.97
CA LYS E 44 2.65 27.17 -28.95
C LYS E 44 1.43 27.81 -28.30
N GLY E 44 3.63 26.72 -27.97
CA GLY E 44 2.63 27.14 -28.92
C GLY E 44 1.29 27.48 -28.31
N MET E 45 0.52 28.30 -29.14
CA MET E 45 -0.77 28.80 -28.69
C MET E 45 -1.77 27.65 -28.70
N PHE E 45 0.61 28.43 -28.94
CA PHE E 45 -0.75 28.82 -28.56
C PHE E 45 -1.67 27.61 -28.61
N ASN E 46 -2.62 27.57 -27.68
CA ASN E 46 -3.62 26.52 -27.65
C ASN E 46 -5.00 27.15 -27.61
N ALA E 47 -5.63 27.26 -28.79
CA ALA E 47 -6.90 27.95 -28.90
C ALA E 47 -8.00 27.27 -28.09
N ALA E 48 -7.98 25.94 -28.05
CA ALA E 48 -8.99 25.18 -27.34
C ALA E 48 -8.97 25.48 -25.85
N GLU E 49 -7.77 25.52 -25.26
CA GLU E 49 -7.67 25.78 -23.84
C GLU E 49 -8.01 27.24 -23.55
N ALA E 50 -7.65 28.12 -24.48
CA ALA E 50 -8.00 29.54 -24.34
C ALA E 50 -9.52 29.74 -24.36
N THR E 51 -10.19 29.02 -25.26
CA THR E 51 -11.64 29.11 -25.36
C THR E 51 -12.29 28.62 -24.07
N ALA E 51 -10.19 29.02 -25.26
CA ALA E 51 -11.65 29.12 -25.35
C ALA E 51 -12.30 28.62 -24.08
N SER E 52 -11.77 27.51 -23.55
CA SER E 52 -12.32 26.92 -22.33
C SER E 52 -12.18 27.83 -21.11
N VAL E 53 -11.02 28.47 -20.96
CA VAL E 53 -10.82 29.39 -19.82
C VAL E 53 -11.78 30.56 -19.92
N THR E 54 -11.94 31.11 -21.12
CA THR E 54 -12.84 32.24 -21.32
C THR E 54 -14.27 31.88 -20.90
N LYS E 55 -14.68 30.66 -21.22
CA LYS E 55 -15.99 30.16 -20.87
C LYS E 55 -16.11 29.75 -19.38
N ASN E 56 -15.08 29.08 -18.88
CA ASN E 56 -15.21 28.30 -17.63
C ASN E 56 -14.42 28.79 -16.42
N TYR E 57 -13.77 29.94 -16.55
CA TYR E 57 -12.93 30.47 -15.47
C TYR E 57 -13.62 30.56 -14.11
N ASN E 58 -14.94 30.80 -14.11
CA ASN E 58 -15.67 30.99 -12.85
C ASN E 58 -16.10 29.69 -12.17
N GLY E 58 -14.93 30.82 -14.14
CA GLY E 58 -15.69 31.04 -12.92
C GLY E 58 -15.97 29.75 -12.16
N THR E 59 -15.67 28.56 -12.71
CA THR E 59 -15.94 27.27 -12.08
C THR E 59 -14.69 26.72 -11.41
N ILE E 59 -15.67 28.61 -12.79
CA ILE E 59 -15.83 27.33 -12.14
C ILE E 59 -14.56 26.96 -11.36
N LYS E 60 -14.73 26.68 -10.08
CA LYS E 60 -13.63 26.15 -9.28
C LYS E 60 -13.58 24.64 -9.52
N LEU E 61 -12.36 24.08 -9.53
CA LEU E 61 -12.15 22.63 -9.63
C LEU E 61 -12.96 21.79 -8.64
N ARG E 61 -12.37 24.13 -9.74
CA ARG E 61 -12.21 22.72 -9.96
C ARG E 61 -11.17 22.28 -8.96
N LEU E 62 -13.66 20.79 -9.15
CA LEU E 62 -14.45 19.87 -8.33
C LEU E 62 -13.71 18.55 -8.15
N PHE E 62 -10.89 20.97 -8.96
CA PHE E 62 -9.77 20.41 -8.21
C PHE E 62 -9.83 20.70 -6.71
N GLY E 63 -10.98 21.16 -6.24
CA GLY E 63 -11.16 21.50 -4.84
C GLY E 63 -10.28 22.64 -4.38
N ALA E 64 -9.96 23.54 -5.30
CA ALA E 64 -9.04 24.63 -5.01
C ALA E 64 -9.68 25.68 -4.12
N LYS E 65 -8.86 26.46 -3.43
CA LYS E 65 -9.33 27.57 -2.62
C LYS E 65 -9.92 28.66 -3.50
N SER E 66 -10.82 29.46 -2.96
CA SER E 66 -11.41 30.56 -3.72
C SER E 66 -10.53 31.79 -3.66
N LEU F 2 28.88 17.46 -16.45
CA LEU F 2 27.64 17.84 -15.77
C LEU F 2 26.91 18.97 -16.52
N ASP F 3 27.13 19.03 -17.83
CA ASP F 3 26.48 20.03 -18.66
C ASP F 3 25.45 19.43 -19.61
N ALA F 4 25.08 18.18 -19.37
CA ALA F 4 24.14 17.49 -20.25
C ALA F 4 22.81 18.25 -20.39
N PHE F 5 22.33 18.83 -19.30
CA PHE F 5 21.11 19.63 -19.34
C PHE F 5 21.39 21.04 -19.85
N SER F 6 22.38 21.68 -19.26
CA SER F 6 22.64 23.10 -19.54
C SER F 6 23.01 23.37 -20.99
N LYS F 7 23.57 22.37 -21.66
CA LYS F 7 24.00 22.55 -23.05
C LYS F 7 22.81 22.67 -24.01
N VAL F 8 21.65 22.15 -23.60
CA VAL F 8 20.44 22.21 -24.42
C VAL F 8 19.88 23.62 -24.49
N ILE F 9 20.08 24.37 -23.41
CA ILE F 9 19.61 25.74 -23.32
C ILE F 9 20.14 26.63 -24.45
N THR F 10 21.38 26.38 -24.88
CA THR F 10 21.99 27.21 -25.92
C THR F 10 21.73 26.70 -27.34
N SER F 11 21.07 25.55 -27.43
CA SER F 11 20.73 24.97 -28.74
C SER F 11 19.64 25.76 -29.45
N ALA F 12 19.75 25.86 -30.76
CA ALA F 12 18.75 26.58 -31.54
C ALA F 12 18.00 25.67 -32.51
N ASP F 13 18.41 24.41 -32.58
CA ASP F 13 17.84 23.49 -33.57
C ASP F 13 16.72 22.61 -33.01
N GLY F 14 16.37 22.83 -31.75
CA GLY F 14 15.26 22.11 -31.14
C GLY F 14 15.53 20.65 -30.81
N LYS F 15 16.78 20.21 -30.97
CA LYS F 15 17.14 18.81 -30.74
C LYS F 15 17.21 18.47 -29.26
N ALA F 16 16.52 17.39 -28.88
CA ALA F 16 16.46 16.97 -27.49
C ALA F 16 17.74 16.28 -27.03
N ALA F 17 18.08 16.44 -25.75
CA ALA F 17 19.13 15.61 -25.15
C ALA F 17 18.48 14.58 -24.26
N TYR F 18 19.06 13.40 -24.24
CA TYR F 18 18.57 12.31 -23.40
C TYR F 18 19.64 11.92 -22.40
N VAL F 19 19.31 12.02 -21.11
CA VAL F 19 20.29 11.74 -20.08
C VAL F 19 19.86 10.55 -19.23
N GLY F 20 20.63 9.47 -19.31
CA GLY F 20 20.34 8.30 -18.51
C GLY F 20 21.60 7.74 -17.88
N GLY F 21 21.47 6.53 -17.31
CA GLY F 21 22.62 5.78 -16.82
C GLY F 21 23.58 6.57 -15.94
N ALA F 22 24.87 6.37 -16.14
CA ALA F 22 25.89 7.06 -15.36
C ALA F 22 25.81 8.60 -15.41
N ASP F 23 25.43 9.14 -16.55
CA ASP F 23 25.34 10.60 -16.71
C ASP F 23 24.25 11.17 -15.81
N LEU F 24 23.10 10.50 -15.79
CA LEU F 24 21.99 10.93 -14.95
C LEU F 24 22.30 10.72 -13.47
N GLN F 25 22.95 9.61 -13.15
CA GLN F 25 23.35 9.34 -11.77
C GLN F 25 24.26 10.45 -11.24
N ALA F 26 25.16 10.94 -12.08
CA ALA F 26 26.07 12.00 -11.65
C ALA F 26 25.32 13.32 -11.48
N LEU F 27 24.34 13.58 -12.34
CA LEU F 27 23.55 14.80 -12.19
C LEU F 27 22.68 14.74 -10.94
N LYS F 28 22.12 13.57 -10.64
CA LYS F 28 21.32 13.41 -9.42
C LYS F 28 22.16 13.58 -8.15
N LYS F 29 23.41 13.10 -8.20
CA LYS F 29 24.30 13.21 -7.07
C LYS F 29 24.70 14.66 -6.77
N PHE F 30 24.90 15.43 -7.82
CA PHE F 30 25.34 16.82 -7.72
C PHE F 30 24.33 17.73 -7.03
N VAL F 31 23.05 17.52 -7.28
CA VAL F 31 22.02 18.30 -6.59
C VAL F 31 21.55 17.55 -5.36
N SER F 32 20.81 18.22 -4.48
CA SER F 32 20.34 17.58 -3.28
C SER F 32 19.10 16.75 -3.56
N GLU F 33 18.93 15.68 -2.79
CA GLU F 33 17.74 14.83 -2.84
C GLU F 33 17.32 14.46 -4.24
N GLY F 34 18.25 13.88 -4.99
CA GLY F 34 18.07 13.67 -6.43
C GLY F 34 16.80 12.96 -6.84
N ASN F 35 16.48 11.87 -6.16
CA ASN F 35 15.26 11.15 -6.50
C ASN F 35 13.97 11.93 -6.25
N LYS F 36 13.81 12.50 -5.06
CA LYS F 36 12.62 13.29 -4.76
C LYS F 36 12.57 14.51 -5.69
N ARG F 37 13.75 14.99 -6.08
CA ARG F 37 13.82 16.11 -7.00
C ARG F 37 13.26 15.72 -8.38
N MET F 38 13.62 14.53 -8.87
CA MET F 38 13.09 14.06 -10.14
C MET F 38 11.56 13.91 -10.07
N ASP F 39 11.05 13.42 -8.94
CA ASP F 39 9.61 13.28 -8.75
C ASP F 39 8.91 14.64 -8.76
N SER F 40 9.56 15.63 -8.16
CA SER F 40 9.03 16.99 -8.11
C SER F 40 8.98 17.62 -9.51
N VAL F 41 10.04 17.41 -10.29
CA VAL F 41 10.06 17.93 -11.65
C VAL F 41 8.95 17.26 -12.45
N ASN F 42 8.81 15.96 -12.26
CA ASN F 42 7.78 15.19 -12.94
C ASN F 42 6.39 15.69 -12.59
N ALA F 43 6.18 16.05 -11.33
CA ALA F 43 4.87 16.54 -10.90
C ALA F 43 4.53 17.84 -11.64
N ILE F 44 5.53 18.68 -11.89
CA ILE F 44 5.28 19.94 -12.58
C ILE F 44 4.96 19.69 -14.05
N VAL F 45 5.86 19.01 -14.77
CA VAL F 45 5.68 18.83 -16.21
C VAL F 45 4.48 17.95 -16.59
N SER F 46 4.22 16.90 -15.81
CA SER F 46 3.11 15.99 -16.11
C SER F 46 1.77 16.68 -15.98
N ASN F 47 1.73 17.74 -15.17
CA ASN F 47 0.50 18.44 -14.88
C ASN F 47 0.51 19.88 -15.43
N ALA F 48 1.42 20.16 -16.36
CA ALA F 48 1.62 21.54 -16.81
C ALA F 48 0.34 22.20 -17.32
N SER F 49 -0.45 21.48 -18.11
CA SER F 49 -1.66 22.09 -18.67
C SER F 49 -2.67 22.49 -17.60
N CYS F 50 -2.95 21.59 -16.64
CA CYS F 50 -3.90 21.90 -15.58
C CYS F 50 -3.39 23.00 -14.65
N ILE F 51 -2.08 22.99 -14.35
CA ILE F 51 -1.51 24.05 -13.51
C ILE F 51 -1.71 25.42 -14.15
N VAL F 52 -1.38 25.54 -15.44
CA VAL F 52 -1.50 26.80 -16.16
C VAL F 52 -2.97 27.21 -16.25
N SER F 53 -3.84 26.25 -16.55
CA SER F 53 -5.25 26.55 -16.76
C SER F 53 -5.93 27.03 -15.48
N ASP F 54 -5.62 26.36 -14.38
CA ASP F 54 -6.22 26.73 -13.10
C ASP F 54 -5.70 28.07 -12.61
N SER F 55 -4.43 28.36 -12.87
CA SER F 55 -3.83 29.61 -12.42
C SER F 55 -4.34 30.82 -13.19
N VAL F 56 -4.39 30.71 -14.51
CA VAL F 56 -4.92 31.78 -15.33
C VAL F 56 -6.43 31.93 -15.10
N SER F 57 -7.13 30.82 -14.90
CA SER F 57 -8.57 30.88 -14.57
C SER F 57 -8.81 31.62 -13.27
N GLY F 58 -7.94 31.39 -12.28
CA GLY F 58 -8.10 32.01 -10.97
C GLY F 58 -7.83 33.50 -11.04
N MET F 59 -6.89 33.87 -11.90
CA MET F 59 -6.56 35.27 -12.12
C MET F 59 -7.78 36.01 -12.67
N VAL F 60 -8.49 35.36 -13.59
CA VAL F 60 -9.69 35.97 -14.17
C VAL F 60 -10.89 35.93 -13.21
N CYS F 61 -11.12 34.83 -12.49
CA CYS F 61 -12.32 34.80 -11.66
C CYS F 61 -12.21 35.78 -10.49
N GLU F 62 -10.98 36.07 -10.07
CA GLU F 62 -10.79 37.08 -9.03
C GLU F 62 -10.84 38.51 -9.60
N ASN F 63 -10.56 38.65 -10.89
CA ASN F 63 -10.67 39.94 -11.56
C ASN F 63 -11.24 39.81 -12.98
N PRO F 64 -12.57 39.60 -13.08
CA PRO F 64 -13.29 39.40 -14.35
C PRO F 64 -13.16 40.53 -15.38
N SER F 65 -12.71 41.72 -14.99
CA SER F 65 -12.50 42.79 -15.95
C SER F 65 -11.37 42.47 -16.94
N LEU F 66 -10.53 41.49 -16.59
CA LEU F 66 -9.46 41.03 -17.47
C LEU F 66 -9.99 40.47 -18.81
N ILE F 67 -11.22 39.96 -18.81
CA ILE F 67 -11.82 39.46 -20.04
C ILE F 67 -12.94 40.36 -20.57
N ALA F 68 -13.06 41.55 -19.98
CA ALA F 68 -13.95 42.60 -20.49
C ALA F 68 -13.20 43.38 -21.57
N PRO F 69 -13.91 44.21 -22.36
CA PRO F 69 -13.22 45.05 -23.34
C PRO F 69 -12.03 45.81 -22.76
N ASN F 70 -10.94 45.89 -23.52
CA ASN F 70 -9.68 46.51 -23.09
C ASN F 70 -8.97 45.76 -21.96
N GLY F 71 -9.45 44.56 -21.64
CA GLY F 71 -8.85 43.76 -20.59
C GLY F 71 -7.61 43.05 -21.07
N GLY F 72 -6.75 42.65 -20.14
CA GLY F 72 -5.52 41.96 -20.44
C GLY F 72 -5.66 40.69 -21.27
N VAL F 73 -6.73 39.93 -21.05
CA VAL F 73 -6.93 38.70 -21.81
C VAL F 73 -8.28 38.66 -22.54
N TYR F 74 -8.72 39.83 -22.98
CA TYR F 74 -9.88 39.96 -23.85
C TYR F 74 -9.49 39.48 -25.25
N THR F 75 -10.39 38.72 -25.86
CA THR F 75 -10.16 37.95 -27.10
C THR F 75 -9.39 36.66 -26.88
N ASN F 76 -9.66 35.67 -27.73
CA ASN F 76 -8.98 34.39 -27.58
C ASN F 76 -7.46 34.48 -27.80
N ARG F 77 -7.05 35.33 -28.74
CA ARG F 77 -5.63 35.48 -29.05
C ARG F 77 -4.83 35.93 -27.83
N LYS F 78 -5.35 36.92 -27.11
CA LYS F 78 -4.68 37.39 -25.89
C LYS F 78 -4.75 36.36 -24.76
N MET F 79 -5.88 35.68 -24.62
CA MET F 79 -6.00 34.63 -23.62
C MET F 79 -5.00 33.51 -23.93
N ALA F 80 -4.86 33.19 -25.21
CA ALA F 80 -3.90 32.16 -25.65
C ALA F 80 -2.45 32.56 -25.38
N ALA F 81 -2.14 33.84 -25.64
CA ALA F 81 -0.81 34.38 -25.35
C ALA F 81 -0.49 34.32 -23.85
N CYS F 82 -1.50 34.58 -23.02
CA CYS F 82 -1.31 34.54 -21.57
C CYS F 82 -1.06 33.12 -21.08
N LEU F 83 -1.87 32.17 -21.55
CA LEU F 83 -1.71 30.77 -21.17
C LEU F 83 -0.33 30.26 -21.61
N ARG F 84 0.11 30.69 -22.79
CA ARG F 84 1.45 30.37 -23.26
C ARG F 84 2.53 30.89 -22.32
N ASP F 85 2.46 32.17 -21.95
CA ASP F 85 3.46 32.75 -21.04
C ASP F 85 3.50 32.04 -19.70
N ALA F 86 2.31 31.72 -19.18
CA ALA F 86 2.24 31.02 -17.90
C ALA F 86 2.96 29.68 -18.01
N GLU F 87 2.76 28.98 -19.14
CA GLU F 87 3.45 27.71 -19.37
C GLU F 87 4.95 27.88 -19.53
N ILE F 88 5.35 28.91 -20.29
CA ILE F 88 6.78 29.22 -20.47
C ILE F 88 7.47 29.39 -19.11
N ILE F 89 6.89 30.24 -18.26
CA ILE F 89 7.42 30.51 -16.94
C ILE F 89 7.49 29.25 -16.08
N LEU F 90 6.40 28.49 -16.08
CA LEU F 90 6.32 27.25 -15.32
C LEU F 90 7.43 26.29 -15.75
N ARG F 91 7.68 26.23 -17.06
CA ARG F 91 8.70 25.34 -17.57
C ARG F 91 10.13 25.79 -17.22
N TYR F 92 10.38 27.11 -17.19
CA TYR F 92 11.70 27.59 -16.72
C TYR F 92 11.86 27.30 -15.24
N VAL F 93 10.77 27.38 -14.49
CA VAL F 93 10.81 26.94 -13.10
C VAL F 93 11.10 25.43 -12.99
N SER F 94 10.46 24.63 -13.84
CA SER F 94 10.72 23.18 -13.79
C SER F 94 12.20 22.87 -14.09
N TYR F 95 12.79 23.62 -15.01
CA TYR F 95 14.19 23.42 -15.35
C TYR F 95 15.11 23.87 -14.21
N SER F 96 14.68 24.92 -13.51
CA SER F 96 15.40 25.38 -12.32
C SER F 96 15.44 24.31 -11.24
N LEU F 97 14.33 23.61 -11.04
CA LEU F 97 14.27 22.55 -10.04
C LEU F 97 15.09 21.33 -10.46
N LEU F 98 15.09 21.05 -11.77
CA LEU F 98 15.90 19.96 -12.32
C LEU F 98 17.39 20.21 -12.13
N SER F 99 17.83 21.44 -12.41
CA SER F 99 19.24 21.77 -12.47
C SER F 99 19.81 22.22 -11.11
N GLY F 100 18.93 22.63 -10.20
CA GLY F 100 19.34 23.01 -8.86
C GLY F 100 19.63 24.51 -8.69
N ASP F 101 19.44 25.29 -9.73
CA ASP F 101 19.59 26.74 -9.56
C ASP F 101 18.75 27.53 -10.57
N SER F 102 18.68 28.83 -10.35
CA SER F 102 17.81 29.71 -11.16
C SER F 102 18.56 30.49 -12.25
N SER F 103 19.81 30.10 -12.56
CA SER F 103 20.60 30.92 -13.49
C SER F 103 19.92 31.06 -14.86
N VAL F 104 19.38 29.96 -15.39
CA VAL F 104 18.78 29.99 -16.71
C VAL F 104 17.44 30.72 -16.70
N LEU F 105 16.68 30.51 -15.64
CA LEU F 105 15.43 31.22 -15.42
C LEU F 105 15.67 32.75 -15.44
N GLU F 106 16.64 33.21 -14.67
CA GLU F 106 16.93 34.64 -14.61
C GLU F 106 17.43 35.20 -15.95
N ASP F 107 18.25 34.42 -16.63
CA ASP F 107 18.93 34.89 -17.85
C ASP F 107 18.01 34.85 -19.07
N ARG F 108 17.32 33.73 -19.25
CA ARG F 108 16.57 33.49 -20.48
C ARG F 108 15.06 33.74 -20.37
N CYS F 109 14.55 33.89 -19.15
CA CYS F 109 13.13 34.15 -18.97
C CYS F 109 12.86 35.54 -18.39
N LEU F 110 13.54 35.87 -17.30
CA LEU F 110 13.21 37.09 -16.57
C LEU F 110 13.93 38.37 -17.03
N ASN F 111 15.16 38.23 -17.54
CA ASN F 111 15.92 39.40 -17.96
C ASN F 111 15.24 40.11 -19.12
N GLY F 112 14.70 41.31 -18.87
CA GLY F 112 13.98 42.04 -19.88
C GLY F 112 12.46 41.83 -19.90
N LEU F 113 11.97 40.90 -19.08
CA LEU F 113 10.55 40.57 -19.12
C LEU F 113 9.66 41.71 -18.57
N LYS F 114 10.08 42.32 -17.47
CA LYS F 114 9.30 43.42 -16.90
C LYS F 114 9.14 44.55 -17.92
N GLU F 115 10.22 44.88 -18.62
CA GLU F 115 10.18 45.92 -19.63
C GLU F 115 9.24 45.55 -20.79
N THR F 116 9.35 44.32 -21.25
CA THR F 116 8.49 43.81 -22.32
C THR F 116 7.01 43.93 -21.94
N TYR F 117 6.65 43.45 -20.76
CA TYR F 117 5.26 43.54 -20.30
C TYR F 117 4.79 44.99 -20.15
N ALA F 118 5.69 45.86 -19.71
CA ALA F 118 5.36 47.27 -19.56
C ALA F 118 5.00 47.89 -20.91
N SER F 119 5.79 47.56 -21.94
CA SER F 119 5.51 48.13 -23.26
C SER F 119 4.26 47.52 -23.94
N LEU F 120 3.80 46.37 -23.43
CA LEU F 120 2.61 45.74 -23.99
C LEU F 120 1.35 46.08 -23.22
N GLY F 121 1.51 46.57 -22.00
CA GLY F 121 0.37 46.85 -21.14
C GLY F 121 -0.14 45.58 -20.46
N VAL F 122 0.71 44.56 -20.37
CA VAL F 122 0.36 43.34 -19.65
C VAL F 122 0.37 43.62 -18.15
N PRO F 123 -0.80 43.55 -17.50
CA PRO F 123 -0.96 44.04 -16.12
C PRO F 123 -0.15 43.26 -15.07
N ALA F 124 0.60 44.00 -14.25
CA ALA F 124 1.45 43.43 -13.23
C ALA F 124 0.63 42.69 -12.18
N ALA F 125 -0.54 43.22 -11.83
CA ALA F 125 -1.38 42.61 -10.82
C ALA F 125 -1.88 41.22 -11.24
N GLY F 126 -2.25 41.09 -12.51
CA GLY F 126 -2.74 39.83 -13.04
C GLY F 126 -1.63 38.80 -13.06
N ASN F 127 -0.45 39.22 -13.49
CA ASN F 127 0.70 38.33 -13.49
C ASN F 127 1.04 37.84 -12.09
N ALA F 128 1.01 38.73 -11.11
CA ALA F 128 1.33 38.36 -9.74
C ALA F 128 0.38 37.27 -9.28
N ARG F 129 -0.91 37.42 -9.59
CA ARG F 129 -1.88 36.42 -9.14
C ARG F 129 -1.70 35.09 -9.86
N THR F 130 -1.43 35.13 -11.16
CA THR F 130 -1.18 33.88 -11.88
C THR F 130 0.01 33.15 -11.30
N ILE F 131 1.07 33.88 -11.00
CA ILE F 131 2.26 33.27 -10.44
C ILE F 131 1.99 32.69 -9.05
N SER F 132 1.29 33.42 -8.19
CA SER F 132 1.00 32.93 -6.84
C SER F 132 0.15 31.65 -6.86
N ILE F 133 -0.76 31.52 -7.81
CA ILE F 133 -1.57 30.31 -7.94
C ILE F 133 -0.76 29.14 -8.48
N MET F 134 0.08 29.39 -9.49
CA MET F 134 0.98 28.34 -9.97
C MET F 134 1.85 27.84 -8.83
N LYS F 135 2.38 28.77 -8.04
CA LYS F 135 3.22 28.44 -6.90
C LYS F 135 2.47 27.55 -5.92
N ALA F 136 1.27 27.98 -5.53
CA ALA F 136 0.45 27.23 -4.58
C ALA F 136 0.14 25.84 -5.12
N THR F 137 -0.16 25.77 -6.41
CA THR F 137 -0.50 24.50 -7.03
C THR F 137 0.66 23.52 -6.99
N VAL F 138 1.84 23.98 -7.42
CA VAL F 138 3.01 23.13 -7.47
C VAL F 138 3.38 22.66 -6.06
N ILE F 139 3.32 23.57 -5.10
CA ILE F 139 3.64 23.23 -3.72
C ILE F 139 2.63 22.20 -3.20
N GLY F 140 1.38 22.35 -3.62
CA GLY F 140 0.33 21.42 -3.25
C GLY F 140 0.64 20.00 -3.70
N PHE F 141 1.01 19.84 -4.96
CA PHE F 141 1.38 18.52 -5.48
C PHE F 141 2.55 17.93 -4.68
N ILE F 142 3.59 18.72 -4.49
CA ILE F 142 4.82 18.23 -3.88
C ILE F 142 4.64 17.86 -2.40
N THR F 143 3.70 18.52 -1.74
CA THR F 143 3.48 18.28 -0.32
C THR F 143 2.28 17.37 -0.05
N ASN F 144 1.76 16.73 -1.08
CA ASN F 144 0.65 15.80 -0.94
C ASN F 144 -0.64 16.47 -0.45
N ASN F 145 -0.79 17.75 -0.76
CA ASN F 145 -1.98 18.48 -0.35
C ASN F 145 -2.92 18.78 -1.51
N SER F 146 -2.63 18.24 -2.69
CA SER F 146 -3.53 18.39 -3.84
C SER F 146 -4.73 17.46 -3.66
N GLN F 147 -5.93 17.94 -3.98
CA GLN F 147 -7.14 17.19 -3.65
C GLN F 147 -7.61 16.22 -4.73
N GLN F 148 -7.55 16.64 -5.99
N GLN F 148 -7.52 16.66 -5.98
CA GLN F 148 -8.11 15.82 -7.06
CA GLN F 148 -8.07 15.90 -7.10
C GLN F 148 -7.14 14.76 -7.56
C GLN F 148 -7.14 14.83 -7.64
N LYS F 149 -5.84 15.04 -7.44
CA LYS F 149 -4.82 14.12 -7.96
C LYS F 149 -3.58 14.14 -7.07
N LYS F 150 -3.21 12.99 -6.52
CA LYS F 150 -1.96 12.89 -5.77
C LYS F 150 -0.88 12.22 -6.60
N LEU F 151 0.37 12.50 -6.27
CA LEU F 151 1.50 11.88 -6.93
C LEU F 151 1.61 10.41 -6.56
N SER F 152 2.18 9.63 -7.45
CA SER F 152 2.42 8.21 -7.20
C SER F 152 3.89 8.04 -6.84
N THR F 153 4.20 8.26 -5.57
CA THR F 153 5.56 8.24 -5.05
C THR F 153 5.58 7.45 -3.75
N PRO F 154 6.77 7.02 -3.30
CA PRO F 154 6.83 6.44 -1.95
C PRO F 154 6.45 7.51 -0.95
N ALA F 155 5.84 7.13 0.17
CA ALA F 155 5.44 8.13 1.16
C ALA F 155 6.66 8.77 1.81
N GLY F 156 6.58 10.08 2.05
CA GLY F 156 7.65 10.80 2.71
C GLY F 156 7.43 12.29 2.70
N ASP F 157 8.49 13.05 2.96
CA ASP F 157 8.37 14.49 3.11
C ASP F 157 9.26 15.22 2.11
N CYS F 158 8.65 16.10 1.34
CA CYS F 158 9.38 16.82 0.32
C CYS F 158 9.30 18.32 0.59
N SER F 159 9.20 18.70 1.87
CA SER F 159 9.06 20.12 2.21
C SER F 159 10.25 20.98 1.79
N ALA F 160 11.45 20.41 1.83
CA ALA F 160 12.63 21.17 1.41
C ALA F 160 12.54 21.54 -0.07
N LEU F 161 12.14 20.58 -0.89
CA LEU F 161 12.00 20.81 -2.31
C LEU F 161 10.86 21.78 -2.62
N ALA F 162 9.78 21.68 -1.84
CA ALA F 162 8.68 22.63 -1.96
C ALA F 162 9.16 24.05 -1.71
N SER F 163 9.94 24.23 -0.65
CA SER F 163 10.49 25.55 -0.32
C SER F 163 11.40 26.04 -1.44
N GLU F 164 12.19 25.13 -2.01
CA GLU F 164 13.10 25.50 -3.08
C GLU F 164 12.35 25.98 -4.31
N VAL F 165 11.35 25.23 -4.74
CA VAL F 165 10.62 25.61 -5.94
C VAL F 165 9.85 26.90 -5.66
N GLY F 166 9.41 27.07 -4.41
CA GLY F 166 8.74 28.29 -4.00
C GLY F 166 9.63 29.50 -4.21
N GLY F 167 10.91 29.34 -3.87
CA GLY F 167 11.89 30.39 -4.08
C GLY F 167 12.04 30.78 -5.55
N TYR F 168 11.97 29.80 -6.45
CA TYR F 168 12.09 30.08 -7.87
C TYR F 168 10.87 30.88 -8.36
N PHE F 169 9.69 30.51 -7.89
CA PHE F 169 8.50 31.28 -8.24
C PHE F 169 8.62 32.71 -7.72
N ASP F 170 9.17 32.87 -6.51
CA ASP F 170 9.35 34.20 -5.93
C ASP F 170 10.32 35.08 -6.71
N LYS F 171 11.32 34.48 -7.35
CA LYS F 171 12.20 35.23 -8.25
C LYS F 171 11.44 35.76 -9.45
N VAL F 172 10.47 35.00 -9.93
CA VAL F 172 9.64 35.45 -11.05
C VAL F 172 8.81 36.64 -10.62
N SER F 173 8.13 36.49 -9.48
CA SER F 173 7.29 37.54 -8.92
C SER F 173 8.10 38.81 -8.65
N SER F 174 9.30 38.64 -8.10
CA SER F 174 10.15 39.78 -7.75
C SER F 174 10.58 40.56 -8.98
N ALA F 175 10.92 39.83 -10.04
CA ALA F 175 11.35 40.44 -11.29
C ALA F 175 10.24 41.24 -11.94
N LEU F 176 9.01 40.73 -11.85
CA LEU F 176 7.88 41.37 -12.52
C LEU F 176 7.24 42.47 -11.68
N ALA F 177 7.63 42.55 -10.40
CA ALA F 177 7.14 43.61 -9.54
C ALA F 177 7.96 44.88 -9.77
N ALA G 1 -12.37 -5.83 -40.54
CA ALA G 1 -11.70 -6.45 -39.40
C ALA G 1 -10.89 -5.47 -38.55
N MET G 2 -10.96 -5.66 -37.24
CA MET G 2 -10.11 -4.95 -36.29
C MET G 2 -8.68 -5.47 -36.48
N LYS G 3 -7.77 -4.57 -36.84
CA LYS G 3 -6.45 -4.97 -37.34
C LYS G 3 -5.38 -5.16 -36.27
N ASP G 5 -3.65 -3.06 -34.56
CA ASP G 5 -2.50 -2.18 -34.75
C ASP G 5 -2.66 -0.85 -34.01
N SER G 6 -3.71 -0.79 -33.18
CA SER G 6 -3.99 0.35 -32.32
C SER G 6 -4.34 1.63 -33.06
N LYS G 7 -4.61 1.53 -34.36
CA LYS G 7 -4.85 2.75 -35.14
C LYS G 7 -6.31 3.18 -35.12
N ALA G 8 -6.52 4.47 -34.91
CA ALA G 8 -7.86 5.05 -34.81
C ALA G 8 -7.91 6.41 -35.51
N PRO G 9 -9.12 6.81 -35.97
CA PRO G 9 -9.28 8.12 -36.62
C PRO G 9 -9.16 9.25 -35.61
N CYS G 10 -8.17 10.11 -35.81
CA CYS G 10 -7.95 11.26 -34.95
C CYS G 10 -8.51 12.49 -35.62
N VAL G 11 -9.61 13.00 -35.06
CA VAL G 11 -10.33 14.11 -35.68
C VAL G 11 -10.04 15.38 -34.91
N GLU G 12 -9.73 16.45 -35.63
CA GLU G 12 -9.56 17.78 -35.06
C GLU G 12 -10.49 18.76 -35.80
N VAL G 13 -11.11 19.64 -35.03
CA VAL G 13 -12.09 20.57 -35.56
C VAL G 13 -11.59 21.99 -35.30
N PHE G 14 -11.67 22.86 -36.30
CA PHE G 14 -11.15 24.23 -36.18
C PHE G 14 -12.20 25.29 -36.49
N ASP G 15 -12.26 26.31 -35.64
CA ASP G 15 -13.16 27.46 -35.85
C ASP G 15 -12.33 28.71 -35.68
N GLU G 16 -11.88 29.29 -36.79
CA GLU G 16 -10.99 30.45 -36.72
C GLU G 16 -11.65 31.71 -37.26
N ARG G 17 -12.95 31.83 -37.00
CA ARG G 17 -13.70 33.01 -37.42
C ARG G 17 -13.26 34.31 -36.74
N ASP G 18 -12.49 34.20 -35.66
CA ASP G 18 -11.98 35.39 -34.97
C ASP G 18 -10.81 36.01 -35.74
N GLY G 19 -10.36 35.32 -36.77
CA GLY G 19 -9.38 35.87 -37.68
C GLY G 19 -7.95 35.72 -37.24
N CYS G 20 -7.73 35.00 -36.15
CA CYS G 20 -6.38 34.77 -35.68
C CYS G 20 -5.81 33.59 -36.44
N LYS G 21 -4.79 33.85 -37.23
CA LYS G 21 -4.19 32.79 -38.05
C LYS G 21 -2.77 32.49 -37.61
N ALA G 22 -2.34 31.26 -37.84
CA ALA G 22 -0.96 30.87 -37.62
C ALA G 22 -0.35 30.60 -38.98
N ALA G 23 0.82 31.18 -39.23
CA ALA G 23 1.51 30.94 -40.50
C ALA G 23 1.73 29.44 -40.71
N GLY G 24 1.52 28.97 -41.93
CA GLY G 24 1.80 27.58 -42.28
C GLY G 24 0.74 26.57 -41.90
N THR G 25 -0.47 27.04 -41.58
CA THR G 25 -1.54 26.13 -41.19
C THR G 25 -2.70 26.10 -42.17
N GLN G 26 -2.57 26.79 -43.30
CA GLN G 26 -3.60 26.72 -44.34
C GLN G 26 -3.35 25.45 -45.17
N LYS G 27 -4.15 24.43 -44.92
CA LYS G 27 -3.90 23.11 -45.50
C LYS G 27 -5.00 22.68 -46.47
N ALA G 28 -6.05 23.47 -46.56
CA ALA G 28 -7.15 23.21 -47.49
C ALA G 28 -7.67 24.54 -47.99
N SER G 29 -8.48 24.50 -49.04
CA SER G 29 -9.11 25.70 -49.58
C SER G 29 -10.33 26.08 -48.76
N GLY G 30 -10.51 27.37 -48.53
CA GLY G 30 -11.67 27.86 -47.80
C GLY G 30 -11.37 29.13 -47.00
N ASP G 31 -12.35 30.01 -46.89
CA ASP G 31 -12.12 31.26 -46.19
C ASP G 31 -13.18 31.61 -45.15
N ASP G 32 -13.98 30.61 -44.75
CA ASP G 32 -15.05 30.87 -43.79
C ASP G 32 -14.64 30.63 -42.33
N GLY G 33 -13.41 30.18 -42.13
CA GLY G 33 -12.89 29.95 -40.79
C GLY G 33 -13.00 28.52 -40.29
N PHE G 34 -13.64 27.65 -41.04
CA PHE G 34 -13.85 26.27 -40.58
C PHE G 34 -12.94 25.25 -41.26
N CYS G 35 -12.58 24.21 -40.52
CA CYS G 35 -11.80 23.13 -41.08
C CYS G 35 -11.93 21.87 -40.23
N VAL G 36 -11.85 20.72 -40.88
CA VAL G 36 -11.79 19.46 -40.17
C VAL G 36 -10.58 18.70 -40.65
N LYS G 37 -9.79 18.19 -39.71
CA LYS G 37 -8.62 17.39 -40.01
C LYS G 37 -8.87 15.99 -39.49
N VAL G 38 -8.53 14.99 -40.32
CA VAL G 38 -8.61 13.60 -39.88
C VAL G 38 -7.34 12.86 -40.30
N SER G 39 -6.74 12.14 -39.35
CA SER G 39 -5.66 11.23 -39.68
C SER G 39 -5.93 9.89 -39.02
N MET G 40 -5.26 8.84 -39.49
CA MET G 40 -5.34 7.53 -38.86
C MET G 40 -4.03 7.28 -38.15
N LYS G 41 -4.05 7.33 -36.83
CA LYS G 41 -2.83 7.24 -36.03
C LYS G 41 -2.94 6.13 -35.00
N ALA G 42 -1.82 5.48 -34.76
CA ALA G 42 -1.68 4.53 -33.66
C ALA G 42 -1.84 5.29 -32.35
N ILE G 43 -2.73 4.82 -31.48
CA ILE G 43 -2.92 5.45 -30.19
C ILE G 43 -1.88 4.89 -29.23
N LYS G 44 -1.09 5.79 -28.66
CA LYS G 44 0.07 5.43 -27.85
C LYS G 44 -0.28 5.28 -26.37
N GLY G 44 -1.05 5.74 -28.66
CA GLY G 44 0.04 5.28 -27.82
C GLY G 44 -0.35 4.98 -26.38
N MET G 45 0.32 4.29 -25.72
CA MET G 45 0.15 4.12 -24.28
C MET G 45 0.74 5.30 -23.52
N PHE G 45 0.50 4.25 -25.67
CA PHE G 45 0.33 4.05 -24.24
C PHE G 45 0.75 5.33 -23.53
N ASN G 46 0.07 5.66 -22.44
CA ASN G 46 0.43 6.84 -21.65
C ASN G 46 0.71 6.38 -20.22
N ALA G 47 1.97 6.13 -19.94
CA ALA G 47 2.40 5.64 -18.63
C ALA G 47 2.00 6.55 -17.46
N ALA G 48 2.11 7.86 -17.68
CA ALA G 48 1.78 8.83 -16.65
C ALA G 48 0.31 8.76 -16.25
N GLU G 49 -0.57 8.73 -17.24
CA GLU G 49 -2.00 8.65 -16.96
C GLU G 49 -2.35 7.33 -16.29
N ALA G 50 -1.71 6.25 -16.72
CA ALA G 50 -1.97 4.94 -16.13
C ALA G 50 -1.59 4.93 -14.64
N THR G 51 -0.42 5.49 -14.35
CA THR G 51 0.10 5.59 -13.00
C THR G 51 -0.85 6.41 -12.12
N ALA G 51 -0.42 5.49 -14.34
CA ALA G 51 0.06 5.56 -12.96
C ALA G 51 -0.91 6.38 -12.11
N SER G 52 -1.39 7.48 -12.68
CA SER G 52 -2.31 8.35 -11.97
C SER G 52 -3.66 7.68 -11.68
N VAL G 53 -4.15 6.89 -12.63
CA VAL G 53 -5.41 6.20 -12.39
C VAL G 53 -5.26 5.18 -11.26
N THR G 54 -4.16 4.44 -11.29
CA THR G 54 -3.88 3.45 -10.26
C THR G 54 -3.88 4.08 -8.86
N LYS G 55 -3.32 5.28 -8.77
CA LYS G 55 -3.22 5.99 -7.50
C LYS G 55 -4.54 6.67 -7.12
N ASN G 56 -5.20 7.27 -8.12
CA ASN G 56 -6.29 8.21 -7.86
C ASN G 56 -7.72 7.80 -8.22
N TYR G 57 -7.91 6.56 -8.65
CA TYR G 57 -9.22 6.13 -9.17
C TYR G 57 -10.36 6.36 -8.18
N ASN G 58 -10.08 6.28 -6.89
CA ASN G 58 -11.10 6.32 -5.84
C ASN G 58 -11.60 7.74 -5.59
N GLY G 58 -10.06 6.34 -6.89
CA GLY G 58 -11.05 6.47 -5.84
C GLY G 58 -11.39 7.91 -5.48
N THR G 59 -10.89 8.71 -6.15
CA THR G 59 -11.29 10.11 -6.04
C THR G 59 -12.27 10.48 -7.13
N ILE G 59 -10.88 8.87 -6.25
CA ILE G 59 -11.20 10.28 -6.06
C ILE G 59 -12.18 10.75 -7.12
N LYS G 60 -13.42 10.99 -6.71
CA LYS G 60 -14.44 11.44 -7.64
C LYS G 60 -14.12 12.88 -8.02
N LEU G 61 -14.26 13.19 -9.31
CA LEU G 61 -13.97 14.53 -9.87
C LEU G 61 -14.53 15.72 -9.08
N ARG G 61 -14.11 13.15 -9.32
CA ARG G 61 -13.82 14.50 -9.79
C ARG G 61 -14.99 14.99 -10.64
N LEU G 62 -13.75 16.78 -9.06
CA LEU G 62 -14.07 17.96 -8.28
C LEU G 62 -14.00 19.23 -9.14
N PHE G 62 -14.93 16.25 -11.03
CA PHE G 62 -15.84 16.84 -12.02
C PHE G 62 -17.31 16.90 -11.58
N GLY G 63 -17.56 16.74 -10.28
CA GLY G 63 -18.91 16.72 -9.77
C GLY G 63 -19.72 15.55 -10.30
N ALA G 64 -19.03 14.47 -10.64
CA ALA G 64 -19.67 13.33 -11.30
C ALA G 64 -20.54 12.52 -10.35
N LYS G 65 -21.45 11.72 -10.91
CA LYS G 65 -22.27 10.82 -10.10
C LYS G 65 -21.41 9.68 -9.55
N LEU H 2 -17.64 13.37 -51.03
CA LEU H 2 -18.07 13.12 -49.65
C LEU H 2 -17.26 12.00 -48.99
N ASP H 3 -16.23 11.53 -49.69
CA ASP H 3 -15.36 10.48 -49.16
C ASP H 3 -14.03 11.07 -48.69
N ALA H 4 -14.05 12.36 -48.38
CA ALA H 4 -12.83 13.08 -48.03
C ALA H 4 -12.26 12.64 -46.68
N PHE H 5 -12.94 11.70 -46.03
CA PHE H 5 -12.48 11.16 -44.75
C PHE H 5 -12.25 9.66 -44.85
N SER H 6 -13.10 8.98 -45.61
CA SER H 6 -13.02 7.54 -45.73
C SER H 6 -11.72 7.10 -46.41
N LYS H 7 -11.14 7.98 -47.22
CA LYS H 7 -9.87 7.69 -47.86
C LYS H 7 -8.74 7.69 -46.84
N VAL H 8 -8.93 8.40 -45.73
CA VAL H 8 -7.95 8.40 -44.65
C VAL H 8 -7.98 7.08 -43.87
N ILE H 9 -9.18 6.52 -43.72
CA ILE H 9 -9.36 5.27 -42.97
C ILE H 9 -8.53 4.13 -43.55
N THR H 10 -8.33 4.15 -44.86
CA THR H 10 -7.57 3.10 -45.52
C THR H 10 -6.08 3.45 -45.67
N SER H 11 -5.72 4.71 -45.41
CA SER H 11 -4.33 5.15 -45.55
C SER H 11 -3.41 4.37 -44.61
N ALA H 12 -2.27 3.93 -45.14
CA ALA H 12 -1.30 3.16 -44.37
C ALA H 12 -0.41 4.08 -43.53
N ASP H 13 0.03 5.18 -44.12
CA ASP H 13 0.84 6.17 -43.43
C ASP H 13 0.00 6.98 -42.45
N GLY H 14 0.61 7.98 -41.83
CA GLY H 14 -0.09 8.83 -40.88
C GLY H 14 -0.56 10.14 -41.51
N LYS H 15 -0.73 10.14 -42.83
CA LYS H 15 -1.05 11.37 -43.55
C LYS H 15 -2.48 11.87 -43.35
N ALA H 16 -2.60 13.05 -42.77
CA ALA H 16 -3.91 13.65 -42.51
C ALA H 16 -4.56 14.16 -43.79
N ALA H 17 -5.89 14.20 -43.77
CA ALA H 17 -6.63 14.94 -44.77
C ALA H 17 -7.33 16.12 -44.11
N TYR H 18 -7.45 17.20 -44.86
CA TYR H 18 -8.03 18.43 -44.38
C TYR H 18 -9.23 18.79 -45.24
N VAL H 19 -10.34 19.12 -44.60
CA VAL H 19 -11.55 19.44 -45.34
C VAL H 19 -12.13 20.77 -44.87
N GLY H 20 -12.13 21.74 -45.77
CA GLY H 20 -12.66 23.06 -45.47
C GLY H 20 -13.46 23.58 -46.65
N GLY H 21 -13.84 24.85 -46.57
CA GLY H 21 -14.50 25.54 -47.67
C GLY H 21 -15.72 24.81 -48.22
N ALA H 22 -15.80 24.73 -49.55
CA ALA H 22 -16.94 24.13 -50.22
C ALA H 22 -17.12 22.65 -49.88
N ASP H 23 -16.01 21.93 -49.72
CA ASP H 23 -16.05 20.52 -49.37
C ASP H 23 -16.66 20.31 -47.98
N LEU H 24 -16.30 21.17 -47.04
CA LEU H 24 -16.83 21.06 -45.69
C LEU H 24 -18.29 21.48 -45.67
N GLN H 25 -18.63 22.50 -46.45
CA GLN H 25 -20.01 22.94 -46.58
C GLN H 25 -20.89 21.80 -47.07
N ALA H 26 -20.39 21.05 -48.05
CA ALA H 26 -21.12 19.92 -48.60
C ALA H 26 -21.27 18.79 -47.58
N LEU H 27 -20.18 18.50 -46.85
CA LEU H 27 -20.22 17.48 -45.82
C LEU H 27 -21.26 17.84 -44.75
N LYS H 28 -21.20 19.08 -44.29
CA LYS H 28 -22.10 19.55 -43.24
C LYS H 28 -23.56 19.50 -43.70
N LYS H 29 -23.79 19.72 -44.98
CA LYS H 29 -25.14 19.74 -45.55
C LYS H 29 -25.69 18.32 -45.75
N PHE H 30 -24.79 17.37 -45.98
CA PHE H 30 -25.20 15.98 -46.23
C PHE H 30 -25.74 15.27 -44.98
N VAL H 31 -25.07 15.49 -43.85
CA VAL H 31 -25.53 14.95 -42.57
C VAL H 31 -26.52 15.93 -41.91
N SER H 32 -27.20 15.49 -40.86
CA SER H 32 -28.13 16.37 -40.18
C SER H 32 -27.42 17.28 -39.19
N GLU H 33 -27.95 18.49 -39.04
CA GLU H 33 -27.48 19.46 -38.04
C GLU H 33 -25.97 19.65 -38.04
N GLY H 34 -25.42 19.97 -39.21
CA GLY H 34 -23.97 20.04 -39.39
C GLY H 34 -23.19 20.80 -38.34
N ASN H 35 -23.64 21.99 -38.00
CA ASN H 35 -22.91 22.81 -37.05
C ASN H 35 -22.88 22.23 -35.64
N LYS H 36 -24.05 21.86 -35.12
CA LYS H 36 -24.14 21.24 -33.80
C LYS H 36 -23.36 19.92 -33.78
N ARG H 37 -23.41 19.22 -34.90
CA ARG H 37 -22.63 18.00 -35.09
C ARG H 37 -21.13 18.26 -34.94
N MET H 38 -20.61 19.34 -35.53
CA MET H 38 -19.17 19.64 -35.39
C MET H 38 -18.82 20.04 -33.95
N ASP H 39 -19.72 20.79 -33.31
CA ASP H 39 -19.51 21.10 -31.89
C ASP H 39 -19.48 19.82 -31.06
N SER H 40 -20.31 18.87 -31.42
CA SER H 40 -20.38 17.61 -30.68
C SER H 40 -19.12 16.79 -30.86
N VAL H 41 -18.61 16.73 -32.08
CA VAL H 41 -17.36 16.03 -32.33
C VAL H 41 -16.20 16.70 -31.56
N ASN H 42 -16.20 18.02 -31.59
CA ASN H 42 -15.19 18.81 -30.89
C ASN H 42 -15.24 18.54 -29.40
N ALA H 43 -16.45 18.40 -28.85
CA ALA H 43 -16.62 18.13 -27.43
C ALA H 43 -15.93 16.82 -27.05
N ILE H 44 -16.08 15.81 -27.91
CA ILE H 44 -15.45 14.52 -27.64
C ILE H 44 -13.94 14.60 -27.77
N VAL H 45 -13.45 15.12 -28.89
CA VAL H 45 -12.01 15.09 -29.11
C VAL H 45 -11.23 16.07 -28.24
N SER H 46 -11.81 17.23 -27.94
CA SER H 46 -11.13 18.21 -27.08
C SER H 46 -11.00 17.73 -25.63
N ASN H 47 -11.82 16.76 -25.24
CA ASN H 47 -11.87 16.28 -23.87
C ASN H 47 -11.50 14.80 -23.75
N ALA H 48 -10.82 14.26 -24.76
CA ALA H 48 -10.66 12.81 -24.86
C ALA H 48 -9.91 12.22 -23.68
N SER H 49 -8.85 12.90 -23.23
CA SER H 49 -8.04 12.34 -22.15
C SER H 49 -8.83 12.28 -20.85
N CYS H 50 -9.60 13.33 -20.55
CA CYS H 50 -10.36 13.32 -19.29
C CYS H 50 -11.59 12.39 -19.34
N ILE H 51 -12.21 12.26 -20.50
CA ILE H 51 -13.31 11.30 -20.65
C ILE H 51 -12.79 9.89 -20.37
N VAL H 52 -11.65 9.57 -20.98
CA VAL H 52 -11.08 8.23 -20.84
C VAL H 52 -10.64 7.99 -19.41
N SER H 53 -9.98 8.97 -18.81
CA SER H 53 -9.47 8.81 -17.46
C SER H 53 -10.61 8.63 -16.47
N ASP H 54 -11.67 9.43 -16.62
CA ASP H 54 -12.77 9.36 -15.68
C ASP H 54 -13.55 8.05 -15.83
N SER H 55 -13.67 7.55 -17.06
CA SER H 55 -14.44 6.34 -17.30
C SER H 55 -13.74 5.08 -16.77
N VAL H 56 -12.45 4.96 -17.09
CA VAL H 56 -11.65 3.86 -16.58
C VAL H 56 -11.54 3.94 -15.04
N SER H 57 -11.32 5.15 -14.51
CA SER H 57 -11.28 5.33 -13.05
C SER H 57 -12.59 4.88 -12.42
N GLY H 58 -13.72 5.20 -13.05
CA GLY H 58 -15.01 4.77 -12.52
C GLY H 58 -15.16 3.27 -12.57
N MET H 59 -14.61 2.66 -13.61
CA MET H 59 -14.66 1.20 -13.71
C MET H 59 -13.96 0.57 -12.51
N VAL H 60 -12.81 1.14 -12.15
CA VAL H 60 -12.02 0.59 -11.04
C VAL H 60 -12.64 0.92 -9.68
N CYS H 61 -13.21 2.12 -9.53
CA CYS H 61 -13.75 2.45 -8.20
C CYS H 61 -15.02 1.65 -7.90
N GLU H 62 -15.77 1.28 -8.92
CA GLU H 62 -16.87 0.33 -8.76
C GLU H 62 -16.36 -1.07 -8.42
N ASN H 63 -15.23 -1.44 -9.01
CA ASN H 63 -14.66 -2.78 -8.81
C ASN H 63 -13.13 -2.76 -8.63
N PRO H 64 -12.68 -2.45 -7.40
CA PRO H 64 -11.26 -2.35 -7.04
C PRO H 64 -10.46 -3.63 -7.29
N SER H 65 -11.11 -4.79 -7.34
CA SER H 65 -10.38 -6.02 -7.62
C SER H 65 -9.70 -5.99 -8.99
N LEU H 66 -10.15 -5.11 -9.88
CA LEU H 66 -9.54 -4.99 -11.20
C LEU H 66 -8.07 -4.55 -11.17
N ILE H 67 -7.64 -3.92 -10.07
CA ILE H 67 -6.23 -3.55 -9.95
C ILE H 67 -5.46 -4.43 -8.97
N ALA H 68 -6.14 -5.43 -8.42
CA ALA H 68 -5.49 -6.42 -7.56
C ALA H 68 -4.82 -7.47 -8.45
N PRO H 69 -3.89 -8.28 -7.88
CA PRO H 69 -3.26 -9.32 -8.69
C PRO H 69 -4.30 -10.20 -9.41
N ASN H 70 -3.98 -10.63 -10.62
CA ASN H 70 -4.91 -11.39 -11.49
C ASN H 70 -6.00 -10.50 -12.08
N GLY H 71 -5.97 -9.21 -11.75
CA GLY H 71 -7.03 -8.30 -12.14
C GLY H 71 -6.80 -7.73 -13.53
N GLY H 72 -7.87 -7.30 -14.17
CA GLY H 72 -7.79 -6.86 -15.56
C GLY H 72 -6.85 -5.69 -15.84
N VAL H 73 -6.70 -4.76 -14.89
CA VAL H 73 -5.79 -3.63 -15.06
C VAL H 73 -4.74 -3.55 -13.95
N TYR H 74 -4.40 -4.71 -13.40
CA TYR H 74 -3.26 -4.84 -12.50
C TYR H 74 -1.94 -4.62 -13.25
N THR H 75 -1.06 -3.82 -12.68
CA THR H 75 0.21 -3.34 -13.28
C THR H 75 -0.01 -2.18 -14.24
N ASN H 76 1.02 -1.35 -14.36
CA ASN H 76 0.89 -0.16 -15.21
C ASN H 76 0.78 -0.52 -16.68
N ARG H 77 1.47 -1.59 -17.07
CA ARG H 77 1.39 -2.11 -18.44
C ARG H 77 -0.06 -2.41 -18.86
N LYS H 78 -0.82 -3.10 -18.01
CA LYS H 78 -2.20 -3.42 -18.35
C LYS H 78 -3.12 -2.20 -18.27
N MET H 79 -2.95 -1.39 -17.22
CA MET H 79 -3.75 -0.18 -17.06
C MET H 79 -3.58 0.73 -18.28
N ALA H 80 -2.34 0.85 -18.75
CA ALA H 80 -2.08 1.70 -19.92
C ALA H 80 -2.73 1.15 -21.18
N ALA H 81 -2.72 -0.19 -21.35
CA ALA H 81 -3.38 -0.80 -22.50
C ALA H 81 -4.89 -0.56 -22.46
N CYS H 82 -5.43 -0.53 -21.26
CA CYS H 82 -6.86 -0.27 -21.10
C CYS H 82 -7.23 1.19 -21.45
N LEU H 83 -6.47 2.15 -20.91
CA LEU H 83 -6.71 3.56 -21.24
C LEU H 83 -6.57 3.80 -22.74
N ARG H 84 -5.62 3.10 -23.36
CA ARG H 84 -5.44 3.19 -24.80
C ARG H 84 -6.69 2.69 -25.54
N ASP H 85 -7.19 1.52 -25.14
CA ASP H 85 -8.37 0.97 -25.81
C ASP H 85 -9.59 1.88 -25.66
N ALA H 86 -9.77 2.41 -24.47
CA ALA H 86 -10.87 3.34 -24.21
C ALA H 86 -10.78 4.53 -25.18
N GLU H 87 -9.57 5.07 -25.35
CA GLU H 87 -9.40 6.19 -26.28
C GLU H 87 -9.65 5.76 -27.73
N ILE H 88 -9.12 4.60 -28.12
CA ILE H 88 -9.37 4.05 -29.45
C ILE H 88 -10.87 3.96 -29.72
N ILE H 89 -11.61 3.37 -28.80
CA ILE H 89 -13.08 3.24 -28.95
C ILE H 89 -13.74 4.60 -29.03
N LEU H 90 -13.36 5.51 -28.13
CA LEU H 90 -13.95 6.84 -28.10
C LEU H 90 -13.71 7.57 -29.44
N ARG H 91 -12.53 7.37 -30.01
CA ARG H 91 -12.22 8.07 -31.25
C ARG H 91 -12.95 7.49 -32.45
N TYR H 92 -13.14 6.17 -32.49
CA TYR H 92 -14.03 5.59 -33.50
C TYR H 92 -15.46 6.10 -33.33
N VAL H 93 -15.88 6.33 -32.10
CA VAL H 93 -17.21 6.93 -31.87
C VAL H 93 -17.24 8.37 -32.38
N SER H 94 -16.18 9.13 -32.12
CA SER H 94 -16.11 10.51 -32.63
C SER H 94 -16.19 10.56 -34.16
N TYR H 95 -15.53 9.60 -34.82
CA TYR H 95 -15.59 9.53 -36.27
C TYR H 95 -16.99 9.16 -36.78
N SER H 96 -17.67 8.27 -36.06
CA SER H 96 -19.04 7.90 -36.41
C SER H 96 -19.93 9.14 -36.36
N LEU H 97 -19.74 9.96 -35.34
CA LEU H 97 -20.56 11.15 -35.18
C LEU H 97 -20.24 12.18 -36.26
N LEU H 98 -18.97 12.26 -36.65
CA LEU H 98 -18.56 13.16 -37.73
C LEU H 98 -19.21 12.76 -39.06
N SER H 99 -19.21 11.46 -39.36
CA SER H 99 -19.65 10.99 -40.66
C SER H 99 -21.14 10.66 -40.70
N GLY H 100 -21.75 10.51 -39.53
CA GLY H 100 -23.16 10.22 -39.44
C GLY H 100 -23.49 8.75 -39.63
N ASP H 101 -22.50 7.88 -39.52
CA ASP H 101 -22.81 6.44 -39.57
C ASP H 101 -21.74 5.62 -38.87
N SER H 102 -22.03 4.36 -38.62
CA SER H 102 -21.15 3.54 -37.79
C SER H 102 -20.39 2.48 -38.59
N SER H 103 -20.38 2.59 -39.92
CA SER H 103 -19.80 1.53 -40.73
C SER H 103 -18.33 1.27 -40.43
N VAL H 104 -17.57 2.35 -40.25
CA VAL H 104 -16.14 2.21 -39.96
C VAL H 104 -15.91 1.68 -38.55
N LEU H 105 -16.70 2.18 -37.60
CA LEU H 105 -16.66 1.68 -36.23
C LEU H 105 -16.89 0.16 -36.18
N GLU H 106 -17.93 -0.30 -36.87
CA GLU H 106 -18.24 -1.73 -36.89
C GLU H 106 -17.12 -2.56 -37.55
N ASP H 107 -16.58 -2.05 -38.65
CA ASP H 107 -15.65 -2.79 -39.48
C ASP H 107 -14.24 -2.83 -38.90
N ARG H 108 -13.75 -1.67 -38.48
CA ARG H 108 -12.35 -1.54 -38.07
C ARG H 108 -12.10 -1.56 -36.55
N CYS H 109 -13.16 -1.39 -35.77
CA CYS H 109 -13.02 -1.42 -34.32
C CYS H 109 -13.70 -2.63 -33.68
N LEU H 110 -14.96 -2.89 -34.04
CA LEU H 110 -15.73 -3.91 -33.34
C LEU H 110 -15.59 -5.33 -33.87
N ASN H 111 -15.37 -5.47 -35.19
CA ASN H 111 -15.28 -6.77 -35.84
C ASN H 111 -14.06 -7.54 -35.34
N GLY H 112 -14.30 -8.57 -34.53
CA GLY H 112 -13.23 -9.38 -33.99
C GLY H 112 -12.82 -8.96 -32.59
N LEU H 113 -13.35 -7.84 -32.09
CA LEU H 113 -12.86 -7.30 -30.81
C LEU H 113 -13.27 -8.14 -29.61
N LYS H 114 -14.50 -8.63 -29.60
CA LYS H 114 -14.95 -9.48 -28.50
C LYS H 114 -14.12 -10.77 -28.39
N GLU H 115 -13.81 -11.36 -29.54
CA GLU H 115 -12.97 -12.58 -29.57
C GLU H 115 -11.57 -12.28 -29.04
N THR H 116 -11.06 -11.12 -29.39
CA THR H 116 -9.75 -10.68 -28.91
C THR H 116 -9.75 -10.53 -27.38
N TYR H 117 -10.77 -9.86 -26.85
CA TYR H 117 -10.87 -9.69 -25.40
C TYR H 117 -11.08 -11.02 -24.67
N ALA H 118 -11.89 -11.91 -25.24
CA ALA H 118 -12.07 -13.25 -24.69
C ALA H 118 -10.75 -14.00 -24.57
N SER H 119 -9.97 -13.98 -25.64
CA SER H 119 -8.69 -14.69 -25.62
C SER H 119 -7.70 -14.09 -24.59
N LEU H 120 -7.77 -12.78 -24.38
CA LEU H 120 -6.88 -12.08 -23.45
C LEU H 120 -7.38 -12.12 -22.01
N GLY H 121 -8.66 -12.39 -21.83
CA GLY H 121 -9.27 -12.33 -20.50
C GLY H 121 -9.57 -10.90 -20.08
N VAL H 122 -9.82 -10.02 -21.05
CA VAL H 122 -10.24 -8.66 -20.76
C VAL H 122 -11.72 -8.69 -20.39
N PRO H 123 -12.05 -8.29 -19.14
CA PRO H 123 -13.38 -8.63 -18.60
C PRO H 123 -14.52 -7.81 -19.18
N ALA H 124 -15.54 -8.52 -19.66
CA ALA H 124 -16.70 -7.90 -20.28
C ALA H 124 -17.40 -6.91 -19.35
N ALA H 125 -17.46 -7.23 -18.07
CA ALA H 125 -18.18 -6.37 -17.14
C ALA H 125 -17.46 -5.04 -16.95
N GLY H 126 -16.13 -5.11 -16.90
CA GLY H 126 -15.32 -3.90 -16.78
C GLY H 126 -15.53 -3.01 -17.99
N ASN H 127 -15.47 -3.61 -19.18
CA ASN H 127 -15.68 -2.85 -20.41
C ASN H 127 -17.05 -2.20 -20.46
N ALA H 128 -18.07 -2.95 -20.07
CA ALA H 128 -19.43 -2.42 -20.07
C ALA H 128 -19.51 -1.16 -19.19
N ARG H 129 -18.83 -1.17 -18.05
CA ARG H 129 -18.89 0.01 -17.18
C ARG H 129 -18.10 1.18 -17.77
N THR H 130 -16.90 0.89 -18.32
CA THR H 130 -16.12 1.94 -18.96
C THR H 130 -16.91 2.62 -20.09
N ILE H 131 -17.52 1.80 -20.95
CA ILE H 131 -18.29 2.33 -22.07
C ILE H 131 -19.49 3.14 -21.57
N SER H 132 -20.16 2.66 -20.53
CA SER H 132 -21.33 3.37 -20.03
C SER H 132 -20.95 4.74 -19.42
N ILE H 133 -19.78 4.83 -18.81
CA ILE H 133 -19.32 6.12 -18.29
C ILE H 133 -18.87 7.06 -19.42
N MET H 134 -18.18 6.53 -20.44
CA MET H 134 -17.78 7.38 -21.57
C MET H 134 -19.03 7.96 -22.22
N LYS H 135 -20.04 7.12 -22.37
CA LYS H 135 -21.31 7.52 -22.97
C LYS H 135 -21.99 8.61 -22.14
N ALA H 136 -22.05 8.39 -20.83
CA ALA H 136 -22.66 9.36 -19.93
C ALA H 136 -21.89 10.68 -19.96
N THR H 137 -20.57 10.57 -20.03
CA THR H 137 -19.72 11.76 -20.04
C THR H 137 -19.96 12.60 -21.30
N VAL H 138 -19.94 11.95 -22.46
CA VAL H 138 -20.13 12.64 -23.73
C VAL H 138 -21.52 13.27 -23.81
N ILE H 139 -22.53 12.50 -23.43
CA ILE H 139 -23.90 12.99 -23.39
C ILE H 139 -24.01 14.18 -22.43
N GLY H 140 -23.26 14.12 -21.33
CA GLY H 140 -23.24 15.22 -20.37
C GLY H 140 -22.73 16.52 -20.97
N PHE H 141 -21.61 16.47 -21.68
CA PHE H 141 -21.10 17.67 -22.37
C PHE H 141 -22.12 18.22 -23.35
N ILE H 142 -22.68 17.33 -24.15
CA ILE H 142 -23.55 17.70 -25.26
C ILE H 142 -24.87 18.29 -24.76
N THR H 143 -25.28 17.90 -23.55
CA THR H 143 -26.57 18.34 -23.01
C THR H 143 -26.42 19.35 -21.89
N ASN H 144 -25.25 19.96 -21.79
CA ASN H 144 -24.96 20.99 -20.79
C ASN H 144 -25.09 20.52 -19.34
N ASN H 145 -24.84 19.23 -19.12
CA ASN H 145 -24.90 18.65 -17.78
C ASN H 145 -23.53 18.39 -17.16
N SER H 146 -22.47 18.71 -17.90
CA SER H 146 -21.13 18.61 -17.35
C SER H 146 -20.93 19.73 -16.32
N GLN H 147 -20.36 19.39 -15.17
CA GLN H 147 -20.32 20.32 -14.05
C GLN H 147 -19.03 21.13 -13.94
N GLN H 148 -17.94 20.59 -14.49
N GLN H 148 -17.93 20.61 -14.47
CA GLN H 148 -16.61 21.17 -14.35
CA GLN H 148 -16.68 21.33 -14.33
C GLN H 148 -16.08 21.85 -15.63
C GLN H 148 -16.39 22.19 -15.56
N LYS H 149 -16.83 21.72 -16.71
CA LYS H 149 -16.50 22.35 -17.97
C LYS H 149 -17.72 22.35 -18.88
N LYS H 150 -18.17 23.54 -19.31
CA LYS H 150 -19.25 23.65 -20.28
C LYS H 150 -18.65 23.92 -21.65
N LEU H 151 -19.35 23.52 -22.70
CA LEU H 151 -18.88 23.80 -24.06
C LEU H 151 -19.07 25.28 -24.38
N SER H 152 -18.26 25.80 -25.30
CA SER H 152 -18.43 27.17 -25.75
C SER H 152 -19.24 27.18 -27.05
N THR H 153 -20.55 27.13 -26.90
CA THR H 153 -21.47 27.04 -28.03
C THR H 153 -22.65 27.95 -27.76
N PRO H 154 -23.43 28.30 -28.81
CA PRO H 154 -24.69 28.98 -28.52
C PRO H 154 -25.60 28.04 -27.71
N ALA H 155 -26.38 28.60 -26.79
CA ALA H 155 -27.30 27.79 -26.02
C ALA H 155 -28.39 27.24 -26.92
N GLY H 156 -28.73 25.97 -26.73
CA GLY H 156 -29.76 25.35 -27.52
C GLY H 156 -29.95 23.89 -27.17
N ASP H 157 -30.66 23.19 -28.05
CA ASP H 157 -31.06 21.81 -27.81
C ASP H 157 -30.24 20.85 -28.68
N CYS H 158 -29.49 19.95 -28.06
CA CYS H 158 -28.68 19.00 -28.82
C CYS H 158 -29.09 17.56 -28.51
N SER H 159 -30.36 17.37 -28.15
CA SER H 159 -30.80 16.06 -27.69
C SER H 159 -30.77 15.01 -28.79
N ALA H 160 -31.03 15.40 -30.03
CA ALA H 160 -30.97 14.45 -31.15
C ALA H 160 -29.55 13.90 -31.32
N LEU H 161 -28.56 14.79 -31.33
CA LEU H 161 -27.17 14.33 -31.45
C LEU H 161 -26.73 13.50 -30.24
N ALA H 162 -27.22 13.87 -29.06
CA ALA H 162 -26.95 13.09 -27.87
C ALA H 162 -27.48 11.67 -28.03
N SER H 163 -28.68 11.54 -28.59
CA SER H 163 -29.26 10.23 -28.85
C SER H 163 -28.48 9.46 -29.91
N GLU H 164 -28.03 10.17 -30.94
CA GLU H 164 -27.27 9.54 -32.03
C GLU H 164 -25.92 8.99 -31.53
N VAL H 165 -25.20 9.80 -30.76
CA VAL H 165 -23.92 9.32 -30.24
C VAL H 165 -24.13 8.22 -29.21
N GLY H 166 -25.21 8.29 -28.45
CA GLY H 166 -25.58 7.23 -27.53
C GLY H 166 -25.75 5.89 -28.23
N GLY H 167 -26.37 5.90 -29.40
CA GLY H 167 -26.54 4.71 -30.21
C GLY H 167 -25.22 4.10 -30.65
N TYR H 168 -24.24 4.95 -30.96
CA TYR H 168 -22.93 4.44 -31.36
C TYR H 168 -22.23 3.76 -30.20
N PHE H 169 -22.31 4.37 -29.01
CA PHE H 169 -21.78 3.70 -27.83
C PHE H 169 -22.50 2.37 -27.60
N ASP H 170 -23.82 2.37 -27.80
CA ASP H 170 -24.61 1.16 -27.59
C ASP H 170 -24.18 0.05 -28.55
N LYS H 171 -23.73 0.43 -29.74
CA LYS H 171 -23.22 -0.55 -30.68
C LYS H 171 -21.95 -1.20 -30.12
N VAL H 172 -21.13 -0.40 -29.46
CA VAL H 172 -19.92 -0.92 -28.83
C VAL H 172 -20.30 -1.87 -27.67
N SER H 173 -21.19 -1.40 -26.80
CA SER H 173 -21.69 -2.20 -25.68
C SER H 173 -22.23 -3.56 -26.13
N SER H 174 -23.08 -3.52 -27.17
CA SER H 174 -23.71 -4.72 -27.69
C SER H 174 -22.71 -5.69 -28.28
N ALA H 175 -21.70 -5.17 -28.98
CA ALA H 175 -20.69 -6.04 -29.58
C ALA H 175 -19.80 -6.72 -28.53
N LEU H 176 -19.59 -6.06 -27.40
CA LEU H 176 -18.68 -6.56 -26.38
C LEU H 176 -19.33 -7.35 -25.24
N ALA H 177 -20.67 -7.31 -25.16
CA ALA H 177 -21.39 -7.97 -24.09
C ALA H 177 -21.06 -9.46 -24.00
N ALA I 1 -21.58 -12.59 10.27
CA ALA I 1 -20.98 -13.19 11.45
C ALA I 1 -19.84 -12.34 12.00
N MET I 2 -19.62 -12.43 13.31
CA MET I 2 -18.49 -11.82 13.98
C MET I 2 -17.20 -12.54 13.52
N LYS I 3 -16.26 -11.78 12.96
CA LYS I 3 -15.13 -12.34 12.22
C LYS I 3 -13.87 -12.60 13.05
N ASP I 5 -11.60 -10.61 14.16
CA ASP I 5 -10.42 -9.90 13.66
C ASP I 5 -10.25 -8.53 14.31
N SER I 6 -11.08 -8.27 15.34
CA SER I 6 -11.02 -7.03 16.12
C SER I 6 -11.37 -5.78 15.32
N LYS I 7 -11.93 -5.94 14.12
CA LYS I 7 -12.22 -4.78 13.28
C LYS I 7 -13.58 -4.19 13.59
N ALA I 8 -13.61 -2.87 13.71
CA ALA I 8 -14.84 -2.13 14.05
C ALA I 8 -14.90 -0.89 13.19
N PRO I 9 -16.11 -0.39 12.94
CA PRO I 9 -16.28 0.87 12.20
C PRO I 9 -15.82 2.07 13.04
N CYS I 10 -14.83 2.77 12.54
CA CYS I 10 -14.33 3.96 13.21
C CYS I 10 -14.89 5.20 12.56
N VAL I 11 -15.81 5.85 13.27
CA VAL I 11 -16.55 6.99 12.72
C VAL I 11 -15.96 8.29 13.25
N GLU I 12 -15.74 9.23 12.35
CA GLU I 12 -15.30 10.57 12.75
C GLU I 12 -16.25 11.60 12.15
N VAL I 13 -16.62 12.59 12.97
CA VAL I 13 -17.60 13.61 12.59
C VAL I 13 -16.89 14.97 12.55
N PHE I 14 -17.07 15.73 11.47
CA PHE I 14 -16.39 17.02 11.33
C PHE I 14 -17.34 18.21 11.17
N ASP I 15 -17.08 19.26 11.93
CA ASP I 15 -17.81 20.50 11.79
C ASP I 15 -16.79 21.62 11.75
N GLU I 16 -16.50 22.09 10.55
CA GLU I 16 -15.47 23.09 10.34
C GLU I 16 -16.08 24.39 9.81
N ARG I 17 -17.25 24.73 10.31
CA ARG I 17 -17.91 25.97 9.90
C ARG I 17 -17.14 27.21 10.32
N ASP I 18 -16.25 27.07 11.30
CA ASP I 18 -15.44 28.22 11.75
C ASP I 18 -14.46 28.69 10.68
N GLY I 19 -14.29 27.87 9.64
CA GLY I 19 -13.48 28.24 8.51
C GLY I 19 -12.02 27.85 8.64
N CYS I 20 -11.64 27.25 9.77
CA CYS I 20 -10.26 26.81 9.95
C CYS I 20 -10.01 25.53 9.16
N LYS I 21 -9.14 25.61 8.17
CA LYS I 21 -8.88 24.47 7.30
C LYS I 21 -7.44 23.98 7.41
N ALA I 22 -7.30 22.66 7.49
CA ALA I 22 -5.96 22.05 7.48
C ALA I 22 -5.67 21.57 6.07
N ALA I 23 -4.44 21.82 5.62
CA ALA I 23 -4.06 21.48 4.26
C ALA I 23 -4.23 19.98 3.97
N GLY I 24 -4.78 19.68 2.79
CA GLY I 24 -4.93 18.33 2.32
C GLY I 24 -5.95 17.48 3.08
N THR I 25 -6.93 18.13 3.70
CA THR I 25 -7.96 17.37 4.43
C THR I 25 -9.31 17.36 3.71
N GLN I 26 -9.40 18.07 2.59
CA GLN I 26 -10.63 18.04 1.81
C GLN I 26 -10.63 16.72 1.03
N LYS I 27 -11.62 15.88 1.30
CA LYS I 27 -11.64 14.51 0.80
C LYS I 27 -12.96 14.25 0.10
N ALA I 28 -13.83 15.25 0.13
CA ALA I 28 -15.14 15.11 -0.48
C ALA I 28 -15.61 16.47 -1.00
N SER I 29 -16.64 16.45 -1.82
CA SER I 29 -17.23 17.68 -2.33
C SER I 29 -18.11 18.30 -1.25
N GLY I 30 -17.95 19.60 -1.03
CA GLY I 30 -18.78 20.33 -0.09
C GLY I 30 -18.06 21.52 0.49
N ASP I 31 -18.81 22.55 0.85
CA ASP I 31 -18.21 23.75 1.40
C ASP I 31 -19.00 24.30 2.59
N ASP I 32 -19.92 23.49 3.13
CA ASP I 32 -20.75 23.92 4.25
C ASP I 32 -20.17 23.54 5.61
N GLY I 33 -18.98 22.95 5.59
CA GLY I 33 -18.23 22.70 6.82
C GLY I 33 -18.42 21.34 7.45
N PHE I 34 -19.33 20.52 6.92
CA PHE I 34 -19.66 19.22 7.51
C PHE I 34 -19.10 18.04 6.74
N CYS I 35 -18.70 17.02 7.48
CA CYS I 35 -18.21 15.79 6.88
C CYS I 35 -18.26 14.66 7.89
N VAL I 36 -18.50 13.46 7.37
CA VAL I 36 -18.43 12.24 8.17
C VAL I 36 -17.49 11.26 7.49
N LYS I 37 -16.57 10.70 8.27
CA LYS I 37 -15.60 9.72 7.80
C LYS I 37 -15.85 8.38 8.48
N VAL I 38 -15.80 7.29 7.72
CA VAL I 38 -15.89 5.97 8.30
C VAL I 38 -14.83 5.06 7.69
N SER I 39 -14.07 4.38 8.53
CA SER I 39 -13.16 3.35 8.08
C SER I 39 -13.40 2.09 8.92
N MET I 40 -12.85 0.97 8.48
CA MET I 40 -12.90 -0.27 9.26
C MET I 40 -11.49 -0.58 9.72
N LYS I 41 -11.26 -0.49 11.02
CA LYS I 41 -9.93 -0.64 11.59
C LYS I 41 -9.89 -1.71 12.67
N ALA I 42 -8.77 -2.41 12.78
CA ALA I 42 -8.54 -3.30 13.92
C ALA I 42 -8.34 -2.44 15.16
N ILE I 43 -9.07 -2.75 16.23
CA ILE I 43 -8.93 -2.01 17.48
C ILE I 43 -7.81 -2.69 18.24
N LYS I 44 -6.79 -1.93 18.60
CA LYS I 44 -5.60 -2.50 19.21
C LYS I 44 -5.69 -2.59 20.73
N GLY I 44 -6.80 -1.91 18.61
CA GLY I 44 -5.61 -2.46 19.23
C GLY I 44 -5.57 -2.37 20.74
N MET I 45 -4.70 -3.21 21.34
CA MET I 45 -4.62 -3.32 22.79
C MET I 45 -3.83 -2.15 23.35
N PHE I 45 -4.84 -3.30 21.35
CA PHE I 45 -4.65 -3.32 22.80
C PHE I 45 -3.93 -2.07 23.28
N ASN I 46 -4.30 -1.60 24.47
CA ASN I 46 -3.65 -0.45 25.08
C ASN I 46 -3.15 -0.86 26.46
N ALA I 47 -1.89 -1.27 26.54
CA ALA I 47 -1.32 -1.75 27.79
C ALA I 47 -1.36 -0.71 28.92
N ALA I 48 -1.17 0.55 28.55
CA ALA I 48 -1.18 1.63 29.53
C ALA I 48 -2.55 1.79 30.17
N GLU I 49 -3.61 1.71 29.38
CA GLU I 49 -4.95 1.86 29.95
C GLU I 49 -5.32 0.65 30.78
N ALA I 50 -4.85 -0.52 30.36
CA ALA I 50 -5.13 -1.75 31.09
C ALA I 50 -4.47 -1.71 32.46
N THR I 51 -3.24 -1.24 32.50
CA THR I 51 -2.48 -1.10 33.74
C THR I 51 -3.18 -0.12 34.69
N ALA I 51 -3.23 -1.24 32.51
CA ALA I 51 -2.50 -1.10 33.77
C ALA I 51 -3.20 -0.13 34.70
N SER I 52 -3.71 0.97 34.13
CA SER I 52 -4.39 1.99 34.93
C SER I 52 -5.69 1.49 35.56
N VAL I 53 -6.49 0.76 34.77
CA VAL I 53 -7.73 0.22 35.32
C VAL I 53 -7.43 -0.76 36.44
N THR I 54 -6.43 -1.61 36.24
CA THR I 54 -6.05 -2.59 37.27
C THR I 54 -5.71 -1.92 38.61
N LYS I 55 -5.04 -0.78 38.53
CA LYS I 55 -4.65 -0.03 39.71
C LYS I 55 -5.78 0.84 40.26
N ASN I 56 -6.52 1.48 39.37
CA ASN I 56 -7.39 2.59 39.75
C ASN I 56 -8.91 2.33 39.69
N TYR I 57 -9.32 1.10 39.42
CA TYR I 57 -10.75 0.82 39.19
C TYR I 57 -11.68 1.26 40.32
N ASN I 58 -11.19 1.28 41.57
CA ASN I 58 -12.05 1.62 42.71
C ASN I 58 -12.08 3.12 43.03
N GLY I 58 -11.18 1.25 41.56
CA GLY I 58 -12.01 1.46 42.74
C GLY I 58 -12.25 2.94 43.05
N THR I 59 -11.64 3.81 42.26
CA THR I 59 -11.79 5.24 42.46
C THR I 59 -12.75 5.84 41.46
N ILE I 59 -11.53 3.93 42.14
CA ILE I 59 -11.67 5.37 42.25
C ILE I 59 -12.81 5.82 41.36
N LYS I 60 -13.89 6.34 41.96
CA LYS I 60 -14.94 6.90 41.15
C LYS I 60 -14.47 8.22 40.56
N LEU I 61 -14.88 8.51 39.33
CA LEU I 61 -14.49 9.76 38.66
C LEU I 61 -14.77 11.00 39.51
N ARG I 61 -14.85 8.49 39.33
CA ARG I 61 -14.54 9.76 38.73
C ARG I 61 -15.78 10.30 38.06
N LEU I 62 -13.80 11.92 39.51
CA LEU I 62 -13.89 13.15 40.31
C LEU I 62 -14.22 14.38 39.45
N PHE I 62 -15.67 11.52 37.55
CA PHE I 62 -16.73 12.15 36.76
C PHE I 62 -18.05 12.30 37.52
N GLY I 63 -18.02 12.16 38.84
CA GLY I 63 -19.22 12.27 39.64
C GLY I 63 -20.24 11.21 39.34
N ALA I 64 -19.77 10.05 38.90
CA ALA I 64 -20.65 8.95 38.50
C ALA I 64 -21.31 8.25 39.69
N LYS I 65 -22.47 7.67 39.44
CA LYS I 65 -23.17 6.84 40.44
C LYS I 65 -22.30 5.65 40.85
N SER I 66 -22.57 5.11 42.04
CA SER I 66 -21.81 3.96 42.55
C SER I 66 -22.36 2.64 42.02
N ASP J 3 -25.14 4.68 0.38
CA ASP J 3 -24.50 3.40 0.69
C ASP J 3 -22.98 3.48 0.60
N ALA J 4 -22.45 4.69 0.67
CA ALA J 4 -21.00 4.87 0.66
C ALA J 4 -20.35 4.16 1.84
N PHE J 5 -21.04 4.18 2.99
CA PHE J 5 -20.47 3.63 4.21
C PHE J 5 -20.63 2.12 4.30
N SER J 6 -21.69 1.59 3.71
CA SER J 6 -21.91 0.15 3.71
C SER J 6 -20.77 -0.58 2.99
N LYS J 7 -20.22 0.06 1.97
CA LYS J 7 -19.12 -0.54 1.21
C LYS J 7 -17.85 -0.58 2.06
N VAL J 8 -17.71 0.38 2.97
CA VAL J 8 -16.61 0.38 3.92
C VAL J 8 -16.62 -0.85 4.82
N ILE J 9 -17.82 -1.24 5.27
CA ILE J 9 -17.95 -2.39 6.16
C ILE J 9 -17.47 -3.67 5.49
N THR J 10 -17.79 -3.81 4.20
CA THR J 10 -17.50 -5.05 3.47
C THR J 10 -16.17 -5.07 2.70
N SER J 11 -15.47 -3.94 2.62
CA SER J 11 -14.24 -3.87 1.83
C SER J 11 -13.09 -4.66 2.45
N ALA J 12 -12.04 -4.88 1.66
CA ALA J 12 -10.88 -5.63 2.11
C ALA J 12 -9.93 -4.79 2.97
N ASP J 13 -9.70 -3.55 2.55
CA ASP J 13 -8.81 -2.65 3.26
C ASP J 13 -9.52 -1.95 4.41
N GLY J 14 -10.83 -1.75 4.27
CA GLY J 14 -11.58 -0.95 5.22
C GLY J 14 -11.19 0.50 5.11
N LYS J 15 -10.59 0.85 3.96
CA LYS J 15 -10.12 2.20 3.65
C LYS J 15 -11.24 3.22 3.82
N ALA J 16 -10.89 4.41 4.29
CA ALA J 16 -11.90 5.40 4.66
C ALA J 16 -12.75 5.87 3.48
N ALA J 17 -14.04 6.05 3.73
CA ALA J 17 -14.91 6.77 2.81
C ALA J 17 -15.38 8.04 3.51
N TYR J 18 -15.73 9.05 2.71
CA TYR J 18 -16.12 10.35 3.24
C TYR J 18 -17.41 10.83 2.59
N VAL J 19 -18.33 11.30 3.41
CA VAL J 19 -19.55 11.88 2.86
C VAL J 19 -19.64 13.33 3.33
N GLY J 20 -19.79 14.23 2.38
CA GLY J 20 -19.97 15.63 2.67
C GLY J 20 -20.94 16.25 1.69
N GLY J 21 -21.03 17.57 1.73
CA GLY J 21 -21.84 18.33 0.78
C GLY J 21 -23.28 17.88 0.67
N ALA J 22 -23.77 17.84 -0.57
CA ALA J 22 -25.14 17.42 -0.86
C ALA J 22 -25.43 15.98 -0.41
N ASP J 23 -24.42 15.12 -0.52
CA ASP J 23 -24.57 13.72 -0.10
C ASP J 23 -24.86 13.62 1.39
N LEU J 24 -24.09 14.34 2.20
CA LEU J 24 -24.29 14.32 3.64
C LEU J 24 -25.61 15.00 3.98
N GLN J 25 -25.97 16.03 3.22
CA GLN J 25 -27.23 16.71 3.45
C GLN J 25 -28.39 15.73 3.29
N ALA J 26 -28.29 14.87 2.28
CA ALA J 26 -29.33 13.88 2.01
C ALA J 26 -29.39 12.79 3.08
N LEU J 27 -28.23 12.31 3.51
CA LEU J 27 -28.13 11.39 4.65
C LEU J 27 -28.83 11.95 5.89
N LYS J 28 -28.50 13.19 6.23
CA LYS J 28 -29.08 13.83 7.40
C LYS J 28 -30.60 14.01 7.25
N LYS J 29 -31.04 14.26 6.03
CA LYS J 29 -32.46 14.48 5.76
C LYS J 29 -33.28 13.21 5.98
N PHE J 30 -32.70 12.07 5.60
CA PHE J 30 -33.46 10.84 5.60
C PHE J 30 -33.37 9.98 6.88
N VAL J 31 -32.46 10.30 7.79
CA VAL J 31 -32.52 9.76 9.15
C VAL J 31 -33.28 10.74 10.04
N SER J 32 -33.74 10.32 11.20
CA SER J 32 -34.44 11.28 12.06
C SER J 32 -33.43 12.18 12.77
N GLU J 33 -33.78 13.46 12.91
CA GLU J 33 -33.00 14.42 13.68
C GLU J 33 -31.51 14.44 13.32
N GLY J 34 -31.25 14.64 12.03
CA GLY J 34 -29.92 14.53 11.46
C GLY J 34 -28.83 15.27 12.22
N ASN J 35 -29.05 16.56 12.53
CA ASN J 35 -28.03 17.32 13.27
C ASN J 35 -27.78 16.81 14.69
N LYS J 36 -28.85 16.60 15.45
CA LYS J 36 -28.69 16.08 16.82
C LYS J 36 -28.05 14.68 16.78
N ARG J 37 -28.38 13.92 15.74
CA ARG J 37 -27.81 12.59 15.56
C ARG J 37 -26.29 12.66 15.37
N MET J 38 -25.84 13.60 14.54
CA MET J 38 -24.40 13.75 14.30
C MET J 38 -23.69 14.16 15.59
N ASP J 39 -24.32 15.04 16.35
CA ASP J 39 -23.76 15.41 17.67
C ASP J 39 -23.69 14.21 18.60
N SER J 40 -24.68 13.32 18.53
CA SER J 40 -24.73 12.15 19.41
C SER J 40 -23.64 11.14 19.06
N VAL J 41 -23.45 10.91 17.76
CA VAL J 41 -22.37 10.05 17.30
C VAL J 41 -21.04 10.65 17.71
N ASN J 42 -20.89 11.95 17.52
CA ASN J 42 -19.66 12.63 17.92
C ASN J 42 -19.42 12.48 19.42
N ALA J 43 -20.48 12.48 20.21
CA ALA J 43 -20.34 12.33 21.66
C ALA J 43 -19.73 10.97 22.00
N ILE J 44 -20.15 9.95 21.29
CA ILE J 44 -19.67 8.60 21.57
C ILE J 44 -18.20 8.50 21.16
N VAL J 45 -17.91 8.86 19.91
CA VAL J 45 -16.53 8.66 19.42
C VAL J 45 -15.48 9.56 20.06
N SER J 46 -15.84 10.81 20.37
N SER J 46 -15.83 10.81 20.38
CA SER J 46 -14.89 11.74 20.96
CA SER J 46 -14.86 11.73 20.95
C SER J 46 -14.50 11.31 22.38
C SER J 46 -14.55 11.39 22.41
N ASN J 47 -15.38 10.56 23.03
CA ASN J 47 -15.16 10.16 24.42
C ASN J 47 -14.97 8.65 24.58
N ALA J 48 -14.62 7.97 23.49
CA ALA J 48 -14.62 6.50 23.49
C ALA J 48 -13.70 5.96 24.58
N SER J 49 -12.51 6.54 24.70
CA SER J 49 -11.56 6.07 25.72
C SER J 49 -12.09 6.14 27.15
N CYS J 50 -12.65 7.30 27.53
CA CYS J 50 -13.15 7.48 28.90
C CYS J 50 -14.38 6.61 29.13
N ILE J 51 -15.22 6.50 28.11
CA ILE J 51 -16.40 5.65 28.22
C ILE J 51 -16.01 4.20 28.53
N VAL J 52 -15.04 3.68 27.78
CA VAL J 52 -14.64 2.29 27.93
C VAL J 52 -13.94 2.08 29.27
N SER J 53 -13.06 3.01 29.61
CA SER J 53 -12.32 2.92 30.87
C SER J 53 -13.23 2.97 32.09
N ASP J 54 -14.19 3.89 32.11
CA ASP J 54 -15.08 4.01 33.27
C ASP J 54 -16.00 2.78 33.40
N SER J 55 -16.42 2.24 32.26
CA SER J 55 -17.32 1.09 32.26
C SER J 55 -16.66 -0.21 32.70
N VAL J 56 -15.46 -0.47 32.19
CA VAL J 56 -14.70 -1.64 32.62
C VAL J 56 -14.25 -1.48 34.08
N SER J 57 -13.84 -0.28 34.46
CA SER J 57 -13.49 -0.02 35.86
C SER J 57 -14.68 -0.31 36.80
N GLY J 58 -15.87 0.07 36.37
CA GLY J 58 -17.07 -0.12 37.18
C GLY J 58 -17.41 -1.59 37.29
N MET J 59 -17.15 -2.32 36.22
CA MET J 59 -17.37 -3.77 36.24
C MET J 59 -16.50 -4.42 37.32
N VAL J 60 -15.25 -3.99 37.37
CA VAL J 60 -14.32 -4.52 38.37
C VAL J 60 -14.64 -4.02 39.78
N CYS J 61 -15.06 -2.77 39.93
CA CYS J 61 -15.29 -2.32 41.31
C CYS J 61 -16.54 -2.98 41.91
N GLU J 62 -17.50 -3.35 41.05
CA GLU J 62 -18.63 -4.17 41.50
C GLU J 62 -18.15 -5.56 41.91
N ASN J 63 -17.18 -6.10 41.18
CA ASN J 63 -16.69 -7.46 41.40
C ASN J 63 -15.18 -7.58 41.27
N PRO J 64 -14.44 -7.19 42.33
CA PRO J 64 -12.97 -7.11 42.28
C PRO J 64 -12.31 -8.47 42.07
N SER J 65 -13.04 -9.56 42.27
CA SER J 65 -12.51 -10.90 42.00
C SER J 65 -12.18 -11.07 40.52
N LEU J 66 -12.67 -10.17 39.68
CA LEU J 66 -12.38 -10.24 38.24
C LEU J 66 -10.91 -10.01 37.91
N ILE J 67 -10.19 -9.32 38.80
CA ILE J 67 -8.74 -9.17 38.61
C ILE J 67 -7.92 -10.08 39.51
N ALA J 68 -8.59 -10.98 40.23
CA ALA J 68 -7.90 -11.97 41.05
C ALA J 68 -7.59 -13.19 40.17
N PRO J 69 -6.67 -14.06 40.61
CA PRO J 69 -6.37 -15.26 39.83
C PRO J 69 -7.65 -16.01 39.46
N ASN J 70 -7.69 -16.56 38.25
CA ASN J 70 -8.88 -17.20 37.67
C ASN J 70 -9.96 -16.20 37.26
N GLY J 71 -9.67 -14.92 37.40
CA GLY J 71 -10.65 -13.88 37.12
C GLY J 71 -10.67 -13.48 35.66
N GLY J 72 -11.83 -13.03 35.20
CA GLY J 72 -12.01 -12.63 33.82
C GLY J 72 -10.99 -11.63 33.25
N VAL J 73 -10.52 -10.70 34.06
CA VAL J 73 -9.54 -9.72 33.59
C VAL J 73 -8.25 -9.70 34.43
N TYR J 74 -7.92 -10.87 34.98
CA TYR J 74 -6.67 -11.09 35.69
C TYR J 74 -5.52 -11.08 34.67
N THR J 75 -4.44 -10.37 35.02
CA THR J 75 -3.32 -10.05 34.12
C THR J 75 -3.63 -8.94 33.13
N ASN J 76 -2.58 -8.20 32.75
CA ASN J 76 -2.77 -7.08 31.83
C ASN J 76 -3.21 -7.54 30.45
N ARG J 77 -2.74 -8.71 30.03
CA ARG J 77 -3.14 -9.27 28.74
C ARG J 77 -4.66 -9.39 28.62
N LYS J 78 -5.29 -9.92 29.65
CA LYS J 78 -6.74 -10.08 29.66
C LYS J 78 -7.47 -8.75 29.87
N MET J 79 -7.00 -7.93 30.79
CA MET J 79 -7.61 -6.61 30.97
C MET J 79 -7.60 -5.83 29.65
N ALA J 80 -6.48 -5.89 28.94
CA ALA J 80 -6.37 -5.19 27.66
C ALA J 80 -7.32 -5.77 26.60
N ALA J 81 -7.50 -7.09 26.59
CA ALA J 81 -8.43 -7.71 25.63
C ALA J 81 -9.87 -7.25 25.91
N CYS J 82 -10.17 -7.10 27.18
CA CYS J 82 -11.49 -6.66 27.61
C CYS J 82 -11.76 -5.20 27.22
N LEU J 83 -10.80 -4.31 27.46
CA LEU J 83 -10.96 -2.91 27.09
C LEU J 83 -11.08 -2.77 25.59
N ARG J 84 -10.37 -3.64 24.87
CA ARG J 84 -10.50 -3.69 23.41
C ARG J 84 -11.93 -4.06 22.99
N ASP J 85 -12.47 -5.15 23.55
CA ASP J 85 -13.83 -5.58 23.20
C ASP J 85 -14.87 -4.51 23.56
N ALA J 86 -14.70 -3.85 24.70
CA ALA J 86 -15.67 -2.83 25.08
C ALA J 86 -15.65 -1.71 24.03
N GLU J 87 -14.46 -1.33 23.57
CA GLU J 87 -14.37 -0.31 22.54
C GLU J 87 -14.98 -0.78 21.22
N ILE J 88 -14.67 -2.02 20.83
CA ILE J 88 -15.26 -2.61 19.62
C ILE J 88 -16.78 -2.51 19.65
N ILE J 89 -17.37 -2.97 20.74
CA ILE J 89 -18.82 -2.88 20.91
C ILE J 89 -19.34 -1.45 20.84
N LEU J 90 -18.69 -0.55 21.58
CA LEU J 90 -19.11 0.86 21.59
C LEU J 90 -19.08 1.43 20.18
N ARG J 91 -18.04 1.08 19.41
CA ARG J 91 -17.92 1.58 18.05
C ARG J 91 -18.97 1.03 17.09
N TYR J 92 -19.35 -0.24 17.22
CA TYR J 92 -20.48 -0.74 16.42
C TYR J 92 -21.78 -0.04 16.84
N VAL J 93 -21.90 0.29 18.12
CA VAL J 93 -23.07 1.06 18.56
C VAL J 93 -23.05 2.46 17.95
N SER J 94 -21.86 3.06 17.86
CA SER J 94 -21.76 4.39 17.28
C SER J 94 -22.16 4.37 15.81
N TYR J 95 -21.84 3.27 15.13
CA TYR J 95 -22.17 3.14 13.71
C TYR J 95 -23.67 2.92 13.52
N SER J 96 -24.28 2.20 14.47
CA SER J 96 -25.74 2.00 14.44
C SER J 96 -26.48 3.33 14.55
N LEU J 97 -26.01 4.19 15.44
CA LEU J 97 -26.61 5.50 15.65
C LEU J 97 -26.41 6.39 14.41
N LEU J 98 -25.25 6.30 13.78
CA LEU J 98 -25.03 7.05 12.53
C LEU J 98 -25.96 6.59 11.42
N SER J 99 -26.14 5.28 11.29
N SER J 99 -26.13 5.27 11.30
CA SER J 99 -26.90 4.73 10.17
CA SER J 99 -26.88 4.66 10.21
C SER J 99 -28.39 4.63 10.46
C SER J 99 -28.38 4.68 10.46
N GLY J 100 -28.77 4.71 11.73
CA GLY J 100 -30.16 4.66 12.10
C GLY J 100 -30.73 3.26 12.27
N ASP J 101 -29.86 2.25 12.28
CA ASP J 101 -30.30 0.87 12.50
C ASP J 101 -29.16 -0.01 12.99
N SER J 102 -29.49 -1.21 13.46
CA SER J 102 -28.50 -2.07 14.09
C SER J 102 -28.06 -3.27 13.24
N SER J 103 -28.33 -3.24 11.94
CA SER J 103 -28.07 -4.43 11.12
C SER J 103 -26.60 -4.85 11.13
N VAL J 104 -25.70 -3.87 11.04
CA VAL J 104 -24.28 -4.18 11.00
C VAL J 104 -23.80 -4.65 12.37
N LEU J 105 -24.30 -4.00 13.42
CA LEU J 105 -23.99 -4.41 14.79
C LEU J 105 -24.38 -5.89 14.97
N GLU J 106 -25.60 -6.23 14.57
CA GLU J 106 -26.08 -7.60 14.74
C GLU J 106 -25.27 -8.59 13.91
N ASP J 107 -24.94 -8.21 12.67
CA ASP J 107 -24.27 -9.12 11.75
C ASP J 107 -22.78 -9.29 12.05
N ARG J 108 -22.07 -8.19 12.25
CA ARG J 108 -20.61 -8.23 12.34
C ARG J 108 -20.06 -8.20 13.76
N CYS J 109 -20.89 -7.85 14.74
CA CYS J 109 -20.42 -7.79 16.12
C CYS J 109 -21.06 -8.86 17.02
N LEU J 110 -22.37 -9.01 16.94
CA LEU J 110 -23.08 -9.88 17.87
C LEU J 110 -23.26 -11.33 17.40
N ASN J 111 -23.35 -11.54 16.09
CA ASN J 111 -23.60 -12.88 15.57
C ASN J 111 -22.41 -13.81 15.84
N GLY J 112 -22.56 -14.69 16.84
CA GLY J 112 -21.52 -15.63 17.19
C GLY J 112 -20.74 -15.26 18.43
N LEU J 113 -21.00 -14.07 18.95
CA LEU J 113 -20.20 -13.53 20.04
C LEU J 113 -20.43 -14.29 21.36
N LYS J 114 -21.70 -14.55 21.69
CA LYS J 114 -22.02 -15.31 22.90
C LYS J 114 -21.30 -16.66 22.95
N GLU J 115 -21.30 -17.36 21.82
CA GLU J 115 -20.61 -18.64 21.71
C GLU J 115 -19.10 -18.50 21.91
N THR J 116 -18.53 -17.46 21.31
CA THR J 116 -17.09 -17.20 21.46
C THR J 116 -16.75 -16.97 22.92
N TYR J 117 -17.56 -16.15 23.59
CA TYR J 117 -17.35 -15.84 24.99
C TYR J 117 -17.57 -17.07 25.87
N ALA J 118 -18.52 -17.92 25.51
CA ALA J 118 -18.72 -19.16 26.26
C ALA J 118 -17.49 -20.06 26.18
N SER J 119 -16.91 -20.18 24.99
CA SER J 119 -15.76 -21.06 24.83
C SER J 119 -14.53 -20.55 25.59
N LEU J 120 -14.42 -19.22 25.71
CA LEU J 120 -13.27 -18.59 26.38
C LEU J 120 -13.44 -18.42 27.88
N GLY J 121 -14.68 -18.51 28.35
CA GLY J 121 -14.96 -18.29 29.76
C GLY J 121 -15.06 -16.80 30.11
N VAL J 122 -15.36 -15.96 29.11
CA VAL J 122 -15.57 -14.54 29.34
C VAL J 122 -16.94 -14.39 30.01
N PRO J 123 -16.96 -13.93 31.27
CA PRO J 123 -18.16 -14.04 32.11
C PRO J 123 -19.32 -13.12 31.71
N ALA J 124 -20.49 -13.71 31.51
CA ALA J 124 -21.66 -12.97 31.09
C ALA J 124 -22.05 -11.88 32.07
N ALA J 125 -21.88 -12.14 33.37
CA ALA J 125 -22.25 -11.14 34.38
C ALA J 125 -21.38 -9.88 34.31
N GLY J 126 -20.07 -10.08 34.15
CA GLY J 126 -19.15 -8.98 33.93
C GLY J 126 -19.50 -8.18 32.69
N ASN J 127 -19.77 -8.87 31.60
CA ASN J 127 -20.19 -8.19 30.37
C ASN J 127 -21.44 -7.36 30.55
N ALA J 128 -22.42 -7.93 31.26
CA ALA J 128 -23.67 -7.22 31.49
C ALA J 128 -23.42 -5.90 32.21
N ARG J 129 -22.51 -5.90 33.17
CA ARG J 129 -22.23 -4.67 33.92
C ARG J 129 -21.51 -3.62 33.07
N THR J 130 -20.48 -4.06 32.34
CA THR J 130 -19.77 -3.17 31.42
C THR J 130 -20.76 -2.52 30.45
N ILE J 131 -21.61 -3.33 29.85
CA ILE J 131 -22.57 -2.81 28.88
C ILE J 131 -23.55 -1.83 29.54
N SER J 132 -24.03 -2.16 30.73
CA SER J 132 -24.97 -1.27 31.39
C SER J 132 -24.34 0.09 31.72
N ILE J 133 -23.06 0.08 32.07
CA ILE J 133 -22.39 1.36 32.37
C ILE J 133 -22.09 2.15 31.10
N MET J 134 -21.67 1.48 30.03
CA MET J 134 -21.48 2.18 28.75
C MET J 134 -22.79 2.83 28.29
N LYS J 135 -23.89 2.09 28.41
CA LYS J 135 -25.21 2.61 28.03
C LYS J 135 -25.51 3.86 28.85
N ALA J 136 -25.28 3.79 30.15
CA ALA J 136 -25.64 4.88 31.05
C ALA J 136 -24.77 6.10 30.79
N THR J 137 -23.50 5.84 30.48
CA THR J 137 -22.54 6.90 30.22
C THR J 137 -22.90 7.68 28.95
N VAL J 138 -23.20 6.95 27.88
CA VAL J 138 -23.56 7.58 26.63
C VAL J 138 -24.87 8.35 26.74
N ILE J 139 -25.86 7.73 27.38
CA ILE J 139 -27.13 8.41 27.65
C ILE J 139 -26.89 9.67 28.49
N GLY J 140 -25.95 9.59 29.42
CA GLY J 140 -25.62 10.73 30.25
C GLY J 140 -25.12 11.91 29.43
N PHE J 141 -24.20 11.63 28.51
CA PHE J 141 -23.70 12.67 27.61
C PHE J 141 -24.81 13.32 26.78
N ILE J 142 -25.62 12.48 26.15
CA ILE J 142 -26.66 12.92 25.24
C ILE J 142 -27.75 13.72 25.97
N THR J 143 -27.99 13.39 27.24
CA THR J 143 -29.04 14.11 27.99
C THR J 143 -28.50 15.23 28.87
N ASN J 144 -27.21 15.53 28.73
CA ASN J 144 -26.57 16.63 29.47
C ASN J 144 -26.45 16.33 30.96
N ASN J 145 -26.42 15.04 31.30
CA ASN J 145 -26.28 14.62 32.69
C ASN J 145 -24.87 14.17 33.07
N SER J 146 -23.94 14.27 32.12
CA SER J 146 -22.53 14.03 32.40
C SER J 146 -21.99 15.19 33.25
N GLN J 147 -21.29 14.85 34.32
CA GLN J 147 -20.93 15.85 35.32
C GLN J 147 -19.57 16.51 35.08
N GLN J 148 -18.64 15.80 34.47
N GLN J 148 -18.65 15.78 34.45
CA GLN J 148 -17.30 16.38 34.27
CA GLN J 148 -17.29 16.27 34.27
C GLN J 148 -17.21 17.15 32.97
C GLN J 148 -17.06 16.96 32.92
N LYS J 149 -17.91 16.67 31.95
CA LYS J 149 -17.76 17.22 30.62
C LYS J 149 -19.13 17.25 29.96
N LYS J 150 -19.51 18.41 29.40
CA LYS J 150 -20.74 18.49 28.64
C LYS J 150 -20.44 18.72 27.17
N LEU J 151 -21.37 18.31 26.31
CA LEU J 151 -21.18 18.45 24.88
C LEU J 151 -21.29 19.91 24.49
N SER J 152 -20.59 20.29 23.42
CA SER J 152 -20.63 21.65 22.94
C SER J 152 -21.70 21.72 21.86
N THR J 153 -22.95 21.87 22.30
CA THR J 153 -24.09 21.79 21.41
C THR J 153 -25.07 22.91 21.77
N PRO J 154 -25.93 23.30 20.82
CA PRO J 154 -27.03 24.20 21.21
C PRO J 154 -27.92 23.47 22.18
N ALA J 155 -28.46 24.19 23.16
CA ALA J 155 -29.31 23.59 24.19
C ALA J 155 -30.59 23.00 23.60
N GLY J 156 -30.98 21.82 24.09
CA GLY J 156 -32.21 21.19 23.64
C GLY J 156 -32.46 19.84 24.26
N ASP J 157 -33.44 19.13 23.73
CA ASP J 157 -33.88 17.85 24.27
C ASP J 157 -33.50 16.74 23.28
N CYS J 158 -32.62 15.85 23.71
CA CYS J 158 -32.16 14.77 22.86
C CYS J 158 -32.65 13.40 23.37
N SER J 159 -33.80 13.39 24.03
CA SER J 159 -34.29 12.18 24.67
C SER J 159 -34.63 11.06 23.69
N ALA J 160 -35.13 11.40 22.49
CA ALA J 160 -35.41 10.36 21.50
C ALA J 160 -34.13 9.64 21.07
N LEU J 161 -33.07 10.40 20.85
CA LEU J 161 -31.80 9.78 20.45
C LEU J 161 -31.21 8.97 21.59
N ALA J 162 -31.40 9.44 22.82
CA ALA J 162 -30.95 8.68 23.97
C ALA J 162 -31.67 7.33 24.00
N SER J 163 -32.98 7.35 23.76
N SER J 163 -32.98 7.35 23.76
CA SER J 163 -33.76 6.11 23.76
CA SER J 163 -33.78 6.13 23.74
C SER J 163 -33.34 5.18 22.62
C SER J 163 -33.30 5.19 22.63
N GLU J 164 -33.05 5.75 21.45
CA GLU J 164 -32.62 4.95 20.31
C GLU J 164 -31.26 4.27 20.56
N VAL J 165 -30.30 5.00 21.08
CA VAL J 165 -29.00 4.39 21.32
C VAL J 165 -29.10 3.38 22.47
N GLY J 166 -29.98 3.64 23.43
CA GLY J 166 -30.26 2.69 24.50
C GLY J 166 -30.70 1.35 23.94
N GLY J 167 -31.56 1.39 22.93
CA GLY J 167 -32.04 0.19 22.26
C GLY J 167 -30.92 -0.61 21.62
N TYR J 168 -29.93 0.07 21.05
CA TYR J 168 -28.79 -0.62 20.45
C TYR J 168 -27.95 -1.31 21.51
N PHE J 169 -27.74 -0.66 22.64
CA PHE J 169 -27.04 -1.29 23.75
C PHE J 169 -27.83 -2.51 24.25
N ASP J 170 -29.16 -2.40 24.25
CA ASP J 170 -30.01 -3.49 24.72
C ASP J 170 -29.90 -4.71 23.82
N LYS J 171 -29.66 -4.48 22.53
CA LYS J 171 -29.42 -5.58 21.62
C LYS J 171 -28.14 -6.33 22.00
N VAL J 172 -27.13 -5.60 22.44
CA VAL J 172 -25.88 -6.22 22.86
C VAL J 172 -26.11 -7.04 24.13
N SER J 173 -26.74 -6.41 25.12
CA SER J 173 -27.06 -7.07 26.39
C SER J 173 -27.83 -8.36 26.19
N SER J 174 -28.85 -8.30 25.34
CA SER J 174 -29.72 -9.45 25.11
C SER J 174 -28.96 -10.58 24.43
N ALA J 175 -28.08 -10.21 23.49
CA ALA J 175 -27.32 -11.21 22.77
C ALA J 175 -26.40 -11.96 23.73
N LEU J 176 -25.85 -11.23 24.70
CA LEU J 176 -24.82 -11.76 25.57
C LEU J 176 -25.29 -12.30 26.94
N ALA J 177 -26.58 -12.19 27.23
CA ALA J 177 -27.08 -12.55 28.55
C ALA J 177 -27.04 -14.06 28.79
N ALA K 1 17.93 26.78 18.12
CA ALA K 1 16.76 27.64 18.09
C ALA K 1 15.46 26.84 17.90
N MET K 2 14.37 27.40 18.42
CA MET K 2 13.03 26.88 18.19
C MET K 2 12.69 27.06 16.71
N LYS K 3 12.37 25.96 16.01
CA LYS K 3 12.28 25.96 14.55
C LYS K 3 10.89 26.20 13.94
N ASP K 5 8.24 24.46 13.69
CA ASP K 5 7.71 23.37 12.88
C ASP K 5 6.82 22.44 13.70
N SER K 6 6.52 22.86 14.94
CA SER K 6 5.69 22.09 15.86
C SER K 6 6.26 20.72 16.24
N LYS K 7 7.53 20.46 15.91
CA LYS K 7 8.10 19.14 16.18
C LYS K 7 8.69 18.99 17.58
N ALA K 8 8.28 17.94 18.27
CA ALA K 8 8.72 17.67 19.63
C ALA K 8 9.16 16.22 19.79
N PRO K 9 10.05 15.96 20.75
CA PRO K 9 10.47 14.58 20.97
C PRO K 9 9.32 13.80 21.62
N CYS K 10 8.87 12.76 20.92
CA CYS K 10 7.82 11.90 21.44
C CYS K 10 8.43 10.64 22.04
N VAL K 11 8.46 10.60 23.37
CA VAL K 11 9.06 9.49 24.10
C VAL K 11 8.01 8.44 24.46
N GLU K 12 8.32 7.18 24.18
CA GLU K 12 7.47 6.08 24.61
C GLU K 12 8.28 5.08 25.43
N VAL K 13 7.71 4.68 26.57
CA VAL K 13 8.37 3.80 27.51
C VAL K 13 7.60 2.48 27.55
N PHE K 14 8.33 1.36 27.47
CA PHE K 14 7.72 0.04 27.45
C PHE K 14 8.26 -0.87 28.54
N ASP K 15 7.36 -1.52 29.26
CA ASP K 15 7.73 -2.52 30.25
C ASP K 15 6.92 -3.78 29.97
N GLU K 16 7.52 -4.71 29.24
CA GLU K 16 6.84 -5.93 28.81
C GLU K 16 7.35 -7.18 29.52
N ARG K 17 7.76 -7.00 30.77
CA ARG K 17 8.22 -8.13 31.60
C ARG K 17 7.16 -9.21 31.80
N ASP K 18 5.88 -8.84 31.65
CA ASP K 18 4.80 -9.81 31.80
C ASP K 18 4.76 -10.82 30.64
N GLY K 19 5.57 -10.59 29.63
CA GLY K 19 5.72 -11.54 28.53
C GLY K 19 4.72 -11.41 27.40
N CYS K 20 3.82 -10.44 27.49
CA CYS K 20 2.83 -10.25 26.44
C CYS K 20 3.48 -9.47 25.31
N LYS K 21 3.55 -10.06 24.14
CA LYS K 21 4.23 -9.42 23.03
C LYS K 21 3.29 -9.18 21.86
N ALA K 22 3.55 -8.13 21.10
CA ALA K 22 2.81 -7.89 19.88
C ALA K 22 3.72 -8.16 18.70
N ALA K 23 3.23 -8.92 17.72
CA ALA K 23 4.03 -9.25 16.55
C ALA K 23 4.54 -8.03 15.81
N GLY K 24 5.81 -8.05 15.43
CA GLY K 24 6.40 -7.01 14.61
C GLY K 24 6.91 -5.80 15.39
N THR K 25 6.72 -5.81 16.72
CA THR K 25 7.11 -4.66 17.54
C THR K 25 8.51 -4.77 18.13
N GLN K 26 9.23 -5.86 17.85
CA GLN K 26 10.60 -5.99 18.33
C GLN K 26 11.51 -5.18 17.44
N LYS K 27 11.94 -4.02 17.93
CA LYS K 27 12.64 -3.05 17.11
C LYS K 27 14.08 -2.81 17.57
N ALA K 28 14.44 -3.39 18.71
CA ALA K 28 15.78 -3.26 19.25
C ALA K 28 16.21 -4.59 19.85
N SER K 29 17.48 -4.71 20.21
CA SER K 29 17.96 -5.93 20.86
C SER K 29 17.71 -5.91 22.37
N GLY K 30 17.24 -7.03 22.90
CA GLY K 30 16.97 -7.15 24.33
C GLY K 30 15.88 -8.17 24.61
N ASP K 31 15.89 -8.75 25.81
CA ASP K 31 14.84 -9.69 26.18
C ASP K 31 14.46 -9.56 27.65
N ASP K 32 14.85 -8.44 28.27
CA ASP K 32 14.51 -8.21 29.67
C ASP K 32 13.17 -7.47 29.82
N GLY K 33 12.57 -7.14 28.69
CA GLY K 33 11.24 -6.57 28.69
C GLY K 33 11.18 -5.05 28.61
N PHE K 34 12.33 -4.39 28.61
CA PHE K 34 12.33 -2.93 28.63
C PHE K 34 12.71 -2.31 27.29
N CYS K 35 12.11 -1.18 26.98
CA CYS K 35 12.48 -0.44 25.78
C CYS K 35 12.06 1.02 25.90
N VAL K 36 12.84 1.89 25.27
CA VAL K 36 12.47 3.29 25.13
C VAL K 36 12.58 3.69 23.67
N LYS K 37 11.52 4.32 23.17
CA LYS K 37 11.45 4.81 21.80
C LYS K 37 11.36 6.32 21.84
N VAL K 38 12.11 6.98 20.97
CA VAL K 38 12.03 8.43 20.82
C VAL K 38 12.00 8.76 19.35
N SER K 39 11.05 9.61 18.97
CA SER K 39 10.98 10.11 17.61
C SER K 39 10.65 11.59 17.67
N MET K 40 10.95 12.29 16.58
CA MET K 40 10.55 13.70 16.46
C MET K 40 9.29 13.78 15.60
N LYS K 41 8.20 14.23 16.20
CA LYS K 41 6.94 14.32 15.48
C LYS K 41 6.37 15.72 15.59
N ALA K 42 5.74 16.18 14.51
CA ALA K 42 4.95 17.40 14.55
C ALA K 42 3.71 17.14 15.40
N ILE K 43 3.51 17.94 16.45
CA ILE K 43 2.32 17.81 17.29
C ILE K 43 1.18 18.52 16.57
N LYS K 44 0.09 17.80 16.33
CA LYS K 44 -0.99 18.31 15.49
C LYS K 44 -2.16 18.84 16.30
N GLY K 44 0.07 17.82 16.38
CA GLY K 44 -1.03 18.38 15.59
C GLY K 44 -2.05 19.19 16.37
N MET K 45 -2.93 19.72 15.67
CA MET K 45 -4.08 20.36 16.28
C MET K 45 -5.15 19.33 16.58
N PHE K 45 -3.03 19.73 15.64
CA PHE K 45 -4.14 20.44 16.24
C PHE K 45 -5.26 19.46 16.50
N ASN K 46 -5.84 19.53 17.70
CA ASN K 46 -6.95 18.66 18.08
C ASN K 46 -8.18 19.53 18.34
N ALA K 47 -9.03 19.68 17.32
CA ALA K 47 -10.19 20.56 17.40
C ALA K 47 -11.17 20.09 18.45
N ALA K 48 -11.33 18.77 18.57
CA ALA K 48 -12.23 18.19 19.57
C ALA K 48 -11.85 18.60 20.98
N GLU K 49 -10.57 18.50 21.33
CA GLU K 49 -10.15 18.89 22.68
C GLU K 49 -10.25 20.39 22.89
N ALA K 50 -9.95 21.15 21.84
CA ALA K 50 -10.06 22.61 21.90
C ALA K 50 -11.51 23.01 22.14
N THR K 51 -12.42 22.35 21.44
CA THR K 51 -13.85 22.62 21.62
C THR K 51 -14.27 22.30 23.05
N ALA K 51 -12.43 22.34 21.45
CA ALA K 51 -13.85 22.60 21.63
C ALA K 51 -14.27 22.30 23.05
N SER K 52 -13.78 21.19 23.58
CA SER K 52 -14.14 20.77 24.93
C SER K 52 -13.64 21.71 26.00
N VAL K 53 -12.43 22.23 25.86
CA VAL K 53 -11.91 23.17 26.83
C VAL K 53 -12.73 24.46 26.84
N THR K 54 -13.09 24.93 25.65
CA THR K 54 -13.90 26.15 25.56
C THR K 54 -15.23 26.01 26.31
N LYS K 55 -15.82 24.82 26.22
CA LYS K 55 -17.11 24.56 26.88
C LYS K 55 -16.95 24.29 28.36
N ASN K 56 -15.91 23.53 28.72
CA ASN K 56 -15.86 22.91 30.04
C ASN K 56 -14.79 23.40 31.00
N TYR K 57 -14.10 24.48 30.65
CA TYR K 57 -13.00 24.96 31.48
C TYR K 57 -13.38 25.29 32.93
N ASN K 58 -14.62 25.68 33.18
CA ASN K 58 -15.05 26.09 34.52
C ASN K 58 -15.46 24.91 35.42
N GLY K 58 -14.63 25.68 33.16
CA GLY K 58 -15.10 26.05 34.49
C GLY K 58 -15.37 24.87 35.40
N THR K 59 -15.30 23.70 34.92
CA THR K 59 -15.59 22.50 35.72
C THR K 59 -14.29 21.86 36.21
N ILE K 59 -15.33 23.67 34.84
CA ILE K 59 -15.51 22.45 35.62
C ILE K 59 -14.18 21.99 36.19
N LYS K 60 -14.08 21.92 37.52
CA LYS K 60 -12.90 21.35 38.14
C LYS K 60 -13.05 19.83 38.20
N LEU K 61 -11.99 19.10 37.88
CA LEU K 61 -12.01 17.62 37.88
C LEU K 61 -12.68 16.99 39.10
N ARG K 61 -12.02 19.12 37.80
CA ARG K 61 -12.03 17.67 37.79
C ARG K 61 -10.87 17.14 38.62
N LEU K 62 -13.34 15.85 38.88
CA LEU K 62 -14.00 15.14 39.97
C LEU K 62 -13.37 13.78 40.24
N PHE K 62 -10.82 15.82 38.74
CA PHE K 62 -9.67 15.10 39.30
C PHE K 62 -9.36 15.44 40.76
N GLY K 63 -10.28 16.13 41.43
CA GLY K 63 -10.06 16.53 42.80
C GLY K 63 -8.94 17.56 42.89
N ALA K 64 -8.64 18.19 41.76
CA ALA K 64 -7.54 19.14 41.67
C ALA K 64 -7.77 20.37 42.55
N LYS K 65 -6.68 21.07 42.84
CA LYS K 65 -6.75 22.31 43.62
C LYS K 65 -7.50 23.38 42.83
N SER K 66 -8.04 24.37 43.53
CA SER K 66 -8.76 25.47 42.88
C SER K 66 -7.79 26.42 42.18
N ASP L 3 24.27 8.01 22.85
CA ASP L 3 23.73 9.20 22.18
C ASP L 3 22.67 8.83 21.16
N ALA L 4 22.11 7.63 21.31
CA ALA L 4 21.13 7.10 20.36
C ALA L 4 19.93 8.03 20.17
N PHE L 5 19.57 8.73 21.24
CA PHE L 5 18.43 9.64 21.18
C PHE L 5 18.85 11.04 20.76
N SER L 6 20.13 11.37 20.91
CA SER L 6 20.60 12.69 20.51
C SER L 6 20.52 12.86 18.98
N LYS L 7 20.65 11.76 18.26
CA LYS L 7 20.59 11.80 16.79
C LYS L 7 19.16 12.03 16.31
N VAL L 8 18.19 11.50 17.05
CA VAL L 8 16.79 11.69 16.70
C VAL L 8 16.44 13.18 16.71
N ILE L 9 16.99 13.90 17.69
CA ILE L 9 16.77 15.33 17.80
C ILE L 9 17.26 16.10 16.57
N THR L 10 18.41 15.69 16.05
CA THR L 10 19.07 16.43 14.97
C THR L 10 18.80 15.89 13.57
N SER L 11 18.35 14.64 13.47
CA SER L 11 18.14 14.01 12.16
C SER L 11 17.13 14.78 11.31
N ALA L 12 17.20 14.57 10.00
CA ALA L 12 16.35 15.29 9.06
C ALA L 12 14.88 14.86 9.13
N ASP L 13 14.66 13.56 9.30
CA ASP L 13 13.30 13.01 9.31
C ASP L 13 12.76 12.75 10.71
N GLY L 14 13.62 12.87 11.71
CA GLY L 14 13.24 12.60 13.09
C GLY L 14 12.68 11.20 13.28
N LYS L 15 13.09 10.27 12.41
CA LYS L 15 12.67 8.88 12.50
C LYS L 15 13.04 8.29 13.85
N ALA L 16 12.23 7.34 14.31
CA ALA L 16 12.34 6.81 15.67
C ALA L 16 13.60 6.01 15.90
N ALA L 17 14.16 6.16 17.10
CA ALA L 17 15.22 5.26 17.57
C ALA L 17 14.71 4.49 18.76
N TYR L 18 15.23 3.27 18.93
CA TYR L 18 14.77 2.38 19.98
C TYR L 18 15.98 1.95 20.77
N VAL L 19 15.88 2.01 22.09
CA VAL L 19 16.96 1.55 22.94
C VAL L 19 16.47 0.52 23.95
N GLY L 20 17.07 -0.67 23.91
CA GLY L 20 16.70 -1.74 24.80
C GLY L 20 17.91 -2.56 25.23
N GLY L 21 17.65 -3.65 25.95
CA GLY L 21 18.70 -4.59 26.32
C GLY L 21 19.83 -3.93 27.09
N ALA L 22 21.06 -4.32 26.77
CA ALA L 22 22.23 -3.77 27.45
C ALA L 22 22.38 -2.27 27.20
N ASP L 23 21.95 -1.83 26.01
CA ASP L 23 22.04 -0.43 25.64
C ASP L 23 21.23 0.46 26.58
N LEU L 24 20.01 0.03 26.89
CA LEU L 24 19.15 0.76 27.82
C LEU L 24 19.69 0.64 29.24
N GLN L 25 20.21 -0.53 29.57
CA GLN L 25 20.84 -0.74 30.86
C GLN L 25 21.98 0.26 31.04
N ALA L 26 22.79 0.39 30.00
CA ALA L 26 23.91 1.34 30.00
C ALA L 26 23.39 2.76 30.18
N LEU L 27 22.28 3.06 29.50
CA LEU L 27 21.68 4.38 29.54
C LEU L 27 21.25 4.74 30.97
N LYS L 28 20.60 3.79 31.64
CA LYS L 28 20.04 4.02 32.96
C LYS L 28 21.13 4.24 34.01
N LYS L 29 22.36 3.89 33.67
CA LYS L 29 23.48 4.00 34.58
C LYS L 29 24.10 5.40 34.55
N PHE L 30 23.86 6.13 33.46
CA PHE L 30 24.40 7.47 33.31
C PHE L 30 23.51 8.55 33.94
N VAL L 31 22.31 8.16 34.34
CA VAL L 31 21.39 9.08 35.00
C VAL L 31 21.07 8.59 36.41
N SER L 32 20.66 9.49 37.29
CA SER L 32 20.31 9.09 38.66
C SER L 32 18.96 8.38 38.71
N GLU L 33 18.84 7.40 39.60
CA GLU L 33 17.58 6.68 39.82
C GLU L 33 16.91 6.30 38.50
N GLY L 34 17.64 5.59 37.66
CA GLY L 34 17.17 5.22 36.33
C GLY L 34 15.78 4.62 36.28
N ASN L 35 15.47 3.69 37.19
CA ASN L 35 14.15 3.07 37.18
C ASN L 35 13.00 4.01 37.52
N LYS L 36 13.10 4.72 38.65
CA LYS L 36 12.10 5.71 39.00
C LYS L 36 11.98 6.80 37.93
N ARG L 37 13.11 7.12 37.31
CA ARG L 37 13.15 8.10 36.22
C ARG L 37 12.29 7.64 35.05
N MET L 38 12.38 6.37 34.69
CA MET L 38 11.60 5.89 33.55
C MET L 38 10.11 5.91 33.89
N ASP L 39 9.77 5.54 35.12
CA ASP L 39 8.38 5.58 35.56
C ASP L 39 7.87 7.01 35.51
N SER L 40 8.74 7.96 35.87
CA SER L 40 8.38 9.38 35.85
C SER L 40 8.16 9.91 34.44
N VAL L 41 9.02 9.53 33.52
CA VAL L 41 8.84 9.89 32.12
C VAL L 41 7.54 9.28 31.59
N ASN L 42 7.31 8.02 31.93
CA ASN L 42 6.11 7.31 31.53
C ASN L 42 4.86 8.01 32.09
N ALA L 43 4.96 8.53 33.31
CA ALA L 43 3.85 9.25 33.94
C ALA L 43 3.46 10.49 33.13
N ILE L 44 4.46 11.18 32.61
CA ILE L 44 4.21 12.39 31.83
C ILE L 44 3.58 12.06 30.48
N VAL L 45 4.20 11.13 29.76
CA VAL L 45 3.74 10.86 28.39
C VAL L 45 2.41 10.11 28.36
N SER L 46 2.17 9.28 29.35
CA SER L 46 0.95 8.47 29.38
C SER L 46 -0.25 9.33 29.70
N ASN L 47 0.00 10.45 30.38
CA ASN L 47 -1.08 11.35 30.76
C ASN L 47 -1.01 12.69 30.06
N ALA L 48 -0.37 12.74 28.89
CA ALA L 48 -0.06 14.02 28.27
C ALA L 48 -1.33 14.80 27.93
N SER L 49 -2.33 14.12 27.39
CA SER L 49 -3.59 14.76 27.03
C SER L 49 -4.29 15.38 28.23
N CYS L 50 -4.40 14.63 29.33
CA CYS L 50 -5.12 15.17 30.49
C CYS L 50 -4.33 16.28 31.17
N ILE L 51 -3.01 16.15 31.19
CA ILE L 51 -2.17 17.18 31.81
C ILE L 51 -2.37 18.52 31.08
N VAL L 52 -2.25 18.46 29.76
CA VAL L 52 -2.38 19.66 28.93
C VAL L 52 -3.78 20.26 29.02
N SER L 53 -4.80 19.41 28.95
CA SER L 53 -6.18 19.87 29.03
C SER L 53 -6.49 20.50 30.39
N ASP L 54 -6.08 19.86 31.48
CA ASP L 54 -6.37 20.44 32.80
C ASP L 54 -5.64 21.77 33.01
N SER L 55 -4.42 21.85 32.47
CA SER L 55 -3.59 23.04 32.66
C SER L 55 -4.10 24.23 31.88
N VAL L 56 -4.36 24.04 30.59
CA VAL L 56 -4.98 25.10 29.80
C VAL L 56 -6.37 25.47 30.33
N SER L 57 -7.15 24.48 30.76
CA SER L 57 -8.47 24.78 31.35
C SER L 57 -8.36 25.68 32.59
N GLY L 58 -7.39 25.38 33.45
CA GLY L 58 -7.17 26.19 34.65
C GLY L 58 -6.70 27.59 34.33
N MET L 59 -5.92 27.75 33.26
CA MET L 59 -5.52 29.07 32.79
C MET L 59 -6.76 29.90 32.48
N VAL L 60 -7.71 29.29 31.78
CA VAL L 60 -8.92 30.02 31.38
C VAL L 60 -9.86 30.25 32.55
N CYS L 61 -10.05 29.27 33.43
CA CYS L 61 -11.02 29.47 34.50
C CYS L 61 -10.53 30.50 35.52
N GLU L 62 -9.21 30.68 35.61
CA GLU L 62 -8.65 31.78 36.39
C GLU L 62 -8.85 33.13 35.70
N ASN L 63 -8.76 33.11 34.37
CA ASN L 63 -8.89 34.33 33.56
C ASN L 63 -9.77 34.12 32.33
N PRO L 64 -11.10 34.17 32.52
CA PRO L 64 -12.06 33.87 31.46
C PRO L 64 -11.99 34.84 30.27
N SER L 65 -11.34 36.00 30.43
CA SER L 65 -11.19 36.94 29.32
C SER L 65 -10.32 36.36 28.20
N LEU L 66 -9.58 35.29 28.52
CA LEU L 66 -8.77 34.58 27.52
C LEU L 66 -9.60 33.97 26.39
N ILE L 67 -10.89 33.74 26.64
CA ILE L 67 -11.79 33.24 25.61
C ILE L 67 -12.89 34.22 25.23
N ALA L 68 -12.83 35.43 25.78
CA ALA L 68 -13.66 36.52 25.29
C ALA L 68 -13.10 36.95 23.95
N PRO L 69 -13.88 37.69 23.13
CA PRO L 69 -13.30 38.17 21.87
C PRO L 69 -12.02 38.97 22.12
N ASN L 70 -11.04 38.82 21.24
CA ASN L 70 -9.68 39.34 21.43
C ASN L 70 -8.87 38.68 22.55
N GLY L 71 -9.41 37.61 23.12
CA GLY L 71 -8.70 36.86 24.14
C GLY L 71 -7.66 36.00 23.46
N GLY L 72 -6.60 35.63 24.19
CA GLY L 72 -5.52 34.85 23.62
C GLY L 72 -5.93 33.51 23.01
N VAL L 73 -6.99 32.92 23.54
CA VAL L 73 -7.45 31.62 23.01
C VAL L 73 -8.92 31.65 22.56
N TYR L 74 -9.37 32.83 22.15
CA TYR L 74 -10.65 32.98 21.46
C TYR L 74 -10.56 32.34 20.07
N THR L 75 -11.64 31.67 19.67
CA THR L 75 -11.70 30.82 18.47
C THR L 75 -11.07 29.46 18.69
N ASN L 76 -11.66 28.46 18.08
CA ASN L 76 -11.14 27.11 18.24
C ASN L 76 -9.71 26.98 17.69
N ARG L 77 -9.42 27.72 16.62
CA ARG L 77 -8.06 27.71 16.06
C ARG L 77 -7.00 28.11 17.10
N LYS L 78 -7.24 29.20 17.82
CA LYS L 78 -6.25 29.66 18.80
C LYS L 78 -6.18 28.74 20.02
N MET L 79 -7.33 28.27 20.48
CA MET L 79 -7.35 27.32 21.59
C MET L 79 -6.59 26.04 21.21
N ALA L 80 -6.80 25.55 19.98
CA ALA L 80 -6.09 24.35 19.55
C ALA L 80 -4.59 24.59 19.41
N ALA L 81 -4.20 25.78 18.95
CA ALA L 81 -2.78 26.10 18.85
C ALA L 81 -2.14 26.15 20.24
N CYS L 82 -2.90 26.64 21.21
CA CYS L 82 -2.42 26.70 22.58
C CYS L 82 -2.24 25.30 23.20
N LEU L 83 -3.24 24.45 23.03
CA LEU L 83 -3.17 23.07 23.52
C LEU L 83 -2.01 22.33 22.89
N ARG L 84 -1.77 22.57 21.60
CA ARG L 84 -0.62 22.00 20.90
C ARG L 84 0.70 22.46 21.54
N ASP L 85 0.84 23.76 21.73
CA ASP L 85 2.03 24.32 22.37
C ASP L 85 2.27 23.75 23.76
N ALA L 86 1.20 23.64 24.56
CA ALA L 86 1.35 23.09 25.90
C ALA L 86 1.90 21.69 25.83
N GLU L 87 1.39 20.90 24.88
CA GLU L 87 1.89 19.53 24.72
C GLU L 87 3.33 19.53 24.19
N ILE L 88 3.64 20.47 23.29
CA ILE L 88 5.02 20.54 22.78
C ILE L 88 5.98 20.77 23.95
N ILE L 89 5.67 21.74 24.80
CA ILE L 89 6.50 22.07 25.95
C ILE L 89 6.58 20.90 26.95
N LEU L 90 5.43 20.31 27.26
CA LEU L 90 5.38 19.16 28.14
C LEU L 90 6.31 18.05 27.63
N ARG L 91 6.32 17.87 26.32
CA ARG L 91 7.13 16.79 25.74
C ARG L 91 8.62 17.07 25.78
N TYR L 92 9.03 18.33 25.57
CA TYR L 92 10.44 18.67 25.75
C TYR L 92 10.84 18.52 27.22
N VAL L 93 9.89 18.73 28.13
CA VAL L 93 10.16 18.52 29.55
C VAL L 93 10.30 17.03 29.84
N SER L 94 9.45 16.21 29.21
CA SER L 94 9.55 14.76 29.38
C SER L 94 10.91 14.28 28.84
N TYR L 95 11.38 14.90 27.76
CA TYR L 95 12.66 14.50 27.19
C TYR L 95 13.81 14.92 28.11
N SER L 96 13.67 16.10 28.72
CA SER L 96 14.66 16.56 29.71
C SER L 96 14.73 15.63 30.92
N LEU L 97 13.58 15.12 31.36
CA LEU L 97 13.58 14.17 32.47
C LEU L 97 14.23 12.85 32.04
N LEU L 98 13.99 12.44 30.79
CA LEU L 98 14.62 11.24 30.25
C LEU L 98 16.13 11.33 30.14
N SER L 99 16.64 12.46 29.63
CA SER L 99 18.06 12.58 29.37
C SER L 99 18.86 13.10 30.57
N GLY L 100 18.15 13.64 31.56
CA GLY L 100 18.78 14.14 32.77
C GLY L 100 19.30 15.57 32.70
N ASP L 101 18.97 16.29 31.63
CA ASP L 101 19.33 17.70 31.54
C ASP L 101 18.37 18.49 30.66
N SER L 102 18.49 19.81 30.66
CA SER L 102 17.54 20.65 29.95
C SER L 102 18.13 21.31 28.70
N SER L 103 19.22 20.75 28.17
CA SER L 103 19.92 21.39 27.06
C SER L 103 19.08 21.42 25.77
N VAL L 104 18.34 20.35 25.50
CA VAL L 104 17.50 20.31 24.30
C VAL L 104 16.25 21.16 24.47
N LEU L 105 15.63 21.06 25.64
CA LEU L 105 14.52 21.95 26.01
C LEU L 105 14.89 23.42 25.78
N GLU L 106 16.03 23.84 26.33
CA GLU L 106 16.44 25.25 26.21
C GLU L 106 16.77 25.66 24.77
N ASP L 107 17.34 24.73 24.02
CA ASP L 107 17.81 25.01 22.67
C ASP L 107 16.72 24.92 21.60
N ARG L 108 15.96 23.84 21.60
CA ARG L 108 14.99 23.59 20.53
C ARG L 108 13.56 24.03 20.84
N CYS L 109 13.31 24.39 22.09
CA CYS L 109 11.97 24.80 22.49
C CYS L 109 11.92 26.24 23.00
N LEU L 110 12.85 26.60 23.88
CA LEU L 110 12.78 27.90 24.55
C LEU L 110 13.50 29.04 23.83
N ASN L 111 14.56 28.72 23.11
CA ASN L 111 15.33 29.73 22.40
C ASN L 111 14.54 30.38 21.27
N GLY L 112 14.11 31.63 21.48
CA GLY L 112 13.38 32.38 20.48
C GLY L 112 11.89 32.33 20.67
N LEU L 113 11.44 31.61 21.69
CA LEU L 113 10.01 31.40 21.88
C LEU L 113 9.25 32.64 22.38
N LYS L 114 9.80 33.31 23.38
CA LYS L 114 9.19 34.50 23.95
C LYS L 114 8.97 35.56 22.88
N GLU L 115 9.96 35.68 22.00
CA GLU L 115 9.91 36.60 20.88
C GLU L 115 8.79 36.24 19.90
N THR L 116 8.70 34.96 19.58
CA THR L 116 7.62 34.46 18.72
C THR L 116 6.26 34.81 19.31
N TYR L 117 6.08 34.53 20.60
CA TYR L 117 4.84 34.86 21.26
C TYR L 117 4.55 36.36 21.26
N ALA L 118 5.58 37.17 21.45
CA ALA L 118 5.44 38.63 21.40
C ALA L 118 4.93 39.12 20.05
N SER L 119 5.45 38.53 18.98
CA SER L 119 5.05 38.91 17.64
C SER L 119 3.61 38.48 17.33
N LEU L 120 3.14 37.44 18.03
CA LEU L 120 1.80 36.89 17.79
C LEU L 120 0.78 37.49 18.75
N GLY L 121 1.27 38.10 19.83
CA GLY L 121 0.39 38.58 20.87
C GLY L 121 -0.03 37.51 21.86
N VAL L 122 0.79 36.47 22.00
CA VAL L 122 0.50 35.41 22.97
C VAL L 122 0.88 35.87 24.37
N PRO L 123 -0.12 35.99 25.27
CA PRO L 123 0.06 36.63 26.58
C PRO L 123 0.90 35.83 27.58
N ALA L 124 1.92 36.49 28.13
CA ALA L 124 2.81 35.87 29.10
C ALA L 124 2.12 35.46 30.39
N ALA L 125 1.16 36.26 30.85
CA ALA L 125 0.41 35.92 32.06
C ALA L 125 -0.28 34.56 31.93
N GLY L 126 -0.91 34.33 30.79
CA GLY L 126 -1.60 33.07 30.54
C GLY L 126 -0.64 31.91 30.43
N ASN L 127 0.44 32.09 29.67
CA ASN L 127 1.46 31.06 29.57
C ASN L 127 2.00 30.69 30.95
N ALA L 128 2.24 31.70 31.77
CA ALA L 128 2.77 31.49 33.12
C ALA L 128 1.89 30.55 33.94
N ARG L 129 0.58 30.74 33.84
CA ARG L 129 -0.35 29.92 34.62
C ARG L 129 -0.43 28.48 34.08
N THR L 130 -0.45 28.33 32.77
CA THR L 130 -0.50 27.02 32.14
C THR L 130 0.71 26.18 32.56
N ILE L 131 1.89 26.79 32.49
CA ILE L 131 3.10 26.10 32.90
C ILE L 131 3.05 25.71 34.38
N SER L 132 2.56 26.61 35.22
CA SER L 132 2.56 26.34 36.66
C SER L 132 1.60 25.19 37.01
N ILE L 133 0.51 25.08 36.25
CA ILE L 133 -0.41 23.97 36.47
C ILE L 133 0.15 22.65 35.93
N MET L 134 0.81 22.68 34.77
CA MET L 134 1.44 21.46 34.25
C MET L 134 2.50 20.97 35.25
N LYS L 135 3.25 21.90 35.82
CA LYS L 135 4.26 21.57 36.82
C LYS L 135 3.62 20.91 38.03
N ALA L 136 2.56 21.53 38.56
CA ALA L 136 1.84 20.97 39.70
C ALA L 136 1.24 19.59 39.40
N THR L 137 0.68 19.44 38.20
CA THR L 137 0.07 18.16 37.81
C THR L 137 1.12 17.05 37.76
N VAL L 138 2.21 17.30 37.04
CA VAL L 138 3.27 16.30 36.93
C VAL L 138 3.84 15.95 38.30
N ILE L 139 4.04 16.95 39.13
CA ILE L 139 4.59 16.72 40.46
C ILE L 139 3.59 15.89 41.28
N GLY L 140 2.30 16.17 41.07
CA GLY L 140 1.23 15.43 41.70
C GLY L 140 1.29 13.94 41.42
N PHE L 141 1.41 13.57 40.15
CA PHE L 141 1.52 12.17 39.76
C PHE L 141 2.72 11.51 40.42
N ILE L 142 3.87 12.16 40.31
CA ILE L 142 5.13 11.57 40.75
C ILE L 142 5.22 11.39 42.27
N THR L 143 4.51 12.24 43.00
CA THR L 143 4.54 12.19 44.45
C THR L 143 3.27 11.60 45.05
N ASN L 144 2.51 10.87 44.24
CA ASN L 144 1.28 10.21 44.70
C ASN L 144 0.24 11.16 45.30
N ASN L 145 0.18 12.37 44.76
CA ASN L 145 -0.81 13.34 45.20
C ASN L 145 -1.90 13.55 44.16
N SER L 146 -1.87 12.74 43.11
CA SER L 146 -2.94 12.76 42.12
C SER L 146 -4.14 12.04 42.71
N GLN L 147 -5.31 12.64 42.61
CA GLN L 147 -6.48 12.14 43.33
C GLN L 147 -7.35 11.18 42.53
N GLN L 148 -7.32 11.33 41.21
N GLN L 148 -7.35 11.33 41.21
CA GLN L 148 -8.20 10.58 40.31
CA GLN L 148 -8.21 10.48 40.38
C GLN L 148 -7.51 9.37 39.66
C GLN L 148 -7.46 9.25 39.89
N LYS L 149 -6.18 9.42 39.60
CA LYS L 149 -5.40 8.32 39.04
C LYS L 149 -4.05 8.22 39.71
N LYS L 150 -3.72 7.04 40.24
CA LYS L 150 -2.40 6.81 40.82
C LYS L 150 -1.55 6.02 39.82
N LEU L 151 -0.25 6.26 39.83
CA LEU L 151 0.67 5.48 39.01
C LEU L 151 0.75 4.03 39.49
N SER L 152 0.99 3.11 38.56
CA SER L 152 1.19 1.71 38.88
C SER L 152 2.68 1.40 39.00
N THR L 153 3.25 1.77 40.13
CA THR L 153 4.68 1.63 40.36
C THR L 153 4.89 0.98 41.71
N PRO L 154 6.09 0.45 41.97
CA PRO L 154 6.45 0.05 43.33
C PRO L 154 6.32 1.26 44.27
N ALA L 155 5.80 1.04 45.47
CA ALA L 155 5.65 2.14 46.43
C ALA L 155 7.01 2.63 46.91
N GLY L 156 7.16 3.95 47.01
CA GLY L 156 8.39 4.54 47.48
C GLY L 156 8.33 6.05 47.36
N ASP L 157 9.48 6.70 47.38
CA ASP L 157 9.52 8.16 47.32
C ASP L 157 10.25 8.63 46.08
N CYS L 158 9.64 9.58 45.38
CA CYS L 158 10.21 10.12 44.15
C CYS L 158 10.37 11.62 44.24
N SER L 159 10.52 12.11 45.46
CA SER L 159 10.61 13.55 45.71
C SER L 159 11.76 14.22 44.96
N ALA L 160 12.88 13.52 44.81
CA ALA L 160 14.03 14.09 44.10
C ALA L 160 13.72 14.32 42.63
N LEU L 161 13.09 13.34 41.99
CA LEU L 161 12.72 13.47 40.59
C LEU L 161 11.67 14.56 40.43
N ALA L 162 10.78 14.68 41.40
CA ALA L 162 9.81 15.77 41.42
C ALA L 162 10.51 17.14 41.39
N SER L 163 11.45 17.34 42.30
CA SER L 163 12.19 18.61 42.34
C SER L 163 12.92 18.85 41.03
N GLU L 164 13.49 17.79 40.46
CA GLU L 164 14.21 17.92 39.20
C GLU L 164 13.32 18.36 38.06
N VAL L 165 12.17 17.70 37.91
CA VAL L 165 11.28 18.05 36.80
C VAL L 165 10.70 19.46 37.00
N GLY L 166 10.47 19.82 38.26
CA GLY L 166 10.00 21.16 38.60
C GLY L 166 10.97 22.23 38.12
N GLY L 167 12.25 21.92 38.23
CA GLY L 167 13.32 22.80 37.78
C GLY L 167 13.29 23.01 36.28
N TYR L 168 12.87 21.98 35.55
CA TYR L 168 12.76 22.11 34.09
C TYR L 168 11.58 23.01 33.72
N PHE L 169 10.45 22.82 34.39
CA PHE L 169 9.31 23.72 34.19
C PHE L 169 9.70 25.17 34.53
N ASP L 170 10.57 25.34 35.53
CA ASP L 170 11.06 26.67 35.88
C ASP L 170 11.89 27.31 34.77
N LYS L 171 12.63 26.49 34.02
CA LYS L 171 13.37 26.98 32.85
C LYS L 171 12.42 27.57 31.82
N VAL L 172 11.28 26.92 31.63
CA VAL L 172 10.26 27.41 30.72
C VAL L 172 9.64 28.69 31.25
N SER L 173 9.26 28.68 32.53
CA SER L 173 8.65 29.85 33.16
C SER L 173 9.54 31.10 33.06
N SER L 174 10.83 30.91 33.29
CA SER L 174 11.79 32.02 33.21
C SER L 174 11.96 32.52 31.78
N ALA L 175 12.09 31.59 30.84
CA ALA L 175 12.28 31.97 29.44
C ALA L 175 11.08 32.72 28.87
N LEU L 176 9.88 32.43 29.39
CA LEU L 176 8.67 33.00 28.82
C LEU L 176 8.10 34.20 29.60
N ALA L 177 8.63 34.43 30.80
CA ALA L 177 8.20 35.56 31.62
C ALA L 177 8.44 36.88 30.90
#